data_2IFC
#
_entry.id   2IFC
#
_cell.length_a   78.526
_cell.length_b   97.447
_cell.length_c   106.937
_cell.angle_alpha   90.00
_cell.angle_beta   93.10
_cell.angle_gamma   90.00
#
_symmetry.space_group_name_H-M   'P 1 21 1'
#
loop_
_entity.id
_entity.type
_entity.pdbx_description
1 polymer 'Citrate Synthase'
2 non-polymer 'OXALOACETATE ION'
3 water water
#
_entity_poly.entity_id   1
_entity_poly.type   'polypeptide(L)'
_entity_poly.pdbx_seq_one_letter_code
;MPETEEISKGLEDVNIKWTRLTTIDGNKGILRYGGYSVEDIIASGAQDEEIQYLFLYGNLPTEQELRKYKETVQKGYKIP
DFVINAIRQLPRESDAVAMQMAAVAAMAASETKFKWNKDTDRDVAAEMIGRMSAITVNVYRHIMNMPAELPKPSDSYAES
FLNAAFGRKATKEEIDAMNTALILYTDHEVPASTTAGLVAVSTLSDMYSGITAALAALKGPLHGGAAEAAIAQFDEIKDP
AMVEKWFNDNIINGKKRLMGFGHRVYKTYDPRAKIFKGIAEKLSSKKPEVHKVYEIATKLEDFGIKAFGSKGIYPNTDYF
SGIVYMSIGFPLRNNIYTALFALSRVTGWQAHFIEYVEEQQRLIRPRAVYVGPAERKYVPIAERK
;
_entity_poly.pdbx_strand_id   A,B,C,D
#
loop_
_chem_comp.id
_chem_comp.type
_chem_comp.name
_chem_comp.formula
OAA non-polymer 'OXALOACETATE ION' 'C4 H3 O5 -1'
#
# COMPACT_ATOMS: atom_id res chain seq x y z
N GLU A 5 -0.42 8.00 9.21
CA GLU A 5 0.60 7.66 8.16
C GLU A 5 1.57 8.85 7.91
N GLU A 6 2.56 8.64 7.03
CA GLU A 6 3.66 9.59 6.84
C GLU A 6 3.36 10.74 5.84
N ILE A 7 3.59 11.97 6.28
CA ILE A 7 3.37 13.13 5.37
C ILE A 7 4.72 13.45 4.72
N SER A 8 4.72 13.59 3.38
CA SER A 8 5.91 14.02 2.66
C SER A 8 5.95 15.56 2.72
N LYS A 9 6.44 16.12 3.84
CA LYS A 9 6.35 17.60 4.08
C LYS A 9 7.16 18.36 3.04
N GLY A 10 6.50 19.28 2.33
CA GLY A 10 7.19 20.06 1.27
C GLY A 10 7.60 19.23 0.05
N LEU A 11 7.07 18.01 -0.01
CA LEU A 11 7.45 17.05 -1.04
C LEU A 11 9.00 16.93 -1.10
N GLU A 12 9.64 17.11 0.05
CA GLU A 12 11.10 17.16 0.09
C GLU A 12 11.64 15.79 -0.36
N ASP A 13 12.62 15.80 -1.28
CA ASP A 13 13.15 14.52 -1.85
C ASP A 13 12.11 13.59 -2.51
N VAL A 14 10.86 14.04 -2.74
CA VAL A 14 9.92 13.28 -3.58
C VAL A 14 10.23 13.59 -5.05
N ASN A 15 10.37 12.54 -5.89
CA ASN A 15 10.53 12.71 -7.33
C ASN A 15 9.22 12.72 -8.05
N ILE A 16 8.91 13.86 -8.66
N ILE A 16 8.82 13.86 -8.64
CA ILE A 16 7.61 14.04 -9.27
CA ILE A 16 7.49 13.92 -9.31
C ILE A 16 7.58 13.62 -10.75
C ILE A 16 7.56 13.65 -10.83
N LYS A 17 8.78 13.55 -11.37
CA LYS A 17 8.93 13.22 -12.79
C LYS A 17 10.40 12.80 -13.02
N TRP A 18 10.72 12.30 -14.23
CA TRP A 18 12.11 12.22 -14.72
C TRP A 18 12.28 13.39 -15.70
N THR A 19 13.51 13.84 -15.91
CA THR A 19 13.79 14.88 -16.83
C THR A 19 15.15 14.71 -17.44
N ARG A 20 15.20 15.16 -18.68
CA ARG A 20 16.44 15.30 -19.48
C ARG A 20 16.97 16.72 -19.48
N LEU A 21 16.20 17.66 -18.88
CA LEU A 21 16.45 19.04 -19.15
C LEU A 21 17.53 19.68 -18.29
N THR A 22 17.52 19.37 -17.00
CA THR A 22 18.36 20.11 -16.06
C THR A 22 18.77 19.21 -14.90
N THR A 23 20.04 19.29 -14.53
CA THR A 23 20.50 18.59 -13.36
C THR A 23 21.14 19.59 -12.40
N ILE A 24 20.91 19.32 -11.11
CA ILE A 24 21.45 20.14 -10.05
C ILE A 24 22.24 19.25 -9.10
N ASP A 25 23.50 19.57 -8.88
CA ASP A 25 24.29 18.92 -7.82
C ASP A 25 24.37 19.92 -6.67
N GLY A 26 23.63 19.64 -5.61
CA GLY A 26 23.53 20.48 -4.43
C GLY A 26 24.78 20.56 -3.58
N ASN A 27 25.61 19.52 -3.63
CA ASN A 27 26.89 19.52 -2.89
C ASN A 27 28.06 20.16 -3.64
N LYS A 28 28.17 19.88 -4.93
CA LYS A 28 29.26 20.47 -5.69
C LYS A 28 28.91 21.88 -6.16
N GLY A 29 27.62 22.21 -6.20
CA GLY A 29 27.20 23.45 -6.79
C GLY A 29 27.28 23.49 -8.30
N ILE A 30 26.72 22.49 -8.97
CA ILE A 30 26.78 22.47 -10.42
C ILE A 30 25.35 22.40 -10.98
N LEU A 31 25.15 23.22 -11.99
CA LEU A 31 23.85 23.41 -12.65
C LEU A 31 24.15 23.18 -14.13
N ARG A 32 23.56 22.14 -14.71
CA ARG A 32 23.73 21.87 -16.14
C ARG A 32 22.37 21.86 -16.85
N TYR A 33 22.38 22.38 -18.07
CA TYR A 33 21.25 22.38 -18.96
C TYR A 33 21.57 21.40 -20.08
N GLY A 34 20.87 20.27 -20.04
CA GLY A 34 21.04 19.22 -21.10
C GLY A 34 22.53 18.81 -21.23
N GLY A 35 23.21 18.67 -20.11
CA GLY A 35 24.67 18.32 -20.13
C GLY A 35 25.67 19.49 -20.17
N TYR A 36 25.22 20.72 -20.49
CA TYR A 36 26.14 21.91 -20.50
C TYR A 36 26.09 22.69 -19.21
N SER A 37 27.25 22.92 -18.56
CA SER A 37 27.27 23.70 -17.30
C SER A 37 26.96 25.17 -17.62
N VAL A 38 26.25 25.82 -16.71
CA VAL A 38 26.02 27.25 -16.93
C VAL A 38 27.31 28.09 -16.98
N GLU A 39 28.36 27.67 -16.27
CA GLU A 39 29.66 28.36 -16.39
C GLU A 39 30.17 28.30 -17.83
N ASP A 40 30.06 27.13 -18.47
CA ASP A 40 30.58 26.90 -19.82
C ASP A 40 29.72 27.71 -20.81
N ILE A 41 28.41 27.64 -20.63
CA ILE A 41 27.47 28.39 -21.44
C ILE A 41 27.83 29.87 -21.46
N ILE A 42 27.95 30.49 -20.30
CA ILE A 42 28.25 31.92 -20.27
C ILE A 42 29.65 32.24 -20.75
N ALA A 43 30.66 31.51 -20.23
CA ALA A 43 32.06 31.66 -20.72
C ALA A 43 32.21 31.60 -22.28
N SER A 44 31.38 30.78 -22.91
CA SER A 44 31.40 30.53 -24.34
C SER A 44 30.61 31.57 -25.17
N GLY A 45 29.95 32.48 -24.45
CA GLY A 45 29.15 33.54 -25.06
C GLY A 45 27.91 33.10 -25.79
N ALA A 46 27.23 32.10 -25.25
CA ALA A 46 26.02 31.53 -25.88
C ALA A 46 24.96 32.63 -25.98
N GLN A 47 24.18 32.60 -27.06
CA GLN A 47 22.98 33.42 -27.22
C GLN A 47 21.84 32.79 -26.44
N ASP A 48 21.02 33.62 -25.79
CA ASP A 48 19.94 33.02 -25.03
C ASP A 48 19.05 32.14 -25.95
N GLU A 49 18.92 32.54 -27.21
CA GLU A 49 18.03 31.80 -28.14
C GLU A 49 18.56 30.38 -28.38
N GLU A 50 19.89 30.25 -28.33
CA GLU A 50 20.50 28.90 -28.36
C GLU A 50 20.04 28.03 -27.19
N ILE A 51 19.93 28.61 -26.01
CA ILE A 51 19.54 27.85 -24.81
C ILE A 51 18.03 27.52 -24.83
N GLN A 52 17.19 28.49 -25.23
CA GLN A 52 15.79 28.23 -25.49
C GLN A 52 15.68 26.98 -26.38
N TYR A 53 16.38 27.00 -27.52
CA TYR A 53 16.36 25.87 -28.48
C TYR A 53 16.76 24.57 -27.83
N LEU A 54 17.84 24.58 -27.05
CA LEU A 54 18.32 23.44 -26.28
C LEU A 54 17.23 22.83 -25.43
N PHE A 55 16.50 23.70 -24.70
CA PHE A 55 15.41 23.22 -23.95
C PHE A 55 14.29 22.58 -24.68
N LEU A 56 13.93 23.14 -25.81
CA LEU A 56 12.71 22.71 -26.50
C LEU A 56 13.05 21.51 -27.44
N TYR A 57 14.31 21.44 -27.89
CA TYR A 57 14.77 20.38 -28.86
C TYR A 57 15.72 19.32 -28.33
N GLY A 58 16.48 19.64 -27.28
CA GLY A 58 17.37 18.64 -26.65
C GLY A 58 18.84 18.74 -27.07
N ASN A 59 19.10 19.56 -28.08
CA ASN A 59 20.49 19.90 -28.51
C ASN A 59 20.67 21.35 -28.90
N LEU A 60 21.92 21.81 -28.92
CA LEU A 60 22.21 23.14 -29.45
C LEU A 60 21.89 23.20 -30.95
N PRO A 61 21.33 24.32 -31.44
CA PRO A 61 20.91 24.37 -32.87
C PRO A 61 22.08 24.59 -33.82
N THR A 62 21.90 24.15 -35.05
CA THR A 62 22.76 24.65 -36.12
C THR A 62 22.39 26.10 -36.49
N GLU A 63 23.26 26.74 -37.26
CA GLU A 63 22.99 28.11 -37.73
C GLU A 63 21.59 28.17 -38.41
N GLN A 64 21.29 27.21 -39.27
CA GLN A 64 20.02 27.20 -40.01
C GLN A 64 18.82 27.00 -39.06
N GLU A 65 18.99 26.08 -38.12
CA GLU A 65 17.96 25.77 -37.10
C GLU A 65 17.68 27.01 -36.28
N LEU A 66 18.74 27.70 -35.86
CA LEU A 66 18.60 28.92 -35.04
C LEU A 66 17.89 30.02 -35.80
N ARG A 67 18.26 30.22 -37.08
CA ARG A 67 17.61 31.22 -37.91
C ARG A 67 16.11 30.97 -37.93
N LYS A 68 15.71 29.72 -38.22
CA LYS A 68 14.33 29.32 -38.26
C LYS A 68 13.64 29.54 -36.89
N TYR A 69 14.30 29.06 -35.85
CA TYR A 69 13.83 29.16 -34.47
C TYR A 69 13.51 30.64 -34.12
N LYS A 70 14.47 31.54 -34.35
CA LYS A 70 14.27 32.98 -34.04
C LYS A 70 13.04 33.56 -34.76
N GLU A 71 12.79 33.14 -36.00
CA GLU A 71 11.59 33.60 -36.70
C GLU A 71 10.30 33.19 -35.97
N THR A 72 10.29 31.97 -35.44
CA THR A 72 9.14 31.47 -34.75
C THR A 72 8.94 32.29 -33.49
N VAL A 73 10.03 32.55 -32.77
CA VAL A 73 9.91 33.28 -31.47
C VAL A 73 9.35 34.65 -31.81
N GLN A 74 9.86 35.25 -32.86
CA GLN A 74 9.40 36.62 -33.22
C GLN A 74 7.93 36.76 -33.60
N LYS A 75 7.27 35.67 -33.99
CA LYS A 75 5.80 35.66 -34.15
C LYS A 75 5.09 36.09 -32.86
N GLY A 76 5.73 35.85 -31.72
CA GLY A 76 5.09 36.12 -30.46
C GLY A 76 5.19 37.59 -30.08
N TYR A 77 5.94 38.38 -30.87
CA TYR A 77 6.12 39.80 -30.58
C TYR A 77 4.82 40.56 -30.87
N LYS A 78 3.92 39.96 -31.64
CA LYS A 78 2.59 40.50 -31.78
C LYS A 78 1.60 39.76 -30.84
N ILE A 79 1.03 40.51 -29.91
CA ILE A 79 -0.03 39.98 -29.04
C ILE A 79 -1.30 40.85 -29.13
N PRO A 80 -2.49 40.26 -28.86
CA PRO A 80 -3.72 41.02 -29.11
C PRO A 80 -3.85 42.18 -28.16
N ASP A 81 -4.58 43.21 -28.58
CA ASP A 81 -4.98 44.32 -27.71
C ASP A 81 -5.57 43.89 -26.37
N PHE A 82 -6.42 42.85 -26.33
CA PHE A 82 -7.07 42.52 -25.05
C PHE A 82 -6.05 41.96 -24.06
N VAL A 83 -5.00 41.33 -24.59
CA VAL A 83 -3.92 40.86 -23.69
C VAL A 83 -3.17 42.04 -23.06
N ILE A 84 -2.90 43.07 -23.86
CA ILE A 84 -2.22 44.28 -23.34
C ILE A 84 -3.20 44.94 -22.35
N ASN A 85 -4.49 44.92 -22.69
CA ASN A 85 -5.45 45.56 -21.78
C ASN A 85 -5.63 44.78 -20.48
N ALA A 86 -5.41 43.45 -20.52
CA ALA A 86 -5.43 42.66 -19.28
C ALA A 86 -4.38 43.21 -18.27
N ILE A 87 -3.29 43.82 -18.76
CA ILE A 87 -2.27 44.38 -17.93
C ILE A 87 -2.71 45.84 -17.60
N ARG A 88 -2.98 46.58 -18.66
CA ARG A 88 -3.13 48.09 -18.50
C ARG A 88 -4.39 48.48 -17.72
N GLN A 89 -5.38 47.57 -17.64
CA GLN A 89 -6.54 47.84 -16.78
C GLN A 89 -6.35 47.68 -15.27
N LEU A 90 -5.25 47.03 -14.86
CA LEU A 90 -4.97 46.79 -13.46
C LEU A 90 -4.42 48.05 -12.73
N PRO A 91 -4.63 48.15 -11.41
CA PRO A 91 -4.02 49.22 -10.60
C PRO A 91 -2.51 49.17 -10.81
N ARG A 92 -1.90 50.33 -11.03
CA ARG A 92 -0.45 50.42 -11.23
C ARG A 92 0.37 49.86 -10.06
N GLU A 93 -0.22 49.75 -8.86
CA GLU A 93 0.53 49.27 -7.69
C GLU A 93 0.66 47.74 -7.70
N SER A 94 -0.01 47.09 -8.64
CA SER A 94 -0.02 45.60 -8.69
C SER A 94 1.41 45.07 -8.91
N ASP A 95 1.75 43.92 -8.30
CA ASP A 95 3.10 43.32 -8.57
C ASP A 95 3.20 43.02 -10.07
N ALA A 96 4.42 43.19 -10.57
CA ALA A 96 4.74 42.93 -12.00
C ALA A 96 4.36 41.48 -12.34
N VAL A 97 4.73 40.53 -11.48
CA VAL A 97 4.49 39.10 -11.84
C VAL A 97 2.94 38.82 -11.84
N ALA A 98 2.18 39.60 -11.07
CA ALA A 98 0.72 39.38 -11.01
C ALA A 98 0.08 39.94 -12.28
N MET A 99 0.63 41.05 -12.78
CA MET A 99 0.23 41.60 -14.10
C MET A 99 0.51 40.56 -15.21
N GLN A 100 1.71 39.98 -15.20
CA GLN A 100 1.98 38.85 -16.12
C GLN A 100 0.93 37.74 -15.99
N MET A 101 0.55 37.36 -14.77
CA MET A 101 -0.43 36.27 -14.57
C MET A 101 -1.78 36.62 -15.17
N ALA A 102 -2.24 37.87 -14.94
CA ALA A 102 -3.48 38.29 -15.56
C ALA A 102 -3.46 38.25 -17.10
N ALA A 103 -2.32 38.58 -17.73
CA ALA A 103 -2.19 38.65 -19.16
C ALA A 103 -2.16 37.23 -19.70
N VAL A 104 -1.38 36.35 -19.06
CA VAL A 104 -1.31 34.95 -19.54
C VAL A 104 -2.66 34.24 -19.35
N ALA A 105 -3.35 34.54 -18.25
CA ALA A 105 -4.69 33.95 -18.03
C ALA A 105 -5.70 34.38 -19.13
N ALA A 106 -5.63 35.65 -19.53
CA ALA A 106 -6.46 36.13 -20.63
C ALA A 106 -6.13 35.34 -21.88
N MET A 107 -4.81 35.20 -22.14
CA MET A 107 -4.35 34.41 -23.29
C MET A 107 -4.85 32.94 -23.27
N ALA A 108 -4.70 32.30 -22.10
CA ALA A 108 -5.16 30.91 -21.88
C ALA A 108 -6.64 30.77 -22.28
N ALA A 109 -7.48 31.72 -21.83
CA ALA A 109 -8.90 31.75 -22.24
C ALA A 109 -9.12 31.77 -23.76
N SER A 110 -8.42 32.68 -24.46
CA SER A 110 -8.61 32.90 -25.89
C SER A 110 -8.09 31.75 -26.74
N GLU A 111 -7.17 30.96 -26.19
CA GLU A 111 -6.43 29.98 -26.99
C GLU A 111 -7.21 28.66 -27.09
N THR A 112 -8.39 28.76 -27.67
CA THR A 112 -9.34 27.66 -27.55
C THR A 112 -8.99 26.49 -28.46
N LYS A 113 -8.06 26.71 -29.37
CA LYS A 113 -7.67 25.61 -30.26
C LYS A 113 -6.37 24.94 -29.82
N PHE A 114 -5.84 25.33 -28.67
CA PHE A 114 -4.62 24.65 -28.21
C PHE A 114 -4.87 23.16 -28.02
N LYS A 115 -3.98 22.30 -28.55
CA LYS A 115 -4.00 20.84 -28.22
C LYS A 115 -2.59 20.28 -28.04
N TRP A 116 -2.39 19.42 -27.03
CA TRP A 116 -1.06 18.84 -26.79
C TRP A 116 -0.79 17.94 -28.01
N ASN A 117 0.37 18.14 -28.63
CA ASN A 117 0.65 17.48 -29.94
C ASN A 117 2.14 17.56 -30.23
N LYS A 118 2.80 16.41 -30.30
CA LYS A 118 4.23 16.33 -30.56
C LYS A 118 4.68 17.22 -31.74
N ASP A 119 3.82 17.34 -32.75
CA ASP A 119 4.20 18.08 -33.95
C ASP A 119 4.19 19.58 -33.79
N THR A 120 3.46 20.07 -32.77
CA THR A 120 3.22 21.51 -32.65
C THR A 120 3.71 22.15 -31.35
N ASP A 121 3.84 21.34 -30.30
CA ASP A 121 4.20 21.85 -28.94
C ASP A 121 5.40 22.81 -28.93
N ARG A 122 6.43 22.46 -29.68
CA ARG A 122 7.64 23.25 -29.62
C ARG A 122 7.47 24.61 -30.29
N ASP A 123 6.66 24.65 -31.37
CA ASP A 123 6.40 25.88 -32.08
C ASP A 123 5.51 26.78 -31.23
N VAL A 124 4.55 26.17 -30.54
CA VAL A 124 3.68 26.89 -29.59
C VAL A 124 4.56 27.50 -28.52
N ALA A 125 5.43 26.68 -27.95
CA ALA A 125 6.29 27.18 -26.85
C ALA A 125 7.22 28.31 -27.32
N ALA A 126 7.79 28.16 -28.51
CA ALA A 126 8.66 29.14 -29.10
C ALA A 126 7.96 30.52 -29.22
N GLU A 127 6.78 30.49 -29.82
CA GLU A 127 6.03 31.71 -29.99
C GLU A 127 5.65 32.30 -28.63
N MET A 128 5.31 31.45 -27.67
CA MET A 128 4.94 31.93 -26.28
C MET A 128 6.16 32.56 -25.61
N ILE A 129 7.38 32.07 -25.92
CA ILE A 129 8.59 32.79 -25.42
C ILE A 129 8.64 34.25 -25.98
N GLY A 130 8.28 34.44 -27.27
CA GLY A 130 8.15 35.78 -27.87
C GLY A 130 7.05 36.56 -27.15
N ARG A 131 5.89 35.92 -26.91
CA ARG A 131 4.76 36.60 -26.24
C ARG A 131 5.14 36.98 -24.84
N MET A 132 6.03 36.20 -24.22
CA MET A 132 6.40 36.57 -22.84
C MET A 132 7.22 37.90 -22.83
N SER A 133 8.04 38.12 -23.86
CA SER A 133 8.80 39.32 -24.03
C SER A 133 7.77 40.47 -24.23
N ALA A 134 6.85 40.27 -25.14
CA ALA A 134 5.77 41.33 -25.41
C ALA A 134 5.03 41.68 -24.11
N ILE A 135 4.60 40.66 -23.37
CA ILE A 135 3.87 40.82 -22.09
C ILE A 135 4.72 41.60 -21.09
N THR A 136 5.96 41.18 -20.94
CA THR A 136 6.83 41.78 -19.94
C THR A 136 7.14 43.27 -20.27
N VAL A 137 7.31 43.57 -21.55
CA VAL A 137 7.56 44.96 -21.99
C VAL A 137 6.36 45.80 -21.54
N ASN A 138 5.18 45.26 -21.75
CA ASN A 138 3.92 45.97 -21.40
C ASN A 138 3.64 46.08 -19.92
N VAL A 139 4.03 45.05 -19.16
CA VAL A 139 3.95 45.14 -17.72
C VAL A 139 4.88 46.29 -17.29
N TYR A 140 6.15 46.27 -17.74
CA TYR A 140 7.09 47.35 -17.39
C TYR A 140 6.51 48.75 -17.77
N ARG A 141 6.07 48.86 -19.01
CA ARG A 141 5.50 50.18 -19.49
C ARG A 141 4.33 50.64 -18.65
N HIS A 142 3.42 49.74 -18.33
CA HIS A 142 2.27 50.09 -17.47
C HIS A 142 2.69 50.61 -16.10
N ILE A 143 3.58 49.86 -15.44
CA ILE A 143 4.04 50.25 -14.12
C ILE A 143 4.70 51.64 -14.19
N MET A 144 5.45 51.88 -15.26
CA MET A 144 6.23 53.13 -15.42
C MET A 144 5.38 54.29 -15.98
N ASN A 145 4.09 54.08 -16.18
CA ASN A 145 3.21 55.09 -16.82
C ASN A 145 3.73 55.53 -18.18
N MET A 146 4.12 54.55 -19.01
CA MET A 146 4.54 54.75 -20.38
C MET A 146 3.50 54.14 -21.35
N PRO A 147 3.53 54.59 -22.61
CA PRO A 147 2.65 54.05 -23.63
C PRO A 147 2.97 52.56 -23.87
N ALA A 148 1.99 51.83 -24.35
CA ALA A 148 2.22 50.44 -24.80
C ALA A 148 3.28 50.38 -25.92
N GLU A 149 3.94 49.24 -26.01
CA GLU A 149 4.94 49.08 -27.06
C GLU A 149 5.10 47.60 -27.25
N LEU A 150 5.42 47.17 -28.47
CA LEU A 150 5.75 45.77 -28.72
C LEU A 150 7.23 45.61 -29.09
N PRO A 151 7.85 44.47 -28.76
CA PRO A 151 9.23 44.21 -29.21
C PRO A 151 9.25 44.02 -30.74
N LYS A 152 10.39 44.31 -31.34
CA LYS A 152 10.61 44.14 -32.78
C LYS A 152 11.82 43.24 -33.04
N PRO A 153 11.88 42.56 -34.20
CA PRO A 153 13.11 41.84 -34.52
C PRO A 153 14.35 42.70 -34.41
N SER A 154 15.42 42.12 -33.87
CA SER A 154 16.72 42.81 -33.79
C SER A 154 17.72 41.69 -33.85
N ASP A 155 18.99 42.03 -33.66
CA ASP A 155 20.05 41.01 -33.61
C ASP A 155 19.94 39.94 -32.50
N SER A 156 19.14 40.21 -31.46
CA SER A 156 18.97 39.25 -30.35
C SER A 156 17.65 39.45 -29.59
N TYR A 157 17.20 38.36 -29.00
CA TYR A 157 16.00 38.36 -28.15
C TYR A 157 16.22 39.36 -26.99
N ALA A 158 17.39 39.31 -26.36
CA ALA A 158 17.66 40.21 -25.20
C ALA A 158 17.61 41.69 -25.66
N GLU A 159 18.15 42.01 -26.84
CA GLU A 159 18.07 43.36 -27.37
C GLU A 159 16.64 43.79 -27.67
N SER A 160 15.89 42.91 -28.36
CA SER A 160 14.46 43.23 -28.70
C SER A 160 13.70 43.59 -27.44
N PHE A 161 13.94 42.81 -26.38
CA PHE A 161 13.29 43.00 -25.10
C PHE A 161 13.68 44.40 -24.48
N LEU A 162 14.98 44.64 -24.31
CA LEU A 162 15.42 45.89 -23.62
C LEU A 162 15.00 47.12 -24.44
N ASN A 163 15.14 47.06 -25.77
CA ASN A 163 14.87 48.27 -26.58
C ASN A 163 13.39 48.63 -26.45
N ALA A 164 12.50 47.61 -26.47
CA ALA A 164 11.05 47.85 -26.32
C ALA A 164 10.70 48.28 -24.90
N ALA A 165 11.25 47.61 -23.88
CA ALA A 165 10.96 48.01 -22.50
C ALA A 165 11.27 49.48 -22.23
N PHE A 166 12.47 49.87 -22.62
CA PHE A 166 13.03 51.19 -22.29
C PHE A 166 12.65 52.26 -23.30
N GLY A 167 12.31 51.84 -24.53
CA GLY A 167 12.09 52.79 -25.65
C GLY A 167 13.33 53.57 -26.12
N ARG A 168 14.52 52.95 -25.97
CA ARG A 168 15.80 53.50 -26.36
C ARG A 168 16.63 52.33 -26.85
N LYS A 169 17.71 52.62 -27.56
CA LYS A 169 18.62 51.59 -28.03
C LYS A 169 19.52 51.11 -26.87
N ALA A 170 19.46 49.84 -26.50
CA ALA A 170 20.28 49.39 -25.38
C ALA A 170 21.74 49.30 -25.84
N THR A 171 22.67 49.38 -24.88
CA THR A 171 24.08 49.33 -25.19
C THR A 171 24.45 47.87 -25.29
N LYS A 172 25.60 47.61 -25.92
CA LYS A 172 26.16 46.29 -25.99
C LYS A 172 26.26 45.66 -24.56
N GLU A 173 26.72 46.44 -23.59
CA GLU A 173 26.95 45.95 -22.23
C GLU A 173 25.65 45.52 -21.58
N GLU A 174 24.60 46.32 -21.81
CA GLU A 174 23.30 46.09 -21.21
C GLU A 174 22.69 44.86 -21.85
N ILE A 175 22.85 44.73 -23.18
CA ILE A 175 22.26 43.56 -23.89
C ILE A 175 22.95 42.25 -23.45
N ASP A 176 24.26 42.26 -23.33
CA ASP A 176 24.98 41.03 -22.93
C ASP A 176 24.59 40.59 -21.48
N ALA A 177 24.50 41.59 -20.59
CA ALA A 177 24.06 41.33 -19.24
C ALA A 177 22.67 40.70 -19.20
N MET A 178 21.74 41.28 -19.94
CA MET A 178 20.37 40.74 -19.96
C MET A 178 20.38 39.34 -20.54
N ASN A 179 21.16 39.17 -21.61
CA ASN A 179 21.31 37.86 -22.20
C ASN A 179 21.78 36.80 -21.17
N THR A 180 22.78 37.15 -20.39
CA THR A 180 23.26 36.29 -19.31
C THR A 180 22.13 35.97 -18.32
N ALA A 181 21.42 37.01 -17.90
CA ALA A 181 20.38 36.81 -16.90
C ALA A 181 19.32 35.84 -17.46
N LEU A 182 18.90 36.02 -18.72
CA LEU A 182 17.88 35.18 -19.34
C LEU A 182 18.39 33.71 -19.35
N ILE A 183 19.66 33.55 -19.65
CA ILE A 183 20.20 32.19 -19.62
C ILE A 183 20.15 31.61 -18.20
N LEU A 184 20.67 32.39 -17.24
CA LEU A 184 20.79 31.91 -15.89
C LEU A 184 19.50 31.61 -15.19
N TYR A 185 18.39 32.26 -15.59
CA TYR A 185 17.08 31.97 -15.01
C TYR A 185 16.22 30.96 -15.80
N THR A 186 16.79 30.43 -16.91
CA THR A 186 15.98 29.66 -17.85
C THR A 186 15.20 28.52 -17.15
N ASP A 187 15.89 27.80 -16.26
CA ASP A 187 15.32 26.60 -15.65
C ASP A 187 16.06 26.23 -14.36
N HIS A 188 15.31 25.61 -13.47
CA HIS A 188 15.96 25.07 -12.27
C HIS A 188 15.28 23.76 -11.80
N GLU A 189 14.97 22.87 -12.76
CA GLU A 189 14.37 21.56 -12.49
C GLU A 189 12.91 21.74 -11.99
N VAL A 190 12.59 21.34 -10.76
CA VAL A 190 11.15 21.39 -10.36
C VAL A 190 10.93 22.18 -9.04
N PRO A 191 11.23 23.49 -9.08
CA PRO A 191 10.89 24.41 -7.97
C PRO A 191 9.39 24.56 -7.88
N ALA A 192 8.91 25.39 -6.93
CA ALA A 192 7.51 25.42 -6.68
C ALA A 192 6.73 25.88 -7.95
N SER A 193 7.22 26.89 -8.66
CA SER A 193 6.51 27.41 -9.85
C SER A 193 6.34 26.31 -10.92
N THR A 194 7.47 25.69 -11.24
CA THR A 194 7.43 24.56 -12.23
C THR A 194 6.51 23.46 -11.74
N THR A 195 6.57 23.12 -10.46
CA THR A 195 5.69 22.09 -9.88
C THR A 195 4.19 22.44 -10.02
N ALA A 196 3.87 23.68 -9.66
CA ALA A 196 2.45 24.08 -9.84
C ALA A 196 1.94 23.98 -11.29
N GLY A 197 2.79 24.41 -12.25
CA GLY A 197 2.48 24.30 -13.68
C GLY A 197 2.33 22.83 -14.05
N LEU A 198 3.23 21.99 -13.50
CA LEU A 198 3.09 20.56 -13.79
C LEU A 198 1.76 19.98 -13.31
N VAL A 199 1.36 20.31 -12.07
CA VAL A 199 0.08 19.88 -11.58
C VAL A 199 -1.04 20.27 -12.59
N ALA A 200 -1.03 21.55 -13.01
CA ALA A 200 -2.03 22.00 -13.97
C ALA A 200 -2.05 21.22 -15.28
N VAL A 201 -0.89 21.05 -15.90
CA VAL A 201 -0.85 20.41 -17.20
C VAL A 201 -1.05 18.90 -17.03
N SER A 202 -0.89 18.41 -15.79
CA SER A 202 -1.17 16.93 -15.53
C SER A 202 -2.68 16.59 -15.77
N THR A 203 -3.58 17.60 -15.69
CA THR A 203 -5.01 17.36 -16.04
C THR A 203 -5.29 17.47 -17.54
N LEU A 204 -4.21 17.65 -18.31
CA LEU A 204 -4.15 18.03 -19.73
C LEU A 204 -4.72 19.45 -20.00
N SER A 205 -4.66 20.29 -18.96
CA SER A 205 -5.00 21.70 -19.18
C SER A 205 -3.95 22.30 -20.17
N ASP A 206 -4.24 23.45 -20.80
CA ASP A 206 -3.34 23.97 -21.87
C ASP A 206 -2.04 24.60 -21.36
N MET A 207 -1.07 24.82 -22.24
CA MET A 207 0.24 25.31 -21.87
C MET A 207 0.11 26.64 -21.10
N TYR A 208 -0.79 27.48 -21.60
CA TYR A 208 -0.92 28.85 -21.03
C TYR A 208 -1.44 28.82 -19.62
N SER A 209 -2.36 27.91 -19.37
CA SER A 209 -2.86 27.67 -18.01
C SER A 209 -1.73 27.12 -17.12
N GLY A 210 -0.87 26.24 -17.65
CA GLY A 210 0.33 25.82 -16.91
C GLY A 210 1.23 27.00 -16.50
N ILE A 211 1.40 27.96 -17.40
CA ILE A 211 2.25 29.13 -17.18
C ILE A 211 1.56 29.98 -16.08
N THR A 212 0.26 30.12 -16.26
CA THR A 212 -0.56 30.86 -15.23
C THR A 212 -0.37 30.31 -13.77
N ALA A 213 -0.56 29.00 -13.59
CA ALA A 213 -0.33 28.33 -12.33
C ALA A 213 1.13 28.53 -11.82
N ALA A 214 2.12 28.44 -12.74
CA ALA A 214 3.54 28.70 -12.38
C ALA A 214 3.73 30.12 -11.84
N LEU A 215 3.12 31.06 -12.55
CA LEU A 215 3.23 32.53 -12.13
C LEU A 215 2.57 32.70 -10.72
N ALA A 216 1.45 32.03 -10.47
CA ALA A 216 0.73 32.08 -9.17
C ALA A 216 1.68 31.69 -8.04
N ALA A 217 2.44 30.60 -8.28
CA ALA A 217 3.39 30.17 -7.28
C ALA A 217 4.57 31.15 -7.15
N LEU A 218 5.13 31.58 -8.25
CA LEU A 218 6.26 32.52 -8.27
C LEU A 218 5.95 33.79 -7.51
N LYS A 219 4.69 34.19 -7.50
CA LYS A 219 4.32 35.44 -6.75
C LYS A 219 4.71 35.41 -5.26
N GLY A 220 4.71 34.21 -4.66
CA GLY A 220 4.87 34.18 -3.20
C GLY A 220 6.31 34.54 -2.80
N PRO A 221 6.50 35.17 -1.65
CA PRO A 221 7.83 35.66 -1.23
C PRO A 221 8.84 34.55 -0.86
N LEU A 222 8.36 33.31 -0.73
CA LEU A 222 9.31 32.19 -0.55
C LEU A 222 9.84 31.66 -1.91
N HIS A 223 9.41 32.28 -3.01
CA HIS A 223 9.88 31.90 -4.35
C HIS A 223 10.30 33.16 -5.13
N GLY A 224 9.35 34.05 -5.43
CA GLY A 224 9.64 35.31 -6.06
C GLY A 224 10.12 36.35 -5.05
N GLY A 225 10.50 37.51 -5.57
CA GLY A 225 10.70 38.67 -4.68
C GLY A 225 12.03 38.76 -3.99
N ALA A 226 12.90 37.72 -4.12
CA ALA A 226 14.15 37.71 -3.32
C ALA A 226 15.20 38.70 -3.86
N ALA A 227 15.27 38.94 -5.18
CA ALA A 227 16.32 39.80 -5.70
C ALA A 227 16.01 41.21 -5.18
N GLU A 228 14.72 41.50 -5.16
CA GLU A 228 14.21 42.80 -4.66
C GLU A 228 14.50 42.93 -3.17
N ALA A 229 14.15 41.89 -2.40
CA ALA A 229 14.39 41.81 -0.95
C ALA A 229 15.91 41.98 -0.62
N ALA A 230 16.79 41.37 -1.43
CA ALA A 230 18.26 41.55 -1.24
C ALA A 230 18.64 43.03 -1.42
N ILE A 231 18.24 43.65 -2.52
CA ILE A 231 18.54 45.08 -2.73
C ILE A 231 18.02 45.90 -1.53
N ALA A 232 16.81 45.62 -1.10
CA ALA A 232 16.18 46.34 0.02
C ALA A 232 17.01 46.20 1.30
N GLN A 233 17.53 44.99 1.60
CA GLN A 233 18.42 44.87 2.77
C GLN A 233 19.75 45.63 2.61
N PHE A 234 20.35 45.61 1.41
CA PHE A 234 21.54 46.40 1.17
C PHE A 234 21.24 47.91 1.40
N ASP A 235 20.05 48.36 0.96
CA ASP A 235 19.67 49.78 1.07
C ASP A 235 19.41 50.18 2.52
N GLU A 236 18.94 49.25 3.35
CA GLU A 236 18.78 49.48 4.82
C GLU A 236 20.13 49.72 5.44
N ILE A 237 21.10 48.88 5.07
CA ILE A 237 22.45 48.98 5.65
C ILE A 237 23.01 50.36 5.37
N LYS A 238 22.83 50.85 4.14
N LYS A 238 22.83 50.79 4.11
CA LYS A 238 23.04 52.27 3.78
CA LYS A 238 23.13 52.14 3.62
C LYS A 238 24.51 52.67 3.55
C LYS A 238 24.60 52.47 3.41
N ASP A 239 25.41 52.23 4.43
CA ASP A 239 26.83 52.57 4.36
C ASP A 239 27.65 51.30 4.71
N PRO A 240 28.77 51.04 4.00
CA PRO A 240 29.49 49.79 4.20
C PRO A 240 30.14 49.65 5.60
N ALA A 241 30.38 50.78 6.27
CA ALA A 241 30.94 50.71 7.61
C ALA A 241 29.91 50.18 8.62
N MET A 242 28.64 50.23 8.21
CA MET A 242 27.53 49.85 9.08
C MET A 242 27.15 48.39 8.88
N VAL A 243 27.86 47.70 7.97
CA VAL A 243 27.47 46.32 7.70
C VAL A 243 27.47 45.41 8.93
N GLU A 244 28.55 45.42 9.68
CA GLU A 244 28.65 44.47 10.79
C GLU A 244 27.60 44.74 11.86
N LYS A 245 27.42 46.02 12.21
CA LYS A 245 26.36 46.40 13.15
C LYS A 245 24.97 45.98 12.69
N TRP A 246 24.63 46.25 11.43
CA TRP A 246 23.31 45.83 10.92
C TRP A 246 23.17 44.28 11.00
N PHE A 247 24.19 43.56 10.58
CA PHE A 247 24.20 42.11 10.63
C PHE A 247 23.97 41.58 12.05
N ASN A 248 24.78 42.05 13.00
CA ASN A 248 24.56 41.68 14.39
C ASN A 248 23.17 42.04 14.92
N ASP A 249 22.68 43.23 14.61
CA ASP A 249 21.41 43.72 15.17
C ASP A 249 20.15 43.19 14.45
N ASN A 250 20.32 42.57 13.28
CA ASN A 250 19.17 42.10 12.46
C ASN A 250 19.18 40.63 12.11
N ILE A 251 20.36 40.10 11.89
CA ILE A 251 20.51 38.77 11.37
C ILE A 251 20.97 37.78 12.49
N ILE A 252 22.09 38.09 13.14
CA ILE A 252 22.57 37.24 14.24
C ILE A 252 21.49 37.08 15.32
N ASN A 253 20.78 38.17 15.60
CA ASN A 253 19.71 38.11 16.61
C ASN A 253 18.35 37.60 16.13
N GLY A 254 18.25 37.17 14.87
CA GLY A 254 17.03 36.54 14.32
C GLY A 254 15.86 37.46 14.02
N LYS A 255 16.09 38.77 14.05
CA LYS A 255 15.03 39.76 13.79
C LYS A 255 14.52 39.71 12.33
N LYS A 256 15.46 39.52 11.39
CA LYS A 256 15.15 39.54 9.95
C LYS A 256 15.82 38.32 9.29
N ARG A 257 15.23 37.83 8.20
CA ARG A 257 15.88 36.80 7.40
C ARG A 257 17.00 37.43 6.55
N LEU A 258 18.11 36.73 6.41
CA LEU A 258 19.15 37.17 5.46
C LEU A 258 18.71 36.83 4.01
N MET A 259 18.41 37.87 3.25
CA MET A 259 17.81 37.74 1.90
C MET A 259 18.86 37.31 0.90
N GLY A 260 18.45 36.46 -0.05
CA GLY A 260 19.36 35.99 -1.11
C GLY A 260 20.36 34.95 -0.62
N PHE A 261 20.12 34.41 0.57
CA PHE A 261 20.88 33.23 1.11
C PHE A 261 19.99 32.00 1.21
N GLY A 262 20.59 30.82 1.07
CA GLY A 262 19.89 29.58 1.33
C GLY A 262 19.18 29.02 0.12
N HIS A 263 18.98 27.70 0.12
CA HIS A 263 18.37 27.04 -1.02
C HIS A 263 17.89 25.60 -0.63
N ARG A 264 16.78 25.16 -1.21
CA ARG A 264 16.28 23.83 -0.86
C ARG A 264 17.17 22.76 -1.45
N VAL A 265 17.89 23.10 -2.51
CA VAL A 265 18.81 22.11 -3.15
C VAL A 265 20.30 22.41 -2.88
N TYR A 266 20.76 23.62 -3.25
CA TYR A 266 22.16 24.04 -3.01
C TYR A 266 22.47 24.10 -1.52
N LYS A 267 23.52 23.37 -1.13
CA LYS A 267 24.02 23.40 0.26
C LYS A 267 25.47 23.94 0.17
N THR A 268 25.71 24.61 -0.94
CA THR A 268 26.95 25.29 -1.24
C THR A 268 26.63 26.56 -2.08
N TYR A 269 27.66 27.34 -2.42
CA TYR A 269 27.51 28.55 -3.24
C TYR A 269 26.77 28.20 -4.52
N ASP A 270 25.73 28.98 -4.81
CA ASP A 270 24.92 28.76 -6.04
C ASP A 270 25.76 29.14 -7.28
N PRO A 271 25.89 28.23 -8.27
CA PRO A 271 26.78 28.58 -9.40
C PRO A 271 26.30 29.82 -10.14
N ARG A 272 24.98 30.04 -10.15
CA ARG A 272 24.45 31.27 -10.76
C ARG A 272 24.88 32.53 -10.03
N ALA A 273 24.99 32.43 -8.72
CA ALA A 273 25.39 33.56 -7.90
C ALA A 273 26.87 33.87 -8.20
N LYS A 274 27.67 32.83 -8.40
CA LYS A 274 29.07 33.02 -8.76
C LYS A 274 29.18 33.88 -10.03
N ILE A 275 28.40 33.54 -11.06
CA ILE A 275 28.49 34.25 -12.32
C ILE A 275 27.92 35.66 -12.17
N PHE A 276 26.77 35.77 -11.49
CA PHE A 276 26.14 37.10 -11.30
C PHE A 276 27.02 38.07 -10.49
N LYS A 277 27.75 37.52 -9.53
CA LYS A 277 28.68 38.34 -8.69
C LYS A 277 29.70 39.07 -9.58
N GLY A 278 30.39 38.32 -10.46
CA GLY A 278 31.38 38.92 -11.43
C GLY A 278 30.73 39.99 -12.29
N ILE A 279 29.54 39.74 -12.80
CA ILE A 279 28.91 40.71 -13.66
C ILE A 279 28.47 41.92 -12.83
N ALA A 280 27.99 41.68 -11.60
CA ALA A 280 27.48 42.76 -10.76
C ALA A 280 28.68 43.71 -10.44
N GLU A 281 29.86 43.14 -10.27
CA GLU A 281 31.04 43.95 -9.89
C GLU A 281 31.39 44.84 -11.10
N LYS A 282 31.49 44.22 -12.27
CA LYS A 282 31.85 44.95 -13.50
C LYS A 282 30.84 46.04 -13.87
N LEU A 283 29.54 45.73 -13.85
CA LEU A 283 28.53 46.70 -14.27
C LEU A 283 28.36 47.83 -13.27
N SER A 284 28.25 47.45 -11.99
CA SER A 284 28.08 48.48 -10.97
C SER A 284 29.33 49.38 -10.88
N SER A 285 30.52 48.87 -11.22
CA SER A 285 31.79 49.65 -11.07
C SER A 285 31.72 50.92 -11.89
N LYS A 286 30.91 50.85 -12.94
CA LYS A 286 30.75 51.94 -13.87
C LYS A 286 29.75 52.98 -13.40
N LYS A 287 28.99 52.67 -12.33
CA LYS A 287 27.98 53.62 -11.83
C LYS A 287 28.12 53.73 -10.30
N PRO A 288 28.85 54.76 -9.84
CA PRO A 288 29.16 54.95 -8.40
C PRO A 288 28.04 54.59 -7.39
N GLU A 289 26.82 55.07 -7.63
CA GLU A 289 25.72 54.86 -6.68
C GLU A 289 25.29 53.38 -6.59
N VAL A 290 25.47 52.65 -7.69
CA VAL A 290 25.18 51.22 -7.71
C VAL A 290 26.40 50.44 -7.16
N HIS A 291 27.60 50.93 -7.46
CA HIS A 291 28.79 50.34 -6.89
C HIS A 291 28.74 50.29 -5.35
N LYS A 292 28.14 51.32 -4.75
CA LYS A 292 27.97 51.35 -3.29
C LYS A 292 27.15 50.12 -2.83
N VAL A 293 26.10 49.81 -3.60
CA VAL A 293 25.25 48.65 -3.32
C VAL A 293 26.09 47.40 -3.36
N TYR A 294 26.90 47.27 -4.40
CA TYR A 294 27.78 46.11 -4.54
C TYR A 294 28.73 45.95 -3.33
N GLU A 295 29.35 47.05 -2.94
CA GLU A 295 30.30 47.05 -1.83
C GLU A 295 29.65 46.57 -0.53
N ILE A 296 28.43 47.03 -0.28
CA ILE A 296 27.68 46.53 0.87
C ILE A 296 27.35 45.05 0.75
N ALA A 297 26.86 44.66 -0.43
CA ALA A 297 26.50 43.28 -0.69
C ALA A 297 27.67 42.33 -0.42
N THR A 298 28.88 42.68 -0.89
CA THR A 298 30.06 41.76 -0.76
C THR A 298 30.56 41.75 0.70
N LYS A 299 30.46 42.87 1.38
CA LYS A 299 30.80 42.91 2.84
C LYS A 299 29.83 42.03 3.64
N LEU A 300 28.52 42.20 3.40
CA LEU A 300 27.50 41.36 4.05
C LEU A 300 27.66 39.85 3.75
N GLU A 301 28.00 39.55 2.50
CA GLU A 301 28.19 38.20 2.02
C GLU A 301 29.18 37.45 2.89
N ASP A 302 30.34 38.07 3.18
CA ASP A 302 31.36 37.43 4.05
C ASP A 302 30.80 37.07 5.41
N PHE A 303 30.15 38.04 6.07
CA PHE A 303 29.47 37.72 7.35
C PHE A 303 28.47 36.59 7.29
N GLY A 304 27.62 36.58 6.26
CA GLY A 304 26.63 35.53 6.09
C GLY A 304 27.26 34.16 5.92
N ILE A 305 28.28 34.06 5.08
CA ILE A 305 28.95 32.76 4.84
C ILE A 305 29.63 32.29 6.13
N LYS A 306 30.34 33.21 6.77
CA LYS A 306 30.99 33.00 8.11
C LYS A 306 29.98 32.43 9.10
N ALA A 307 28.79 33.02 9.17
CA ALA A 307 27.74 32.55 10.07
C ALA A 307 26.96 31.30 9.67
N PHE A 308 26.73 31.08 8.36
CA PHE A 308 25.72 30.11 7.94
C PHE A 308 26.20 29.02 6.98
N GLY A 309 27.40 29.22 6.43
CA GLY A 309 28.05 28.29 5.50
C GLY A 309 28.09 26.86 6.05
N SER A 310 28.36 26.75 7.36
CA SER A 310 28.46 25.45 8.05
C SER A 310 27.11 24.72 8.09
N LYS A 311 26.04 25.48 7.91
CA LYS A 311 24.70 24.98 7.90
C LYS A 311 24.21 24.72 6.46
N GLY A 312 25.11 24.85 5.49
CA GLY A 312 24.78 24.65 4.06
C GLY A 312 23.99 25.83 3.46
N ILE A 313 24.10 26.98 4.09
CA ILE A 313 23.33 28.20 3.71
C ILE A 313 24.30 29.23 3.12
N TYR A 314 24.22 29.45 1.78
CA TYR A 314 25.14 30.33 1.07
C TYR A 314 24.40 31.33 0.15
N PRO A 315 25.12 32.29 -0.46
CA PRO A 315 24.42 33.10 -1.51
C PRO A 315 23.76 32.25 -2.57
N ASN A 316 22.54 32.65 -2.90
CA ASN A 316 21.85 32.10 -4.05
C ASN A 316 21.78 33.17 -5.16
N THR A 317 21.22 32.77 -6.29
CA THR A 317 21.19 33.58 -7.49
C THR A 317 20.59 34.97 -7.26
N ASP A 318 19.64 35.05 -6.34
CA ASP A 318 19.00 36.33 -6.07
C ASP A 318 19.80 37.28 -5.23
N TYR A 319 20.95 36.85 -4.71
CA TYR A 319 21.74 37.79 -3.90
C TYR A 319 22.34 38.94 -4.74
N PHE A 320 22.89 38.62 -5.92
CA PHE A 320 23.55 39.61 -6.79
C PHE A 320 22.76 40.00 -8.08
N SER A 321 21.74 39.21 -8.46
CA SER A 321 21.01 39.50 -9.70
C SER A 321 20.36 40.89 -9.70
N GLY A 322 19.88 41.34 -8.54
CA GLY A 322 19.25 42.67 -8.37
C GLY A 322 20.21 43.77 -8.80
N ILE A 323 21.48 43.64 -8.41
CA ILE A 323 22.47 44.64 -8.82
C ILE A 323 22.63 44.64 -10.34
N VAL A 324 22.57 43.46 -10.93
CA VAL A 324 22.71 43.37 -12.37
C VAL A 324 21.52 44.06 -13.07
N TYR A 325 20.29 43.78 -12.62
CA TYR A 325 19.12 44.33 -13.28
C TYR A 325 19.11 45.84 -13.06
N MET A 326 19.54 46.30 -11.90
N MET A 326 19.52 46.26 -11.87
CA MET A 326 19.53 47.76 -11.63
CA MET A 326 19.60 47.70 -11.57
C MET A 326 20.59 48.51 -12.45
C MET A 326 20.51 48.39 -12.56
N SER A 327 21.70 47.84 -12.72
CA SER A 327 22.72 48.33 -13.63
C SER A 327 22.21 48.43 -15.07
N ILE A 328 21.42 47.44 -15.51
CA ILE A 328 20.87 47.34 -16.88
C ILE A 328 19.88 48.50 -17.06
N GLY A 329 19.13 48.80 -16.01
CA GLY A 329 18.25 49.99 -15.90
C GLY A 329 16.89 49.75 -15.29
N PHE A 330 16.64 48.56 -14.73
CA PHE A 330 15.34 48.27 -14.15
C PHE A 330 15.27 48.71 -12.71
N PRO A 331 14.12 49.30 -12.32
CA PRO A 331 14.04 49.81 -10.95
C PRO A 331 13.55 48.74 -9.96
N LEU A 332 13.65 49.03 -8.68
CA LEU A 332 13.22 48.10 -7.62
C LEU A 332 11.68 47.92 -7.50
N ARG A 333 10.94 48.96 -7.84
CA ARG A 333 9.51 49.03 -7.52
C ARG A 333 8.69 47.87 -8.18
N ASN A 334 7.59 47.52 -7.51
CA ASN A 334 6.58 46.58 -8.05
C ASN A 334 7.15 45.15 -8.31
N ASN A 335 8.31 44.89 -7.72
CA ASN A 335 8.99 43.57 -7.94
C ASN A 335 9.09 43.26 -9.44
N ILE A 336 9.51 44.26 -10.18
CA ILE A 336 9.92 44.07 -11.58
C ILE A 336 10.92 42.94 -11.72
N TYR A 337 11.86 42.81 -10.79
CA TYR A 337 12.91 41.70 -10.97
C TYR A 337 12.31 40.30 -11.08
N THR A 338 11.24 40.11 -10.33
CA THR A 338 10.49 38.79 -10.32
C THR A 338 9.81 38.59 -11.69
N ALA A 339 9.29 39.66 -12.33
CA ALA A 339 8.77 39.57 -13.71
C ALA A 339 9.90 39.20 -14.67
N LEU A 340 11.11 39.69 -14.40
CA LEU A 340 12.28 39.33 -15.26
C LEU A 340 12.63 37.85 -15.07
N PHE A 341 12.53 37.37 -13.83
CA PHE A 341 12.66 35.93 -13.50
C PHE A 341 11.66 35.12 -14.34
N ALA A 342 10.37 35.50 -14.28
CA ALA A 342 9.33 34.80 -15.08
C ALA A 342 9.61 34.85 -16.60
N LEU A 343 10.05 36.03 -17.07
CA LEU A 343 10.35 36.22 -18.49
C LEU A 343 11.32 35.11 -18.94
N SER A 344 12.40 34.95 -18.19
CA SER A 344 13.39 33.91 -18.49
C SER A 344 12.84 32.47 -18.25
N ARG A 345 12.21 32.28 -17.11
CA ARG A 345 11.80 30.91 -16.63
C ARG A 345 10.70 30.26 -17.50
N VAL A 346 10.03 31.09 -18.34
CA VAL A 346 8.90 30.59 -19.15
C VAL A 346 9.40 29.47 -20.13
N THR A 347 10.67 29.60 -20.49
CA THR A 347 11.31 28.59 -21.34
C THR A 347 11.35 27.24 -20.62
N GLY A 348 11.94 27.25 -19.43
CA GLY A 348 11.99 26.01 -18.59
C GLY A 348 10.60 25.47 -18.24
N TRP A 349 9.67 26.31 -17.76
CA TRP A 349 8.33 25.86 -17.50
C TRP A 349 7.76 25.07 -18.73
N GLN A 350 7.75 25.74 -19.88
CA GLN A 350 7.13 25.10 -21.09
C GLN A 350 7.85 23.79 -21.43
N ALA A 351 9.17 23.80 -21.33
CA ALA A 351 10.00 22.60 -21.69
C ALA A 351 9.65 21.46 -20.73
N HIS A 352 9.48 21.74 -19.43
CA HIS A 352 9.03 20.71 -18.49
C HIS A 352 7.62 20.21 -18.75
N PHE A 353 6.73 21.15 -19.14
CA PHE A 353 5.35 20.79 -19.37
C PHE A 353 5.24 19.83 -20.55
N ILE A 354 5.96 20.15 -21.60
CA ILE A 354 5.94 19.35 -22.83
C ILE A 354 6.51 17.98 -22.47
N GLU A 355 7.67 17.98 -21.82
CA GLU A 355 8.27 16.70 -21.42
C GLU A 355 7.33 15.80 -20.56
N TYR A 356 6.58 16.39 -19.64
CA TYR A 356 5.70 15.63 -18.82
C TYR A 356 4.52 15.07 -19.63
N VAL A 357 3.84 15.93 -20.37
CA VAL A 357 2.65 15.53 -21.09
C VAL A 357 2.97 14.53 -22.21
N GLU A 358 4.05 14.78 -22.90
CA GLU A 358 4.36 14.02 -24.11
C GLU A 358 4.80 12.60 -23.72
N GLU A 359 5.63 12.49 -22.68
CA GLU A 359 6.32 11.21 -22.35
C GLU A 359 6.04 10.55 -21.03
N GLN A 360 5.40 11.22 -20.06
CA GLN A 360 5.14 10.58 -18.80
C GLN A 360 3.82 11.12 -18.15
N GLN A 361 2.81 11.32 -18.96
CA GLN A 361 1.55 11.93 -18.48
C GLN A 361 0.85 11.07 -17.44
N ARG A 362 0.50 11.66 -16.30
CA ARG A 362 -0.30 11.01 -15.26
C ARG A 362 -0.89 12.16 -14.46
N LEU A 363 -2.20 12.07 -14.17
CA LEU A 363 -2.86 13.10 -13.33
C LEU A 363 -2.15 13.14 -12.00
N ILE A 364 -1.79 14.35 -11.53
CA ILE A 364 -1.19 14.47 -10.21
C ILE A 364 -2.34 14.58 -9.19
N ARG A 365 -2.42 13.60 -8.31
CA ARG A 365 -3.57 13.53 -7.38
C ARG A 365 -3.09 12.82 -6.13
N PRO A 366 -2.53 13.61 -5.17
CA PRO A 366 -1.97 13.05 -3.93
C PRO A 366 -3.13 12.76 -2.94
N ARG A 367 -2.82 12.39 -1.70
CA ARG A 367 -3.82 12.22 -0.66
C ARG A 367 -3.47 13.09 0.55
N ALA A 368 -4.35 13.13 1.55
CA ALA A 368 -4.05 13.82 2.78
C ALA A 368 -4.29 12.84 3.92
N VAL A 369 -3.64 13.06 5.06
CA VAL A 369 -3.91 12.26 6.26
C VAL A 369 -5.02 12.95 7.05
N TYR A 370 -6.09 12.21 7.30
CA TYR A 370 -7.23 12.79 8.03
C TYR A 370 -7.02 12.81 9.56
N VAL A 371 -7.16 14.00 10.11
CA VAL A 371 -7.03 14.21 11.54
C VAL A 371 -8.20 15.02 12.06
N GLY A 372 -9.33 14.97 11.33
CA GLY A 372 -10.51 15.74 11.69
C GLY A 372 -11.45 14.97 12.64
N PRO A 373 -12.62 15.56 12.93
CA PRO A 373 -13.58 14.88 13.81
C PRO A 373 -14.05 13.53 13.29
N ALA A 374 -14.35 12.62 14.22
CA ALA A 374 -14.89 11.35 13.87
C ALA A 374 -16.33 11.54 13.38
N GLU A 375 -16.89 10.49 12.80
CA GLU A 375 -18.28 10.56 12.32
C GLU A 375 -19.23 11.13 13.37
N ARG A 376 -20.05 12.07 12.92
CA ARG A 376 -21.05 12.68 13.78
C ARG A 376 -22.37 13.00 13.04
N LYS A 377 -23.46 12.98 13.80
CA LYS A 377 -24.79 13.28 13.28
C LYS A 377 -24.97 14.77 13.08
N TYR A 378 -25.55 15.14 11.94
CA TYR A 378 -25.85 16.48 11.67
C TYR A 378 -26.95 16.94 12.64
N VAL A 379 -26.81 18.16 13.14
CA VAL A 379 -27.75 18.74 14.06
C VAL A 379 -28.32 20.01 13.45
N PRO A 380 -29.66 20.07 13.32
CA PRO A 380 -30.42 21.24 12.80
C PRO A 380 -29.99 22.57 13.43
N ILE A 381 -29.90 23.64 12.64
CA ILE A 381 -29.41 24.91 13.17
C ILE A 381 -30.22 25.42 14.37
N ALA A 382 -31.55 25.25 14.32
CA ALA A 382 -32.41 25.70 15.43
C ALA A 382 -31.96 25.14 16.78
N GLU A 383 -31.47 23.90 16.77
CA GLU A 383 -31.07 23.15 17.96
C GLU A 383 -29.60 23.32 18.38
N ARG A 384 -28.84 24.11 17.62
CA ARG A 384 -27.42 24.31 17.95
C ARG A 384 -27.18 25.28 19.11
N GLU B 5 3.89 -51.87 24.74
CA GLU B 5 4.97 -51.99 23.70
C GLU B 5 5.97 -50.81 23.68
N GLU B 6 6.97 -50.91 22.81
CA GLU B 6 8.10 -49.98 22.79
C GLU B 6 7.69 -48.64 22.23
N ILE B 7 8.07 -47.58 22.94
CA ILE B 7 7.89 -46.22 22.46
C ILE B 7 9.14 -45.82 21.70
N SER B 8 8.94 -45.32 20.49
CA SER B 8 10.02 -44.76 19.71
C SER B 8 10.22 -43.30 20.09
N LYS B 9 10.88 -43.06 21.23
CA LYS B 9 11.02 -41.70 21.82
C LYS B 9 11.78 -40.80 20.85
N GLY B 10 11.16 -39.67 20.48
CA GLY B 10 11.77 -38.74 19.52
C GLY B 10 11.86 -39.29 18.10
N LEU B 11 11.20 -40.41 17.82
CA LEU B 11 11.39 -41.17 16.59
C LEU B 11 12.87 -41.37 16.26
N GLU B 12 13.71 -41.43 17.30
CA GLU B 12 15.16 -41.52 17.09
C GLU B 12 15.46 -42.79 16.30
N ASP B 13 16.25 -42.66 15.22
CA ASP B 13 16.65 -43.83 14.39
C ASP B 13 15.51 -44.46 13.57
N VAL B 14 14.28 -43.95 13.69
CA VAL B 14 13.17 -44.43 12.88
C VAL B 14 13.31 -43.82 11.49
N ASN B 15 13.23 -44.64 10.45
CA ASN B 15 13.23 -44.10 9.10
C ASN B 15 11.81 -43.82 8.63
N ILE B 16 11.54 -42.56 8.34
CA ILE B 16 10.17 -42.15 7.94
C ILE B 16 9.93 -42.13 6.41
N LYS B 17 11.02 -42.10 5.65
CA LYS B 17 10.99 -42.11 4.19
C LYS B 17 12.34 -42.60 3.63
N TRP B 18 12.37 -42.92 2.32
CA TRP B 18 13.66 -42.94 1.59
C TRP B 18 13.86 -41.57 0.91
N THR B 19 15.10 -41.22 0.63
CA THR B 19 15.41 -39.95 -0.04
C THR B 19 16.63 -40.05 -0.96
N ARG B 20 16.56 -39.35 -2.10
CA ARG B 20 17.71 -39.16 -2.97
C ARG B 20 18.30 -37.75 -2.79
N LEU B 21 17.69 -36.96 -1.90
CA LEU B 21 17.98 -35.53 -1.81
C LEU B 21 19.24 -35.17 -1.01
N THR B 22 19.42 -35.82 0.14
CA THR B 22 20.42 -35.39 1.12
C THR B 22 20.93 -36.56 1.94
N THR B 23 22.24 -36.61 2.18
CA THR B 23 22.87 -37.56 3.15
C THR B 23 23.61 -36.77 4.18
N ILE B 24 23.54 -37.25 5.40
CA ILE B 24 24.30 -36.72 6.51
C ILE B 24 25.05 -37.92 7.09
N ASP B 25 26.35 -37.77 7.26
CA ASP B 25 27.14 -38.73 8.01
C ASP B 25 27.49 -37.97 9.28
N GLY B 26 26.80 -38.29 10.38
CA GLY B 26 26.97 -37.55 11.65
C GLY B 26 28.24 -37.90 12.42
N ASN B 27 28.80 -39.06 12.13
CA ASN B 27 30.09 -39.43 12.71
C ASN B 27 31.28 -38.75 12.00
N LYS B 28 31.21 -38.65 10.67
CA LYS B 28 32.28 -38.00 9.91
C LYS B 28 31.99 -36.54 9.58
N GLY B 29 30.74 -36.11 9.76
CA GLY B 29 30.40 -34.71 9.50
C GLY B 29 30.42 -34.34 8.02
N ILE B 30 29.85 -35.20 7.19
CA ILE B 30 29.68 -34.92 5.76
C ILE B 30 28.20 -34.59 5.49
N LEU B 31 27.97 -33.46 4.81
CA LEU B 31 26.65 -33.10 4.29
C LEU B 31 26.69 -33.06 2.74
N ARG B 32 25.89 -33.91 2.07
CA ARG B 32 25.84 -33.87 0.60
C ARG B 32 24.44 -33.63 0.09
N TYR B 33 24.36 -32.77 -0.92
CA TYR B 33 23.13 -32.51 -1.64
C TYR B 33 23.18 -33.24 -3.00
N GLY B 34 22.38 -34.30 -3.16
CA GLY B 34 22.32 -35.06 -4.43
C GLY B 34 23.70 -35.49 -4.93
N GLY B 35 24.56 -35.89 -4.00
CA GLY B 35 25.94 -36.33 -4.28
C GLY B 35 27.04 -35.29 -4.18
N TYR B 36 26.67 -34.01 -4.09
CA TYR B 36 27.62 -32.90 -3.97
C TYR B 36 27.82 -32.49 -2.53
N SER B 37 29.07 -32.42 -2.06
CA SER B 37 29.30 -31.93 -0.69
C SER B 37 29.16 -30.42 -0.62
N VAL B 38 28.77 -29.90 0.54
CA VAL B 38 28.53 -28.47 0.61
C VAL B 38 29.84 -27.68 0.49
N GLU B 39 30.94 -28.28 0.97
CA GLU B 39 32.28 -27.71 0.82
C GLU B 39 32.56 -27.49 -0.66
N ASP B 40 32.30 -28.50 -1.47
CA ASP B 40 32.50 -28.43 -2.92
C ASP B 40 31.62 -27.39 -3.59
N ILE B 41 30.31 -27.45 -3.30
CA ILE B 41 29.35 -26.48 -3.78
C ILE B 41 29.78 -25.05 -3.50
N ILE B 42 30.26 -24.78 -2.29
CA ILE B 42 30.59 -23.41 -1.93
C ILE B 42 31.91 -23.01 -2.59
N ALA B 43 32.89 -23.91 -2.54
CA ALA B 43 34.22 -23.71 -3.13
C ALA B 43 34.18 -23.53 -4.65
N SER B 44 33.11 -24.05 -5.27
CA SER B 44 32.91 -23.89 -6.70
C SER B 44 32.10 -22.65 -7.04
N GLY B 45 31.62 -21.93 -6.03
CA GLY B 45 30.89 -20.68 -6.22
C GLY B 45 29.54 -20.86 -6.90
N ALA B 46 28.91 -22.01 -6.65
CA ALA B 46 27.57 -22.29 -7.17
C ALA B 46 26.57 -21.21 -6.83
N GLN B 47 25.62 -21.02 -7.73
CA GLN B 47 24.53 -20.13 -7.51
C GLN B 47 23.48 -20.89 -6.71
N ASP B 48 22.84 -20.20 -5.80
CA ASP B 48 21.82 -20.85 -5.01
C ASP B 48 20.74 -21.42 -5.93
N GLU B 49 20.43 -20.74 -7.03
CA GLU B 49 19.39 -21.21 -7.95
C GLU B 49 19.75 -22.54 -8.60
N GLU B 50 21.05 -22.79 -8.77
CA GLU B 50 21.54 -24.08 -9.25
C GLU B 50 21.23 -25.16 -8.20
N ILE B 51 21.33 -24.80 -6.91
CA ILE B 51 21.06 -25.80 -5.86
C ILE B 51 19.53 -26.01 -5.70
N GLN B 52 18.78 -24.92 -5.78
CA GLN B 52 17.33 -25.03 -5.81
C GLN B 52 16.93 -26.02 -6.92
N TYR B 53 17.43 -25.77 -8.14
CA TYR B 53 17.19 -26.67 -9.31
C TYR B 53 17.58 -28.13 -9.07
N LEU B 54 18.78 -28.34 -8.53
CA LEU B 54 19.24 -29.65 -8.13
C LEU B 54 18.19 -30.36 -7.23
N PHE B 55 17.64 -29.62 -6.28
CA PHE B 55 16.68 -30.23 -5.34
C PHE B 55 15.37 -30.70 -5.99
N LEU B 56 14.91 -29.91 -6.95
CA LEU B 56 13.64 -30.15 -7.60
C LEU B 56 13.72 -31.13 -8.76
N TYR B 57 14.92 -31.24 -9.35
CA TYR B 57 15.08 -31.95 -10.63
C TYR B 57 16.04 -33.11 -10.54
N GLY B 58 16.87 -33.10 -9.50
CA GLY B 58 17.78 -34.21 -9.24
C GLY B 58 19.15 -34.02 -9.83
N ASN B 59 19.31 -33.00 -10.68
CA ASN B 59 20.60 -32.72 -11.29
C ASN B 59 20.84 -31.23 -11.39
N LEU B 60 22.12 -30.86 -11.51
CA LEU B 60 22.49 -29.48 -11.74
C LEU B 60 21.93 -28.99 -13.07
N PRO B 61 21.52 -27.71 -13.15
CA PRO B 61 20.93 -27.22 -14.39
C PRO B 61 21.96 -26.92 -15.51
N THR B 62 21.51 -27.06 -16.76
CA THR B 62 22.27 -26.52 -17.88
C THR B 62 21.92 -25.04 -17.91
N GLU B 63 22.73 -24.25 -18.61
CA GLU B 63 22.50 -22.82 -18.70
C GLU B 63 21.10 -22.52 -19.27
N GLN B 64 20.67 -23.30 -20.26
CA GLN B 64 19.31 -23.17 -20.79
C GLN B 64 18.24 -23.54 -19.74
N GLU B 65 18.40 -24.67 -19.07
CA GLU B 65 17.52 -25.03 -17.94
C GLU B 65 17.45 -23.97 -16.84
N LEU B 66 18.61 -23.40 -16.47
CA LEU B 66 18.69 -22.39 -15.39
C LEU B 66 17.99 -21.04 -15.71
N ARG B 67 18.09 -20.59 -16.96
CA ARG B 67 17.37 -19.38 -17.40
C ARG B 67 15.86 -19.58 -17.26
N LYS B 68 15.38 -20.73 -17.78
CA LYS B 68 13.96 -21.09 -17.68
C LYS B 68 13.58 -21.19 -16.20
N TYR B 69 14.36 -21.96 -15.44
CA TYR B 69 14.13 -22.11 -13.99
C TYR B 69 13.97 -20.77 -13.27
N LYS B 70 14.91 -19.86 -13.51
CA LYS B 70 14.93 -18.53 -12.88
C LYS B 70 13.69 -17.68 -13.18
N GLU B 71 13.19 -17.74 -14.41
CA GLU B 71 11.95 -17.04 -14.74
C GLU B 71 10.76 -17.52 -13.93
N THR B 72 10.63 -18.83 -13.85
CA THR B 72 9.57 -19.47 -13.04
C THR B 72 9.61 -18.97 -11.59
N VAL B 73 10.79 -19.01 -10.96
CA VAL B 73 10.98 -18.50 -9.58
C VAL B 73 10.55 -17.06 -9.48
N GLN B 74 10.95 -16.26 -10.47
CA GLN B 74 10.60 -14.86 -10.54
C GLN B 74 9.08 -14.61 -10.63
N LYS B 75 8.30 -15.57 -11.13
CA LYS B 75 6.83 -15.45 -11.04
C LYS B 75 6.39 -15.25 -9.59
N GLY B 76 7.16 -15.86 -8.68
CA GLY B 76 6.85 -15.79 -7.25
C GLY B 76 7.03 -14.44 -6.60
N TYR B 77 7.75 -13.52 -7.27
CA TYR B 77 8.05 -12.24 -6.66
C TYR B 77 6.81 -11.39 -6.50
N LYS B 78 5.80 -11.67 -7.32
CA LYS B 78 4.50 -11.05 -7.14
C LYS B 78 3.59 -11.97 -6.29
N ILE B 79 3.12 -11.41 -5.18
CA ILE B 79 2.21 -12.11 -4.30
C ILE B 79 1.04 -11.15 -4.04
N PRO B 80 -0.15 -11.70 -3.73
CA PRO B 80 -1.33 -10.87 -3.52
C PRO B 80 -1.22 -9.96 -2.32
N ASP B 81 -1.95 -8.85 -2.38
CA ASP B 81 -2.07 -7.93 -1.25
C ASP B 81 -2.54 -8.56 0.07
N PHE B 82 -3.49 -9.49 0.02
CA PHE B 82 -3.96 -10.09 1.28
C PHE B 82 -2.87 -10.92 2.02
N VAL B 83 -1.98 -11.57 1.25
CA VAL B 83 -0.79 -12.30 1.79
C VAL B 83 0.15 -11.27 2.46
N ILE B 84 0.44 -10.17 1.78
CA ILE B 84 1.20 -9.08 2.43
C ILE B 84 0.45 -8.60 3.69
N ASN B 85 -0.88 -8.46 3.60
CA ASN B 85 -1.63 -8.03 4.80
C ASN B 85 -1.66 -9.05 5.97
N ALA B 86 -1.64 -10.33 5.62
CA ALA B 86 -1.49 -11.41 6.61
C ALA B 86 -0.26 -11.17 7.50
N ILE B 87 0.77 -10.52 6.96
CA ILE B 87 1.95 -10.12 7.74
C ILE B 87 1.72 -8.79 8.50
N ARG B 88 1.35 -7.75 7.75
CA ARG B 88 1.33 -6.37 8.29
C ARG B 88 0.23 -6.11 9.31
N GLN B 89 -0.83 -6.93 9.30
CA GLN B 89 -1.88 -6.80 10.32
C GLN B 89 -1.49 -7.39 11.69
N LEU B 90 -0.37 -8.12 11.71
CA LEU B 90 0.12 -8.75 12.93
C LEU B 90 0.87 -7.76 13.83
N PRO B 91 0.81 -7.96 15.15
CA PRO B 91 1.64 -7.15 16.06
C PRO B 91 3.11 -7.24 15.64
N ARG B 92 3.79 -6.09 15.68
CA ARG B 92 5.15 -6.00 15.22
C ARG B 92 6.12 -6.80 16.10
N GLU B 93 5.74 -7.09 17.35
CA GLU B 93 6.60 -7.90 18.26
C GLU B 93 6.64 -9.39 17.87
N SER B 94 5.78 -9.79 16.95
CA SER B 94 5.64 -11.23 16.57
C SER B 94 6.97 -11.74 16.06
N ASP B 95 7.31 -12.99 16.39
CA ASP B 95 8.45 -13.63 15.73
C ASP B 95 8.33 -13.62 14.22
N ALA B 96 9.46 -13.41 13.54
CA ALA B 96 9.50 -13.38 12.09
C ALA B 96 9.00 -14.67 11.45
N VAL B 97 9.40 -15.81 12.02
CA VAL B 97 8.98 -17.11 11.47
C VAL B 97 7.43 -17.31 11.60
N ALA B 98 6.85 -16.69 12.62
CA ALA B 98 5.43 -16.80 12.85
C ALA B 98 4.71 -15.95 11.81
N MET B 99 5.31 -14.80 11.48
CA MET B 99 4.73 -13.91 10.42
C MET B 99 4.74 -14.66 9.08
N GLN B 100 5.84 -15.35 8.82
CA GLN B 100 5.91 -16.21 7.66
C GLN B 100 4.79 -17.27 7.67
N MET B 101 4.62 -17.97 8.81
CA MET B 101 3.56 -18.99 8.96
C MET B 101 2.15 -18.43 8.64
N ALA B 102 1.85 -17.29 9.21
CA ALA B 102 0.61 -16.60 8.93
C ALA B 102 0.37 -16.30 7.43
N ALA B 103 1.41 -15.85 6.72
CA ALA B 103 1.34 -15.49 5.29
C ALA B 103 1.14 -16.75 4.42
N VAL B 104 1.92 -17.79 4.73
CA VAL B 104 1.83 -19.04 3.99
C VAL B 104 0.45 -19.68 4.26
N ALA B 105 -0.02 -19.61 5.50
CA ALA B 105 -1.35 -20.17 5.83
C ALA B 105 -2.47 -19.50 4.98
N ALA B 106 -2.42 -18.15 4.91
CA ALA B 106 -3.33 -17.34 4.09
C ALA B 106 -3.29 -17.79 2.65
N MET B 107 -2.06 -17.98 2.18
CA MET B 107 -1.78 -18.52 0.83
C MET B 107 -2.35 -19.92 0.63
N ALA B 108 -2.06 -20.84 1.56
CA ALA B 108 -2.67 -22.17 1.49
C ALA B 108 -4.21 -22.11 1.33
N ALA B 109 -4.88 -21.25 2.12
CA ALA B 109 -6.32 -21.07 2.00
C ALA B 109 -6.70 -20.74 0.55
N SER B 110 -6.02 -19.75 -0.03
CA SER B 110 -6.44 -19.22 -1.33
C SER B 110 -6.13 -20.12 -2.52
N GLU B 111 -5.16 -21.04 -2.36
CA GLU B 111 -4.69 -21.92 -3.44
C GLU B 111 -5.59 -23.14 -3.60
N THR B 112 -6.85 -22.85 -3.98
CA THR B 112 -7.92 -23.86 -4.01
C THR B 112 -7.76 -24.83 -5.16
N LYS B 113 -6.94 -24.47 -6.15
CA LYS B 113 -6.73 -25.31 -7.31
C LYS B 113 -5.46 -26.14 -7.25
N PHE B 114 -4.72 -26.08 -6.13
CA PHE B 114 -3.53 -26.90 -6.04
C PHE B 114 -3.92 -28.39 -6.07
N LYS B 115 -3.20 -29.17 -6.86
N LYS B 115 -3.21 -29.16 -6.87
CA LYS B 115 -3.36 -30.61 -6.84
CA LYS B 115 -3.33 -30.60 -6.89
C LYS B 115 -2.01 -31.28 -7.14
C LYS B 115 -1.93 -31.18 -7.03
N TRP B 116 -1.70 -32.32 -6.38
CA TRP B 116 -0.43 -33.04 -6.53
C TRP B 116 -0.37 -33.69 -7.91
N ASN B 117 0.67 -33.35 -8.66
CA ASN B 117 0.78 -33.76 -10.05
C ASN B 117 2.23 -33.65 -10.51
N LYS B 118 2.77 -34.78 -10.97
CA LYS B 118 4.17 -34.88 -11.40
C LYS B 118 4.52 -33.86 -12.52
N ASP B 119 3.52 -33.45 -13.28
CA ASP B 119 3.70 -32.51 -14.37
C ASP B 119 3.79 -31.05 -13.91
N THR B 120 3.39 -30.76 -12.67
CA THR B 120 3.28 -29.35 -12.23
C THR B 120 3.89 -29.03 -10.86
N ASP B 121 4.17 -30.07 -10.07
CA ASP B 121 4.71 -29.91 -8.69
C ASP B 121 5.96 -29.00 -8.64
N ARG B 122 6.93 -29.28 -9.53
CA ARG B 122 8.19 -28.52 -9.56
C ARG B 122 8.02 -27.04 -9.95
N ASP B 123 7.12 -26.77 -10.90
CA ASP B 123 6.80 -25.40 -11.24
C ASP B 123 6.09 -24.73 -10.09
N VAL B 124 5.21 -25.47 -9.41
CA VAL B 124 4.58 -24.90 -8.20
C VAL B 124 5.65 -24.52 -7.15
N ALA B 125 6.58 -25.45 -6.90
CA ALA B 125 7.65 -25.28 -5.89
C ALA B 125 8.58 -24.11 -6.24
N ALA B 126 8.93 -24.01 -7.52
CA ALA B 126 9.84 -22.96 -8.02
C ALA B 126 9.24 -21.58 -7.79
N GLU B 127 7.99 -21.41 -8.22
CA GLU B 127 7.30 -20.14 -7.94
C GLU B 127 7.18 -19.86 -6.44
N MET B 128 6.94 -20.90 -5.63
CA MET B 128 6.80 -20.73 -4.18
C MET B 128 8.14 -20.33 -3.52
N ILE B 129 9.25 -20.86 -4.03
CA ILE B 129 10.61 -20.36 -3.59
C ILE B 129 10.74 -18.86 -3.87
N GLY B 130 10.21 -18.43 -5.02
CA GLY B 130 10.12 -16.97 -5.29
C GLY B 130 9.20 -16.27 -4.31
N ARG B 131 8.04 -16.87 -4.04
CA ARG B 131 7.08 -16.27 -3.10
C ARG B 131 7.67 -16.17 -1.71
N MET B 132 8.54 -17.12 -1.38
CA MET B 132 9.12 -17.15 -0.02
C MET B 132 10.05 -15.96 0.17
N SER B 133 10.73 -15.59 -0.92
CA SER B 133 11.54 -14.34 -0.91
C SER B 133 10.66 -13.11 -0.71
N ALA B 134 9.59 -12.99 -1.51
CA ALA B 134 8.60 -11.90 -1.32
C ALA B 134 8.01 -11.83 0.08
N ILE B 135 7.63 -12.99 0.64
CA ILE B 135 7.08 -13.05 2.00
C ILE B 135 8.13 -12.54 3.02
N THR B 136 9.34 -13.06 2.88
CA THR B 136 10.41 -12.75 3.85
C THR B 136 10.83 -11.28 3.78
N VAL B 137 10.86 -10.73 2.57
CA VAL B 137 11.11 -9.28 2.39
C VAL B 137 10.09 -8.51 3.21
N ASN B 138 8.81 -8.88 3.11
CA ASN B 138 7.75 -8.12 3.75
C ASN B 138 7.66 -8.37 5.24
N VAL B 139 8.07 -9.56 5.67
CA VAL B 139 8.20 -9.83 7.10
C VAL B 139 9.24 -8.89 7.73
N TYR B 140 10.40 -8.81 7.08
CA TYR B 140 11.46 -7.88 7.50
C TYR B 140 10.98 -6.42 7.48
N ARG B 141 10.44 -6.01 6.31
CA ARG B 141 9.96 -4.62 6.23
C ARG B 141 8.98 -4.32 7.37
N HIS B 142 8.06 -5.26 7.63
CA HIS B 142 7.03 -5.04 8.67
C HIS B 142 7.63 -4.84 10.06
N ILE B 143 8.46 -5.81 10.46
CA ILE B 143 9.26 -5.71 11.67
C ILE B 143 9.92 -4.34 11.80
N MET B 144 10.55 -3.90 10.71
CA MET B 144 11.34 -2.64 10.67
C MET B 144 10.50 -1.39 10.41
N ASN B 145 9.18 -1.53 10.41
CA ASN B 145 8.29 -0.39 10.22
C ASN B 145 8.64 0.37 8.92
N MET B 146 8.86 -0.40 7.85
CA MET B 146 9.10 0.12 6.52
C MET B 146 7.89 -0.19 5.64
N PRO B 147 7.79 0.45 4.44
CA PRO B 147 6.65 0.12 3.58
C PRO B 147 6.85 -1.23 2.92
N ALA B 148 5.77 -1.87 2.48
CA ALA B 148 5.87 -3.09 1.67
C ALA B 148 6.80 -2.90 0.49
N GLU B 149 7.41 -3.99 0.07
CA GLU B 149 8.21 -4.01 -1.14
C GLU B 149 8.22 -5.43 -1.70
N LEU B 150 8.45 -5.56 -3.00
CA LEU B 150 8.57 -6.90 -3.59
C LEU B 150 9.90 -7.04 -4.27
N PRO B 151 10.46 -8.26 -4.29
CA PRO B 151 11.69 -8.45 -5.04
C PRO B 151 11.51 -8.28 -6.55
N LYS B 152 12.57 -7.77 -7.18
CA LYS B 152 12.65 -7.55 -8.61
C LYS B 152 13.67 -8.53 -9.20
N PRO B 153 13.46 -9.01 -10.45
CA PRO B 153 14.51 -9.86 -11.04
C PRO B 153 15.86 -9.12 -11.08
N SER B 154 16.96 -9.86 -10.95
CA SER B 154 18.27 -9.26 -10.91
C SER B 154 19.24 -10.36 -11.30
N ASP B 155 20.54 -10.10 -11.15
CA ASP B 155 21.55 -11.10 -11.49
C ASP B 155 21.45 -12.39 -10.63
N SER B 156 20.79 -12.31 -9.48
CA SER B 156 20.65 -13.49 -8.60
C SER B 156 19.52 -13.36 -7.59
N TYR B 157 19.01 -14.51 -7.19
CA TYR B 157 17.99 -14.64 -6.16
C TYR B 157 18.44 -13.95 -4.86
N ALA B 158 19.69 -14.21 -4.45
CA ALA B 158 20.26 -13.62 -3.22
C ALA B 158 20.23 -12.11 -3.30
N GLU B 159 20.65 -11.56 -4.46
CA GLU B 159 20.61 -10.12 -4.69
C GLU B 159 19.20 -9.55 -4.71
N SER B 160 18.29 -10.16 -5.47
CA SER B 160 16.90 -9.71 -5.46
C SER B 160 16.34 -9.64 -4.04
N PHE B 161 16.58 -10.67 -3.24
CA PHE B 161 16.15 -10.64 -1.86
C PHE B 161 16.74 -9.50 -1.00
N LEU B 162 18.07 -9.41 -0.99
CA LEU B 162 18.73 -8.36 -0.19
C LEU B 162 18.31 -6.94 -0.62
N ASN B 163 18.32 -6.70 -1.94
CA ASN B 163 17.98 -5.33 -2.44
C ASN B 163 16.59 -4.92 -1.95
N ALA B 164 15.62 -5.83 -2.08
CA ALA B 164 14.25 -5.55 -1.64
C ALA B 164 14.08 -5.44 -0.12
N ALA B 165 14.71 -6.36 0.63
CA ALA B 165 14.62 -6.29 2.08
C ALA B 165 15.17 -4.95 2.61
N PHE B 166 16.37 -4.57 2.14
CA PHE B 166 17.00 -3.37 2.67
C PHE B 166 16.61 -2.10 1.91
N GLY B 167 16.18 -2.24 0.66
CA GLY B 167 15.82 -1.08 -0.18
C GLY B 167 17.04 -0.27 -0.57
N ARG B 168 18.13 -0.97 -0.85
CA ARG B 168 19.38 -0.36 -1.23
C ARG B 168 20.02 -1.42 -2.08
N LYS B 169 21.01 -1.05 -2.87
CA LYS B 169 21.74 -2.03 -3.64
C LYS B 169 22.78 -2.73 -2.73
N ALA B 170 22.65 -4.04 -2.58
CA ALA B 170 23.66 -4.86 -1.87
C ALA B 170 25.02 -4.92 -2.58
N THR B 171 26.11 -5.00 -1.80
CA THR B 171 27.45 -5.17 -2.37
C THR B 171 27.68 -6.61 -2.80
N LYS B 172 28.70 -6.82 -3.62
CA LYS B 172 29.08 -8.17 -4.07
C LYS B 172 29.37 -9.09 -2.86
N GLU B 173 30.04 -8.52 -1.87
CA GLU B 173 30.36 -9.19 -0.61
C GLU B 173 29.09 -9.69 0.11
N GLU B 174 28.11 -8.81 0.26
CA GLU B 174 26.90 -9.15 1.02
C GLU B 174 26.08 -10.19 0.24
N ILE B 175 25.99 -10.01 -1.08
CA ILE B 175 25.25 -10.94 -1.94
C ILE B 175 25.82 -12.35 -1.88
N ASP B 176 27.15 -12.45 -1.96
CA ASP B 176 27.79 -13.75 -2.02
C ASP B 176 27.63 -14.49 -0.66
N ALA B 177 27.69 -13.74 0.44
CA ALA B 177 27.47 -14.32 1.78
C ALA B 177 26.02 -14.84 1.89
N MET B 178 25.04 -14.02 1.49
CA MET B 178 23.63 -14.44 1.46
C MET B 178 23.44 -15.69 0.57
N ASN B 179 24.02 -15.67 -0.63
CA ASN B 179 24.05 -16.84 -1.50
C ASN B 179 24.52 -18.10 -0.78
N THR B 180 25.63 -17.99 -0.05
CA THR B 180 26.20 -19.11 0.67
C THR B 180 25.26 -19.57 1.79
N ALA B 181 24.71 -18.65 2.56
CA ALA B 181 23.75 -18.99 3.62
C ALA B 181 22.52 -19.72 3.03
N LEU B 182 21.98 -19.21 1.92
CA LEU B 182 20.84 -19.86 1.27
C LEU B 182 21.18 -21.30 0.92
N ILE B 183 22.34 -21.55 0.31
CA ILE B 183 22.77 -22.94 0.05
C ILE B 183 22.90 -23.82 1.32
N LEU B 184 23.61 -23.30 2.32
CA LEU B 184 23.93 -24.06 3.51
C LEU B 184 22.67 -24.45 4.34
N TYR B 185 21.58 -23.66 4.29
CA TYR B 185 20.31 -24.04 4.95
C TYR B 185 19.27 -24.72 4.06
N THR B 186 19.60 -24.95 2.78
CA THR B 186 18.64 -25.47 1.80
C THR B 186 17.89 -26.72 2.32
N ASP B 187 18.64 -27.64 2.92
CA ASP B 187 18.07 -28.91 3.37
C ASP B 187 18.93 -29.63 4.40
N HIS B 188 18.27 -30.41 5.24
CA HIS B 188 19.03 -31.22 6.20
C HIS B 188 18.31 -32.53 6.48
N GLU B 189 17.78 -33.10 5.40
CA GLU B 189 17.11 -34.40 5.42
C GLU B 189 15.75 -34.33 6.18
N VAL B 190 15.59 -34.94 7.37
CA VAL B 190 14.26 -34.95 8.02
C VAL B 190 14.28 -34.44 9.48
N PRO B 191 14.69 -33.18 9.68
CA PRO B 191 14.56 -32.55 10.98
C PRO B 191 13.09 -32.33 11.36
N ALA B 192 12.83 -31.75 12.52
CA ALA B 192 11.44 -31.66 12.98
C ALA B 192 10.57 -30.91 11.96
N SER B 193 11.09 -29.81 11.40
CA SER B 193 10.21 -28.98 10.57
C SER B 193 9.82 -29.79 9.33
N THR B 194 10.82 -30.39 8.65
CA THR B 194 10.56 -31.23 7.46
C THR B 194 9.59 -32.37 7.80
N THR B 195 9.81 -32.97 8.97
CA THR B 195 8.96 -34.07 9.45
C THR B 195 7.49 -33.61 9.64
N ALA B 196 7.27 -32.47 10.31
CA ALA B 196 5.90 -31.98 10.49
C ALA B 196 5.21 -31.71 9.16
N GLY B 197 5.97 -31.12 8.20
CA GLY B 197 5.47 -30.94 6.81
C GLY B 197 5.09 -32.26 6.15
N LEU B 198 5.90 -33.29 6.38
CA LEU B 198 5.68 -34.59 5.75
C LEU B 198 4.41 -35.26 6.30
N VAL B 199 4.20 -35.16 7.61
CA VAL B 199 2.98 -35.68 8.20
C VAL B 199 1.80 -34.97 7.51
N ALA B 200 1.90 -33.66 7.37
CA ALA B 200 0.82 -32.90 6.71
C ALA B 200 0.55 -33.31 5.25
N VAL B 201 1.60 -33.42 4.43
CA VAL B 201 1.32 -33.77 3.02
C VAL B 201 0.98 -35.26 2.85
N SER B 202 1.25 -36.06 3.89
CA SER B 202 0.92 -37.50 3.86
C SER B 202 -0.59 -37.73 3.85
N THR B 203 -1.35 -36.70 4.20
CA THR B 203 -2.80 -36.76 4.12
C THR B 203 -3.28 -36.23 2.76
N LEU B 204 -2.31 -35.88 1.89
CA LEU B 204 -2.53 -35.20 0.58
C LEU B 204 -2.94 -33.75 0.72
N SER B 205 -2.68 -33.19 1.90
CA SER B 205 -2.76 -31.75 2.07
C SER B 205 -1.84 -31.01 1.07
N ASP B 206 -2.18 -29.75 0.78
CA ASP B 206 -1.47 -29.02 -0.29
C ASP B 206 -0.01 -28.67 0.10
N MET B 207 0.81 -28.33 -0.90
CA MET B 207 2.20 -27.90 -0.67
C MET B 207 2.34 -26.80 0.38
N TYR B 208 1.44 -25.82 0.33
CA TYR B 208 1.48 -24.67 1.20
C TYR B 208 1.17 -24.98 2.65
N SER B 209 0.17 -25.84 2.84
CA SER B 209 -0.14 -26.40 4.15
C SER B 209 1.07 -27.16 4.70
N GLY B 210 1.77 -27.92 3.84
CA GLY B 210 3.05 -28.62 4.22
C GLY B 210 4.08 -27.63 4.80
N ILE B 211 4.30 -26.57 4.05
CA ILE B 211 5.17 -25.47 4.51
C ILE B 211 4.71 -24.88 5.81
N THR B 212 3.41 -24.65 5.96
CA THR B 212 2.87 -24.03 7.16
C THR B 212 3.19 -24.90 8.44
N ALA B 213 2.98 -26.20 8.29
CA ALA B 213 3.30 -27.18 9.36
C ALA B 213 4.80 -27.14 9.70
N ALA B 214 5.63 -27.15 8.67
CA ALA B 214 7.10 -27.03 8.83
C ALA B 214 7.47 -25.77 9.60
N LEU B 215 6.86 -24.64 9.22
CA LEU B 215 7.13 -23.38 9.90
C LEU B 215 6.71 -23.43 11.42
N ALA B 216 5.59 -24.12 11.69
CA ALA B 216 5.03 -24.25 13.04
C ALA B 216 6.08 -24.94 13.91
N ALA B 217 6.73 -25.94 13.33
CA ALA B 217 7.75 -26.74 14.06
C ALA B 217 9.04 -25.90 14.19
N LEU B 218 9.49 -25.30 13.08
CA LEU B 218 10.67 -24.40 13.09
C LEU B 218 10.63 -23.35 14.19
N LYS B 219 9.44 -22.85 14.49
CA LYS B 219 9.26 -21.80 15.47
C LYS B 219 9.76 -22.17 16.90
N GLY B 220 9.74 -23.46 17.25
CA GLY B 220 10.11 -23.80 18.63
C GLY B 220 11.63 -23.68 18.88
N PRO B 221 12.01 -23.27 20.09
CA PRO B 221 13.42 -22.95 20.45
C PRO B 221 14.38 -24.16 20.37
N LEU B 222 13.84 -25.38 20.27
CA LEU B 222 14.69 -26.57 20.03
C LEU B 222 14.97 -26.80 18.57
N HIS B 223 14.50 -25.88 17.72
CA HIS B 223 14.74 -25.98 16.28
C HIS B 223 15.13 -24.60 15.74
N GLY B 224 14.19 -23.67 15.72
CA GLY B 224 14.51 -22.27 15.42
C GLY B 224 15.25 -21.55 16.54
N GLY B 225 15.67 -20.32 16.27
CA GLY B 225 16.06 -19.40 17.35
C GLY B 225 17.51 -19.52 17.83
N ALA B 226 18.21 -20.54 17.36
CA ALA B 226 19.57 -20.84 17.89
C ALA B 226 20.64 -19.84 17.44
N ALA B 227 20.57 -19.34 16.20
CA ALA B 227 21.60 -18.38 15.75
C ALA B 227 21.48 -17.11 16.60
N GLU B 228 20.23 -16.73 16.86
CA GLU B 228 19.93 -15.58 17.72
C GLU B 228 20.38 -15.80 19.20
N ALA B 229 20.05 -16.97 19.73
CA ALA B 229 20.45 -17.38 21.09
C ALA B 229 22.02 -17.38 21.17
N ALA B 230 22.69 -17.81 20.10
CA ALA B 230 24.20 -17.75 20.09
C ALA B 230 24.74 -16.35 20.21
N ILE B 231 24.21 -15.45 19.35
CA ILE B 231 24.54 -14.03 19.44
C ILE B 231 24.23 -13.45 20.84
N ALA B 232 23.06 -13.78 21.38
CA ALA B 232 22.68 -13.36 22.72
C ALA B 232 23.76 -13.79 23.76
N GLN B 233 24.21 -15.02 23.70
CA GLN B 233 25.18 -15.46 24.71
C GLN B 233 26.54 -14.73 24.53
N PHE B 234 26.92 -14.43 23.28
CA PHE B 234 28.16 -13.67 23.03
C PHE B 234 28.07 -12.29 23.62
N ASP B 235 26.91 -11.65 23.43
CA ASP B 235 26.66 -10.33 23.92
C ASP B 235 26.63 -10.26 25.45
N GLU B 236 26.10 -11.28 26.12
CA GLU B 236 26.11 -11.23 27.60
C GLU B 236 27.52 -11.38 28.16
N ILE B 237 28.38 -12.13 27.47
CA ILE B 237 29.80 -12.24 27.82
C ILE B 237 30.46 -10.87 27.78
N LYS B 238 30.14 -10.10 26.74
CA LYS B 238 30.60 -8.72 26.54
C LYS B 238 32.08 -8.55 26.14
N ASP B 239 32.98 -8.98 27.04
CA ASP B 239 34.42 -8.72 26.94
C ASP B 239 35.09 -10.05 26.69
N PRO B 240 35.97 -10.14 25.68
CA PRO B 240 36.70 -11.40 25.37
C PRO B 240 37.51 -11.95 26.55
N ALA B 241 37.94 -11.08 27.44
CA ALA B 241 38.71 -11.46 28.63
C ALA B 241 37.83 -12.15 29.66
N MET B 242 36.51 -11.98 29.52
CA MET B 242 35.61 -12.52 30.54
C MET B 242 34.95 -13.82 30.11
N VAL B 243 35.44 -14.40 29.02
CA VAL B 243 34.89 -15.61 28.43
C VAL B 243 34.99 -16.81 29.38
N GLU B 244 36.17 -17.01 29.96
CA GLU B 244 36.33 -18.24 30.76
C GLU B 244 35.48 -18.19 32.04
N LYS B 245 35.44 -17.04 32.67
CA LYS B 245 34.61 -16.84 33.84
C LYS B 245 33.14 -17.07 33.52
N TRP B 246 32.66 -16.49 32.41
CA TRP B 246 31.24 -16.68 32.02
C TRP B 246 30.98 -18.19 31.77
N PHE B 247 31.87 -18.85 31.05
CA PHE B 247 31.77 -20.26 30.75
C PHE B 247 31.69 -21.10 32.01
N ASN B 248 32.57 -20.81 32.97
CA ASN B 248 32.53 -21.58 34.22
C ASN B 248 31.26 -21.29 35.01
N ASP B 249 30.92 -20.02 35.12
CA ASP B 249 29.78 -19.62 35.96
C ASP B 249 28.47 -20.09 35.36
N ASN B 250 28.40 -20.19 34.03
CA ASN B 250 27.13 -20.42 33.36
C ASN B 250 26.93 -21.76 32.70
N ILE B 251 27.99 -22.28 32.11
CA ILE B 251 27.93 -23.48 31.32
C ILE B 251 28.42 -24.69 32.11
N ILE B 252 29.65 -24.62 32.61
CA ILE B 252 30.19 -25.69 33.44
C ILE B 252 29.28 -26.07 34.61
N ASN B 253 28.77 -25.03 35.29
CA ASN B 253 27.95 -25.23 36.48
C ASN B 253 26.46 -25.49 36.13
N GLY B 254 26.15 -25.69 34.83
CA GLY B 254 24.80 -26.12 34.35
C GLY B 254 23.64 -25.11 34.43
N LYS B 255 23.98 -23.84 34.54
CA LYS B 255 22.96 -22.81 34.70
C LYS B 255 22.25 -22.49 33.37
N LYS B 256 23.04 -22.45 32.30
CA LYS B 256 22.53 -22.20 30.94
C LYS B 256 23.01 -23.25 29.99
N ARG B 257 22.25 -23.39 28.92
CA ARG B 257 22.65 -24.21 27.80
C ARG B 257 23.67 -23.48 26.93
N LEU B 258 24.71 -24.18 26.49
CA LEU B 258 25.66 -23.61 25.49
C LEU B 258 24.99 -23.60 24.08
N MET B 259 24.64 -22.41 23.62
CA MET B 259 23.86 -22.21 22.37
C MET B 259 24.74 -22.41 21.13
N GLY B 260 24.15 -22.98 20.08
CA GLY B 260 24.86 -23.34 18.86
C GLY B 260 25.86 -24.48 18.98
N PHE B 261 25.73 -25.29 20.05
CA PHE B 261 26.51 -26.53 20.16
C PHE B 261 25.57 -27.73 20.17
N GLY B 262 26.06 -28.87 19.71
CA GLY B 262 25.26 -30.10 19.81
C GLY B 262 24.32 -30.30 18.66
N HIS B 263 23.96 -31.55 18.41
CA HIS B 263 23.14 -31.90 17.27
C HIS B 263 22.66 -33.35 17.39
N ARG B 264 21.47 -33.61 16.88
CA ARG B 264 20.89 -34.96 16.90
C ARG B 264 21.63 -35.93 16.01
N VAL B 265 22.14 -35.40 14.89
CA VAL B 265 22.85 -36.22 13.92
C VAL B 265 24.37 -36.02 14.03
N TYR B 266 24.85 -34.78 13.94
CA TYR B 266 26.31 -34.56 14.03
C TYR B 266 26.87 -34.82 15.43
N LYS B 267 27.81 -35.77 15.49
CA LYS B 267 28.55 -36.09 16.72
C LYS B 267 29.97 -35.53 16.59
N THR B 268 30.11 -34.64 15.62
CA THR B 268 31.37 -34.06 15.24
C THR B 268 31.11 -32.62 14.76
N TYR B 269 32.16 -31.90 14.37
CA TYR B 269 32.01 -30.52 13.90
C TYR B 269 31.07 -30.48 12.69
N ASP B 270 30.14 -29.51 12.69
CA ASP B 270 29.10 -29.42 11.64
C ASP B 270 29.73 -28.81 10.39
N PRO B 271 29.70 -29.50 9.22
CA PRO B 271 30.43 -28.96 8.04
C PRO B 271 29.94 -27.53 7.70
N ARG B 272 28.68 -27.23 8.02
CA ARG B 272 28.12 -25.90 7.75
C ARG B 272 28.75 -24.84 8.67
N ALA B 273 28.99 -25.21 9.92
CA ALA B 273 29.64 -24.30 10.86
C ALA B 273 31.08 -24.02 10.41
N LYS B 274 31.72 -25.03 9.81
CA LYS B 274 33.09 -24.81 9.33
C LYS B 274 33.10 -23.67 8.26
N ILE B 275 32.15 -23.70 7.33
CA ILE B 275 32.10 -22.74 6.24
C ILE B 275 31.71 -21.36 6.78
N PHE B 276 30.69 -21.34 7.65
CA PHE B 276 30.24 -20.09 8.26
C PHE B 276 31.30 -19.40 9.11
N LYS B 277 32.09 -20.15 9.88
CA LYS B 277 33.18 -19.55 10.68
C LYS B 277 34.14 -18.67 9.84
N GLY B 278 34.59 -19.20 8.71
CA GLY B 278 35.41 -18.45 7.73
C GLY B 278 34.79 -17.16 7.22
N ILE B 279 33.54 -17.26 6.77
CA ILE B 279 32.79 -16.13 6.28
C ILE B 279 32.59 -15.15 7.43
N ALA B 280 32.32 -15.68 8.62
CA ALA B 280 32.08 -14.85 9.79
C ALA B 280 33.35 -14.07 10.08
N GLU B 281 34.51 -14.71 10.00
N GLU B 281 34.48 -14.76 9.97
CA GLU B 281 35.74 -13.98 10.31
CA GLU B 281 35.82 -14.23 10.21
C GLU B 281 35.97 -12.90 9.27
C GLU B 281 36.09 -13.04 9.29
N LYS B 282 35.92 -13.28 7.98
CA LYS B 282 36.16 -12.31 6.90
C LYS B 282 35.19 -11.13 6.94
N LEU B 283 33.89 -11.41 7.06
CA LEU B 283 32.91 -10.30 7.11
C LEU B 283 33.04 -9.42 8.35
N SER B 284 33.12 -10.02 9.54
CA SER B 284 33.13 -9.23 10.78
C SER B 284 34.40 -8.36 10.94
N SER B 285 35.52 -8.84 10.42
CA SER B 285 36.76 -8.09 10.54
C SER B 285 36.72 -6.70 9.86
N LYS B 286 35.73 -6.47 9.01
CA LYS B 286 35.59 -5.16 8.37
C LYS B 286 34.73 -4.19 9.19
N LYS B 287 34.05 -4.74 10.22
CA LYS B 287 33.23 -3.95 11.14
C LYS B 287 33.63 -4.28 12.58
N PRO B 288 34.42 -3.40 13.22
CA PRO B 288 34.92 -3.51 14.60
C PRO B 288 33.90 -4.07 15.63
N GLU B 289 32.67 -3.51 15.64
CA GLU B 289 31.63 -3.90 16.61
C GLU B 289 31.29 -5.37 16.44
N VAL B 290 31.20 -5.79 15.19
CA VAL B 290 30.84 -7.15 14.87
C VAL B 290 32.03 -8.06 15.09
N HIS B 291 33.22 -7.52 14.89
CA HIS B 291 34.41 -8.36 15.01
C HIS B 291 34.61 -8.75 16.47
N LYS B 292 34.18 -7.87 17.36
CA LYS B 292 34.21 -8.17 18.78
C LYS B 292 33.33 -9.38 19.13
N VAL B 293 32.16 -9.49 18.49
CA VAL B 293 31.28 -10.64 18.70
C VAL B 293 32.03 -11.89 18.26
N TYR B 294 32.68 -11.80 17.10
CA TYR B 294 33.43 -12.91 16.53
C TYR B 294 34.56 -13.37 17.48
N GLU B 295 35.31 -12.42 18.02
CA GLU B 295 36.39 -12.70 18.98
C GLU B 295 35.87 -13.50 20.19
N ILE B 296 34.75 -13.04 20.74
CA ILE B 296 34.11 -13.69 21.89
C ILE B 296 33.70 -15.10 21.48
N ALA B 297 33.06 -15.21 20.32
CA ALA B 297 32.63 -16.49 19.80
C ALA B 297 33.72 -17.54 19.65
N THR B 298 34.86 -17.15 19.09
CA THR B 298 35.91 -18.10 18.85
C THR B 298 36.58 -18.53 20.16
N LYS B 299 36.70 -17.60 21.11
CA LYS B 299 37.29 -17.92 22.43
C LYS B 299 36.39 -18.92 23.15
N LEU B 300 35.09 -18.60 23.20
CA LEU B 300 34.09 -19.51 23.80
C LEU B 300 34.07 -20.89 23.13
N GLU B 301 34.24 -20.91 21.81
CA GLU B 301 34.21 -22.14 21.05
C GLU B 301 35.26 -23.13 21.58
N ASP B 302 36.47 -22.64 21.75
CA ASP B 302 37.54 -23.47 22.30
C ASP B 302 37.20 -24.11 23.65
N PHE B 303 36.73 -23.29 24.57
CA PHE B 303 36.29 -23.81 25.86
C PHE B 303 35.24 -24.91 25.70
N GLY B 304 34.22 -24.66 24.86
CA GLY B 304 33.14 -25.61 24.62
C GLY B 304 33.62 -26.93 24.03
N ILE B 305 34.56 -26.85 23.10
CA ILE B 305 35.10 -28.04 22.44
C ILE B 305 35.99 -28.81 23.43
N LYS B 306 36.87 -28.08 24.14
CA LYS B 306 37.69 -28.66 25.24
C LYS B 306 36.85 -29.37 26.29
N ALA B 307 35.77 -28.73 26.75
CA ALA B 307 34.87 -29.39 27.70
C ALA B 307 33.94 -30.49 27.13
N PHE B 308 33.37 -30.31 25.92
CA PHE B 308 32.24 -31.15 25.47
C PHE B 308 32.46 -32.03 24.21
N GLY B 309 33.57 -31.82 23.51
CA GLY B 309 33.85 -32.52 22.25
C GLY B 309 33.90 -34.05 22.36
N SER B 310 34.46 -34.53 23.46
CA SER B 310 34.55 -35.97 23.74
C SER B 310 33.19 -36.62 23.90
N LYS B 311 32.17 -35.79 24.18
CA LYS B 311 30.78 -36.25 24.27
C LYS B 311 30.06 -36.12 22.92
N GLY B 312 30.82 -35.68 21.90
CA GLY B 312 30.28 -35.48 20.56
C GLY B 312 29.43 -34.24 20.42
N ILE B 313 29.70 -33.26 21.28
CA ILE B 313 29.02 -31.97 21.25
C ILE B 313 29.98 -30.89 20.72
N TYR B 314 29.73 -30.49 19.47
CA TYR B 314 30.56 -29.51 18.74
C TYR B 314 29.73 -28.32 18.27
N PRO B 315 30.40 -27.22 17.85
CA PRO B 315 29.64 -26.14 17.20
C PRO B 315 28.74 -26.69 16.09
N ASN B 316 27.53 -26.15 15.98
CA ASN B 316 26.67 -26.49 14.86
C ASN B 316 26.48 -25.21 14.02
N THR B 317 25.73 -25.34 12.92
CA THR B 317 25.58 -24.28 11.93
C THR B 317 25.21 -22.95 12.54
N ASP B 318 24.37 -22.99 13.57
CA ASP B 318 23.84 -21.76 14.16
C ASP B 318 24.84 -21.03 15.09
N TYR B 319 26.01 -21.63 15.34
CA TYR B 319 27.02 -20.96 16.17
C TYR B 319 27.62 -19.67 15.53
N PHE B 320 27.96 -19.74 14.24
CA PHE B 320 28.58 -18.64 13.49
C PHE B 320 27.63 -17.97 12.47
N SER B 321 26.56 -18.65 12.03
CA SER B 321 25.67 -18.04 11.00
C SER B 321 25.10 -16.66 11.36
N GLY B 322 24.74 -16.45 12.63
CA GLY B 322 24.30 -15.17 13.15
C GLY B 322 25.27 -14.01 12.89
N ILE B 323 26.57 -14.25 13.13
CA ILE B 323 27.60 -13.24 12.80
C ILE B 323 27.56 -12.90 11.31
N VAL B 324 27.40 -13.92 10.46
CA VAL B 324 27.26 -13.70 9.01
C VAL B 324 26.04 -12.82 8.66
N TYR B 325 24.85 -13.19 9.19
CA TYR B 325 23.65 -12.41 8.92
C TYR B 325 23.78 -10.98 9.45
N MET B 326 24.35 -10.82 10.64
CA MET B 326 24.49 -9.50 11.23
C MET B 326 25.42 -8.63 10.37
N SER B 327 26.44 -9.28 9.80
CA SER B 327 27.43 -8.60 8.95
C SER B 327 26.81 -8.14 7.64
N ILE B 328 25.95 -9.01 7.09
CA ILE B 328 25.09 -8.72 5.94
C ILE B 328 24.20 -7.50 6.21
N GLY B 329 23.74 -7.34 7.45
CA GLY B 329 22.93 -6.17 7.86
C GLY B 329 21.61 -6.47 8.57
N PHE B 330 21.34 -7.76 8.86
CA PHE B 330 20.10 -8.17 9.54
C PHE B 330 20.27 -8.12 11.04
N PRO B 331 19.32 -7.47 11.75
CA PRO B 331 19.44 -7.25 13.19
C PRO B 331 19.02 -8.49 13.97
N LEU B 332 19.24 -8.47 15.28
CA LEU B 332 18.91 -9.61 16.13
C LEU B 332 17.38 -9.74 16.42
N ARG B 333 16.68 -8.61 16.35
CA ARG B 333 15.31 -8.53 16.86
C ARG B 333 14.36 -9.51 16.17
N ASN B 334 13.32 -9.93 16.90
CA ASN B 334 12.19 -10.73 16.35
C ASN B 334 12.58 -12.05 15.72
N ASN B 335 13.73 -12.58 16.13
CA ASN B 335 14.26 -13.78 15.51
C ASN B 335 14.23 -13.80 13.96
N ILE B 336 14.66 -12.67 13.38
CA ILE B 336 14.82 -12.58 11.94
C ILE B 336 15.72 -13.69 11.37
N TYR B 337 16.76 -14.10 12.11
CA TYR B 337 17.64 -15.13 11.52
C TYR B 337 16.89 -16.45 11.27
N THR B 338 15.93 -16.76 12.14
CA THR B 338 15.08 -17.97 11.94
C THR B 338 14.21 -17.87 10.66
N ALA B 339 13.78 -16.64 10.36
CA ALA B 339 13.08 -16.37 9.08
C ALA B 339 14.00 -16.59 7.87
N LEU B 340 15.28 -16.25 8.00
CA LEU B 340 16.24 -16.51 6.92
C LEU B 340 16.47 -18.00 6.78
N PHE B 341 16.49 -18.73 7.92
CA PHE B 341 16.59 -20.21 7.92
C PHE B 341 15.39 -20.73 7.07
N ALA B 342 14.17 -20.34 7.44
CA ALA B 342 12.97 -20.77 6.70
C ALA B 342 12.98 -20.35 5.21
N LEU B 343 13.52 -19.14 4.95
CA LEU B 343 13.64 -18.63 3.59
C LEU B 343 14.41 -19.63 2.75
N SER B 344 15.53 -20.09 3.29
CA SER B 344 16.38 -21.05 2.63
C SER B 344 15.77 -22.46 2.53
N ARG B 345 15.25 -22.93 3.67
CA ARG B 345 14.84 -24.34 3.85
C ARG B 345 13.56 -24.71 3.10
N VAL B 346 12.81 -23.70 2.67
CA VAL B 346 11.60 -23.90 1.84
C VAL B 346 11.86 -24.78 0.59
N THR B 347 13.09 -24.69 0.07
CA THR B 347 13.50 -25.51 -1.04
C THR B 347 13.57 -26.96 -0.60
N GLY B 348 14.24 -27.22 0.52
CA GLY B 348 14.37 -28.61 1.02
C GLY B 348 13.00 -29.18 1.43
N TRP B 349 12.21 -28.42 2.17
CA TRP B 349 10.81 -28.81 2.49
C TRP B 349 10.00 -29.26 1.26
N GLN B 350 9.92 -28.39 0.24
CA GLN B 350 9.07 -28.70 -0.92
C GLN B 350 9.63 -29.92 -1.64
N ALA B 351 10.96 -29.99 -1.71
CA ALA B 351 11.62 -31.07 -2.40
C ALA B 351 11.28 -32.40 -1.73
N HIS B 352 11.40 -32.48 -0.38
CA HIS B 352 10.92 -33.66 0.37
C HIS B 352 9.44 -33.96 0.21
N PHE B 353 8.58 -32.94 0.19
CA PHE B 353 7.13 -33.20 0.05
C PHE B 353 6.85 -33.89 -1.28
N ILE B 354 7.41 -33.32 -2.36
CA ILE B 354 7.21 -33.83 -3.71
C ILE B 354 7.70 -35.26 -3.76
N GLU B 355 8.91 -35.50 -3.27
CA GLU B 355 9.49 -36.85 -3.26
C GLU B 355 8.59 -37.86 -2.53
N TYR B 356 7.99 -37.39 -1.43
CA TYR B 356 7.16 -38.28 -0.61
C TYR B 356 5.88 -38.64 -1.32
N VAL B 357 5.10 -37.62 -1.68
CA VAL B 357 3.77 -37.76 -2.28
C VAL B 357 3.84 -38.44 -3.62
N GLU B 358 4.83 -38.07 -4.43
CA GLU B 358 4.94 -38.65 -5.77
C GLU B 358 5.39 -40.13 -5.78
N GLU B 359 6.33 -40.50 -4.91
CA GLU B 359 6.98 -41.82 -5.06
C GLU B 359 6.84 -42.83 -3.92
N GLN B 360 6.32 -42.39 -2.77
CA GLN B 360 6.24 -43.27 -1.61
C GLN B 360 5.09 -42.86 -0.67
N GLN B 361 3.97 -42.45 -1.25
CA GLN B 361 2.85 -41.87 -0.52
C GLN B 361 2.22 -42.89 0.42
N ARG B 362 2.07 -42.49 1.68
CA ARG B 362 1.39 -43.31 2.68
C ARG B 362 1.04 -42.41 3.83
N LEU B 363 -0.25 -42.42 4.20
CA LEU B 363 -0.75 -41.61 5.32
C LEU B 363 0.10 -41.89 6.55
N ILE B 364 0.55 -40.84 7.24
CA ILE B 364 1.31 -41.03 8.49
C ILE B 364 0.34 -41.08 9.69
N ARG B 365 0.28 -42.23 10.35
CA ARG B 365 -0.71 -42.50 11.39
C ARG B 365 -0.12 -43.51 12.39
N PRO B 366 0.63 -43.03 13.37
CA PRO B 366 1.23 -43.92 14.37
C PRO B 366 0.22 -44.34 15.44
N ARG B 367 0.71 -44.97 16.50
CA ARG B 367 -0.09 -45.29 17.67
C ARG B 367 0.53 -44.66 18.92
N ALA B 368 -0.19 -44.79 20.03
CA ALA B 368 0.34 -44.47 21.34
C ALA B 368 0.16 -45.68 22.29
N VAL B 369 1.02 -45.76 23.30
CA VAL B 369 0.84 -46.77 24.36
C VAL B 369 -0.09 -46.22 25.43
N TYR B 370 -1.19 -46.93 25.68
CA TYR B 370 -2.20 -46.46 26.63
C TYR B 370 -1.82 -46.82 28.06
N VAL B 371 -1.70 -45.79 28.91
CA VAL B 371 -1.37 -45.93 30.32
C VAL B 371 -2.38 -45.22 31.24
N GLY B 372 -3.60 -45.04 30.75
CA GLY B 372 -4.55 -44.29 31.53
C GLY B 372 -5.50 -45.18 32.31
N PRO B 373 -6.58 -44.58 32.87
CA PRO B 373 -7.50 -45.41 33.67
C PRO B 373 -8.11 -46.60 32.93
N ALA B 374 -8.41 -47.67 33.68
CA ALA B 374 -9.09 -48.83 33.13
C ALA B 374 -10.55 -48.42 32.89
N GLU B 375 -11.31 -49.27 32.20
CA GLU B 375 -12.70 -48.95 31.91
C GLU B 375 -13.46 -48.64 33.20
N ARG B 376 -14.26 -47.57 33.14
CA ARG B 376 -15.05 -47.10 34.27
C ARG B 376 -16.36 -46.48 33.78
N LYS B 377 -17.38 -46.58 34.62
CA LYS B 377 -18.73 -46.12 34.34
C LYS B 377 -18.85 -44.61 34.63
N TYR B 378 -19.50 -43.88 33.71
CA TYR B 378 -19.78 -42.44 33.88
C TYR B 378 -20.74 -42.24 35.07
N VAL B 379 -20.44 -41.24 35.90
CA VAL B 379 -21.29 -40.90 37.03
C VAL B 379 -21.90 -39.51 36.80
N PRO B 380 -23.24 -39.38 36.97
CA PRO B 380 -23.94 -38.10 36.81
C PRO B 380 -23.24 -37.03 37.63
N ILE B 381 -23.10 -35.82 37.08
CA ILE B 381 -22.38 -34.74 37.78
C ILE B 381 -22.89 -34.41 39.20
N ALA B 382 -24.21 -34.41 39.39
CA ALA B 382 -24.78 -34.17 40.73
C ALA B 382 -24.21 -35.06 41.84
N GLU B 383 -23.69 -36.25 41.47
CA GLU B 383 -23.11 -37.21 42.43
C GLU B 383 -21.61 -37.05 42.69
N ARG B 384 -20.91 -36.38 41.80
CA ARG B 384 -19.45 -36.29 41.91
C ARG B 384 -18.99 -35.50 43.14
N THR C 4 16.04 9.47 -2.94
CA THR C 4 15.66 8.22 -3.66
C THR C 4 15.72 8.41 -5.18
N GLU C 5 15.67 7.27 -5.88
CA GLU C 5 15.54 7.22 -7.35
C GLU C 5 14.16 6.78 -7.84
N GLU C 6 13.23 6.43 -6.93
CA GLU C 6 11.91 6.02 -7.40
C GLU C 6 11.07 7.28 -7.67
N ILE C 7 10.24 7.21 -8.69
CA ILE C 7 9.39 8.35 -9.07
C ILE C 7 8.01 8.09 -8.43
N SER C 8 7.42 9.11 -7.80
CA SER C 8 6.09 8.96 -7.26
C SER C 8 5.11 9.39 -8.34
N LYS C 9 4.79 8.47 -9.25
CA LYS C 9 4.04 8.83 -10.43
C LYS C 9 2.64 9.29 -10.01
N GLY C 10 2.29 10.51 -10.42
CA GLY C 10 0.98 11.09 -10.10
C GLY C 10 0.83 11.41 -8.63
N LEU C 11 1.94 11.34 -7.90
CA LEU C 11 1.98 11.46 -6.45
C LEU C 11 0.97 10.51 -5.80
N GLU C 12 0.71 9.39 -6.45
CA GLU C 12 -0.27 8.43 -5.95
C GLU C 12 0.03 7.98 -4.51
N ASP C 13 -0.96 8.04 -3.63
CA ASP C 13 -0.71 7.70 -2.21
C ASP C 13 0.49 8.45 -1.53
N VAL C 14 0.96 9.55 -2.10
CA VAL C 14 1.83 10.49 -1.36
C VAL C 14 0.90 11.38 -0.53
N ASN C 15 1.20 11.55 0.76
CA ASN C 15 0.40 12.47 1.59
C ASN C 15 1.08 13.85 1.57
N ILE C 16 0.36 14.84 1.01
CA ILE C 16 0.93 16.18 0.86
C ILE C 16 0.66 17.09 2.07
N LYS C 17 -0.30 16.68 2.93
CA LYS C 17 -0.68 17.47 4.12
C LYS C 17 -1.55 16.61 5.04
N TRP C 18 -1.82 17.06 6.26
CA TRP C 18 -2.91 16.45 7.04
C TRP C 18 -4.10 17.38 6.84
N THR C 19 -5.32 16.89 7.05
CA THR C 19 -6.50 17.76 6.97
C THR C 19 -7.55 17.34 8.01
N ARG C 20 -8.32 18.32 8.48
CA ARG C 20 -9.49 18.05 9.30
C ARG C 20 -10.78 18.16 8.49
N LEU C 21 -10.64 18.52 7.21
CA LEU C 21 -11.79 19.06 6.48
C LEU C 21 -12.67 17.98 5.83
N THR C 22 -12.06 16.94 5.23
CA THR C 22 -12.82 16.04 4.40
C THR C 22 -12.17 14.62 4.46
N THR C 23 -13.01 13.58 4.55
CA THR C 23 -12.48 12.21 4.36
C THR C 23 -13.23 11.52 3.27
N ILE C 24 -12.54 10.70 2.50
CA ILE C 24 -13.18 9.92 1.45
C ILE C 24 -12.88 8.44 1.76
N ASP C 25 -13.91 7.62 1.81
CA ASP C 25 -13.76 6.14 1.92
C ASP C 25 -14.14 5.64 0.54
N GLY C 26 -13.14 5.44 -0.29
CA GLY C 26 -13.36 5.00 -1.68
C GLY C 26 -13.85 3.57 -1.83
N ASN C 27 -13.80 2.78 -0.76
CA ASN C 27 -14.29 1.40 -0.78
C ASN C 27 -15.70 1.27 -0.27
N LYS C 28 -16.09 2.06 0.72
CA LYS C 28 -17.50 2.09 1.13
C LYS C 28 -18.31 3.19 0.45
N GLY C 29 -17.63 4.08 -0.27
CA GLY C 29 -18.29 5.21 -0.94
C GLY C 29 -18.89 6.20 0.04
N ILE C 30 -18.09 6.61 1.03
CA ILE C 30 -18.55 7.60 2.05
C ILE C 30 -17.72 8.87 1.95
N LEU C 31 -18.41 9.99 1.84
CA LEU C 31 -17.76 11.28 1.75
C LEU C 31 -18.27 12.08 2.97
N ARG C 32 -17.33 12.51 3.82
CA ARG C 32 -17.71 13.32 5.01
C ARG C 32 -16.96 14.66 5.01
N TYR C 33 -17.66 15.71 5.43
CA TYR C 33 -17.12 17.04 5.64
C TYR C 33 -17.14 17.33 7.16
N GLY C 34 -15.96 17.35 7.74
CA GLY C 34 -15.77 17.50 9.21
C GLY C 34 -16.58 16.47 10.01
N GLY C 35 -16.64 15.25 9.51
CA GLY C 35 -17.35 14.20 10.22
C GLY C 35 -18.82 14.02 9.82
N TYR C 36 -19.36 14.99 9.08
CA TYR C 36 -20.78 14.92 8.65
C TYR C 36 -20.87 14.29 7.24
N SER C 37 -21.65 13.20 7.11
CA SER C 37 -21.89 12.58 5.81
C SER C 37 -22.58 13.54 4.88
N VAL C 38 -22.18 13.59 3.62
CA VAL C 38 -22.93 14.41 2.65
C VAL C 38 -24.38 13.98 2.54
N GLU C 39 -24.67 12.69 2.75
CA GLU C 39 -26.08 12.23 2.70
C GLU C 39 -26.89 12.92 3.78
N ASP C 40 -26.29 13.01 4.96
CA ASP C 40 -26.94 13.52 6.13
C ASP C 40 -27.15 15.02 5.96
N ILE C 41 -26.13 15.70 5.46
CA ILE C 41 -26.20 17.17 5.22
C ILE C 41 -27.36 17.48 4.23
N ILE C 42 -27.41 16.76 3.13
CA ILE C 42 -28.47 17.02 2.12
C ILE C 42 -29.87 16.67 2.69
N ALA C 43 -30.02 15.51 3.36
CA ALA C 43 -31.30 15.11 3.98
C ALA C 43 -31.77 16.17 4.97
N SER C 44 -30.84 16.83 5.64
CA SER C 44 -31.19 17.84 6.67
C SER C 44 -31.73 19.13 6.07
N GLY C 45 -31.43 19.41 4.81
CA GLY C 45 -31.86 20.67 4.21
C GLY C 45 -31.01 21.88 4.59
N ALA C 46 -29.82 21.62 5.11
CA ALA C 46 -28.79 22.61 5.46
C ALA C 46 -28.56 23.55 4.30
N GLN C 47 -28.44 24.84 4.59
CA GLN C 47 -28.07 25.80 3.57
C GLN C 47 -26.59 25.67 3.22
N ASP C 48 -26.26 25.92 1.97
CA ASP C 48 -24.85 25.88 1.57
C ASP C 48 -23.94 26.75 2.48
N GLU C 49 -24.44 27.92 2.91
CA GLU C 49 -23.68 28.80 3.80
C GLU C 49 -23.25 28.13 5.10
N GLU C 50 -24.09 27.21 5.63
CA GLU C 50 -23.74 26.50 6.85
C GLU C 50 -22.50 25.63 6.63
N ILE C 51 -22.43 25.05 5.44
CA ILE C 51 -21.31 24.19 5.10
C ILE C 51 -20.06 25.00 4.73
N GLN C 52 -20.24 26.12 4.02
CA GLN C 52 -19.13 27.12 3.94
C GLN C 52 -18.53 27.41 5.31
N TYR C 53 -19.39 27.79 6.26
CA TYR C 53 -18.95 28.11 7.61
C TYR C 53 -18.18 26.94 8.26
N LEU C 54 -18.70 25.73 8.07
CA LEU C 54 -18.09 24.49 8.58
C LEU C 54 -16.66 24.38 8.05
N PHE C 55 -16.48 24.61 6.75
CA PHE C 55 -15.11 24.53 6.19
C PHE C 55 -14.12 25.57 6.72
N LEU C 56 -14.65 26.78 6.98
CA LEU C 56 -13.79 27.89 7.40
C LEU C 56 -13.58 27.93 8.91
N TYR C 57 -14.56 27.46 9.68
CA TYR C 57 -14.54 27.58 11.16
C TYR C 57 -14.33 26.28 11.93
N GLY C 58 -14.64 25.17 11.28
CA GLY C 58 -14.43 23.84 11.81
C GLY C 58 -15.62 23.29 12.57
N ASN C 59 -16.69 24.08 12.69
CA ASN C 59 -17.96 23.60 13.26
C ASN C 59 -19.13 24.29 12.55
N LEU C 60 -20.33 23.70 12.73
CA LEU C 60 -21.51 24.26 12.13
C LEU C 60 -21.85 25.52 12.93
N PRO C 61 -22.39 26.55 12.24
CA PRO C 61 -22.69 27.82 12.96
C PRO C 61 -24.02 27.82 13.71
N THR C 62 -24.06 28.60 14.78
CA THR C 62 -25.34 28.98 15.35
C THR C 62 -26.14 29.93 14.42
N GLU C 63 -27.43 30.10 14.71
N GLU C 63 -27.43 30.09 14.70
CA GLU C 63 -28.24 31.05 13.95
CA GLU C 63 -28.21 31.05 13.91
C GLU C 63 -27.59 32.45 13.93
C GLU C 63 -27.53 32.43 13.91
N GLN C 64 -27.01 32.86 15.06
CA GLN C 64 -26.33 34.18 15.16
C GLN C 64 -25.06 34.27 14.30
N GLU C 65 -24.22 33.24 14.41
CA GLU C 65 -23.01 33.13 13.61
C GLU C 65 -23.34 33.12 12.10
N LEU C 66 -24.45 32.48 11.72
CA LEU C 66 -24.81 32.33 10.30
C LEU C 66 -25.23 33.69 9.76
N ARG C 67 -25.99 34.42 10.58
CA ARG C 67 -26.43 35.75 10.19
C ARG C 67 -25.22 36.66 9.87
N LYS C 68 -24.22 36.63 10.75
CA LYS C 68 -23.04 37.47 10.57
C LYS C 68 -22.21 36.98 9.34
N TYR C 69 -22.05 35.67 9.26
CA TYR C 69 -21.34 35.01 8.14
C TYR C 69 -21.91 35.45 6.76
N LYS C 70 -23.23 35.38 6.62
CA LYS C 70 -23.92 35.77 5.38
C LYS C 70 -23.64 37.21 4.99
N GLU C 71 -23.61 38.10 6.00
CA GLU C 71 -23.20 39.51 5.73
C GLU C 71 -21.80 39.64 5.14
N THR C 72 -20.86 38.88 5.68
CA THR C 72 -19.47 38.93 5.19
C THR C 72 -19.40 38.40 3.75
N VAL C 73 -20.10 37.29 3.48
CA VAL C 73 -20.12 36.76 2.10
C VAL C 73 -20.69 37.76 1.12
N GLN C 74 -21.77 38.38 1.52
CA GLN C 74 -22.41 39.37 0.73
C GLN C 74 -21.58 40.60 0.34
N LYS C 75 -20.54 40.93 1.13
CA LYS C 75 -19.57 41.96 0.77
C LYS C 75 -18.97 41.63 -0.59
N GLY C 76 -18.76 40.34 -0.81
CA GLY C 76 -18.21 39.86 -2.12
C GLY C 76 -19.05 40.06 -3.38
N TYR C 77 -20.32 40.41 -3.21
CA TYR C 77 -21.20 40.62 -4.35
C TYR C 77 -20.88 41.94 -5.10
N LYS C 78 -20.10 42.80 -4.45
CA LYS C 78 -19.57 43.96 -5.07
C LYS C 78 -18.12 43.66 -5.49
N ILE C 79 -17.91 43.66 -6.80
CA ILE C 79 -16.57 43.48 -7.37
C ILE C 79 -16.26 44.65 -8.34
N PRO C 80 -14.97 44.94 -8.56
CA PRO C 80 -14.50 46.04 -9.47
C PRO C 80 -14.91 45.85 -10.92
N ASP C 81 -15.22 46.97 -11.59
CA ASP C 81 -15.49 46.93 -13.02
C ASP C 81 -14.36 46.26 -13.81
N PHE C 82 -13.10 46.46 -13.39
CA PHE C 82 -11.98 45.89 -14.18
C PHE C 82 -12.01 44.36 -14.09
N VAL C 83 -12.52 43.83 -12.99
CA VAL C 83 -12.67 42.32 -12.83
C VAL C 83 -13.75 41.83 -13.79
N ILE C 84 -14.90 42.54 -13.83
CA ILE C 84 -15.88 42.23 -14.85
C ILE C 84 -15.33 42.38 -16.26
N ASN C 85 -14.50 43.39 -16.51
CA ASN C 85 -13.95 43.58 -17.84
C ASN C 85 -12.93 42.48 -18.18
N ALA C 86 -12.25 41.96 -17.17
CA ALA C 86 -11.32 40.83 -17.40
C ALA C 86 -12.06 39.62 -18.01
N ILE C 87 -13.36 39.51 -17.72
CA ILE C 87 -14.20 38.46 -18.35
C ILE C 87 -14.72 38.94 -19.70
N ARG C 88 -15.40 40.12 -19.70
CA ARG C 88 -16.09 40.58 -20.91
C ARG C 88 -15.20 40.98 -22.12
N GLN C 89 -13.89 41.20 -21.89
CA GLN C 89 -12.96 41.56 -22.95
C GLN C 89 -12.49 40.31 -23.71
N LEU C 90 -12.81 39.14 -23.15
CA LEU C 90 -12.36 37.84 -23.72
C LEU C 90 -13.28 37.36 -24.82
N PRO C 91 -12.75 36.50 -25.74
CA PRO C 91 -13.64 35.91 -26.73
C PRO C 91 -14.76 35.13 -26.09
N ARG C 92 -15.97 35.33 -26.62
CA ARG C 92 -17.15 34.59 -26.12
C ARG C 92 -17.03 33.06 -26.19
N GLU C 93 -16.16 32.55 -27.05
CA GLU C 93 -15.93 31.11 -27.17
C GLU C 93 -15.03 30.52 -26.07
N SER C 94 -14.40 31.37 -25.27
CA SER C 94 -13.50 30.88 -24.19
C SER C 94 -14.25 29.97 -23.20
N ASP C 95 -13.55 28.95 -22.67
CA ASP C 95 -14.12 28.10 -21.64
C ASP C 95 -14.51 28.99 -20.44
N ALA C 96 -15.65 28.66 -19.84
CA ALA C 96 -16.17 29.43 -18.67
C ALA C 96 -15.10 29.45 -17.56
N VAL C 97 -14.47 28.30 -17.33
CA VAL C 97 -13.46 28.21 -16.23
C VAL C 97 -12.22 29.09 -16.56
N ALA C 98 -11.85 29.27 -17.84
CA ALA C 98 -10.68 30.10 -18.21
C ALA C 98 -11.10 31.57 -17.96
N MET C 99 -12.39 31.82 -18.20
CA MET C 99 -12.93 33.19 -17.91
C MET C 99 -12.81 33.49 -16.43
N GLN C 100 -13.24 32.53 -15.59
CA GLN C 100 -13.13 32.68 -14.14
C GLN C 100 -11.65 32.93 -13.79
N MET C 101 -10.76 32.13 -14.36
CA MET C 101 -9.34 32.28 -14.11
C MET C 101 -8.74 33.68 -14.45
N ALA C 102 -9.14 34.22 -15.60
CA ALA C 102 -8.75 35.56 -16.06
C ALA C 102 -9.23 36.61 -15.03
N ALA C 103 -10.44 36.39 -14.54
CA ALA C 103 -11.05 37.33 -13.52
C ALA C 103 -10.35 37.26 -12.17
N VAL C 104 -10.14 36.03 -11.65
CA VAL C 104 -9.45 35.90 -10.39
C VAL C 104 -8.01 36.42 -10.49
N ALA C 105 -7.34 36.11 -11.63
CA ALA C 105 -5.96 36.63 -11.88
C ALA C 105 -5.90 38.19 -11.72
N ALA C 106 -6.86 38.87 -12.31
CA ALA C 106 -6.94 40.33 -12.22
C ALA C 106 -7.09 40.78 -10.77
N MET C 107 -7.98 40.07 -10.04
CA MET C 107 -8.20 40.30 -8.63
C MET C 107 -6.94 40.08 -7.83
N ALA C 108 -6.28 38.93 -8.05
CA ALA C 108 -5.01 38.70 -7.41
C ALA C 108 -3.99 39.86 -7.56
N ALA C 109 -3.87 40.42 -8.76
CA ALA C 109 -2.95 41.54 -9.03
C ALA C 109 -3.36 42.70 -8.13
N SER C 110 -4.66 42.94 -8.07
CA SER C 110 -5.12 44.19 -7.41
C SER C 110 -5.11 44.08 -5.90
N GLU C 111 -5.04 42.87 -5.33
CA GLU C 111 -5.21 42.69 -3.89
C GLU C 111 -3.87 42.79 -3.17
N THR C 112 -3.26 43.99 -3.29
CA THR C 112 -1.86 44.22 -2.89
C THR C 112 -1.71 44.21 -1.37
N LYS C 113 -2.80 44.25 -0.62
CA LYS C 113 -2.71 44.30 0.85
C LYS C 113 -3.06 42.99 1.49
N PHE C 114 -3.26 41.95 0.64
CA PHE C 114 -3.46 40.65 1.20
C PHE C 114 -2.23 40.21 1.97
N LYS C 115 -2.49 39.64 3.15
CA LYS C 115 -1.45 39.02 4.00
C LYS C 115 -2.04 37.83 4.76
N TRP C 116 -1.32 36.71 4.80
CA TRP C 116 -1.78 35.56 5.60
C TRP C 116 -1.80 35.92 7.09
N ASN C 117 -2.95 35.72 7.72
CA ASN C 117 -3.14 36.11 9.13
C ASN C 117 -4.32 35.38 9.70
N LYS C 118 -4.07 34.58 10.73
CA LYS C 118 -5.15 33.87 11.45
C LYS C 118 -6.37 34.75 11.79
N ASP C 119 -6.18 36.07 12.00
CA ASP C 119 -7.32 36.93 12.37
C ASP C 119 -8.19 37.37 11.20
N THR C 120 -7.64 37.31 10.00
CA THR C 120 -8.34 37.85 8.82
C THR C 120 -8.61 36.81 7.71
N ASP C 121 -7.88 35.69 7.71
CA ASP C 121 -8.05 34.71 6.59
C ASP C 121 -9.49 34.30 6.30
N ARG C 122 -10.25 33.99 7.35
CA ARG C 122 -11.62 33.48 7.21
C ARG C 122 -12.52 34.55 6.60
N ASP C 123 -12.39 35.80 7.08
CA ASP C 123 -13.19 36.85 6.48
C ASP C 123 -12.88 37.14 4.99
N VAL C 124 -11.60 37.05 4.64
CA VAL C 124 -11.13 37.17 3.27
C VAL C 124 -11.74 36.04 2.41
N ALA C 125 -11.63 34.80 2.91
CA ALA C 125 -12.23 33.63 2.23
C ALA C 125 -13.74 33.78 2.07
N ALA C 126 -14.44 34.22 3.11
CA ALA C 126 -15.91 34.38 3.01
C ALA C 126 -16.29 35.40 1.94
N GLU C 127 -15.68 36.59 1.99
CA GLU C 127 -15.92 37.62 1.01
C GLU C 127 -15.59 37.04 -0.39
N MET C 128 -14.49 36.30 -0.48
CA MET C 128 -14.15 35.70 -1.80
C MET C 128 -15.17 34.72 -2.35
N ILE C 129 -15.83 33.96 -1.45
CA ILE C 129 -16.93 33.04 -1.83
C ILE C 129 -18.03 33.90 -2.49
N GLY C 130 -18.33 35.04 -1.87
CA GLY C 130 -19.24 36.01 -2.50
C GLY C 130 -18.75 36.50 -3.86
N ARG C 131 -17.45 36.86 -3.95
CA ARG C 131 -16.84 37.32 -5.21
C ARG C 131 -16.93 36.23 -6.29
N MET C 132 -16.79 34.98 -5.86
CA MET C 132 -16.89 33.88 -6.80
C MET C 132 -18.29 33.80 -7.46
N SER C 133 -19.35 34.00 -6.64
CA SER C 133 -20.72 34.12 -7.18
C SER C 133 -20.79 35.26 -8.19
N ALA C 134 -20.35 36.48 -7.81
CA ALA C 134 -20.30 37.63 -8.72
C ALA C 134 -19.58 37.40 -10.04
N ILE C 135 -18.44 36.70 -9.95
CA ILE C 135 -17.65 36.41 -11.10
C ILE C 135 -18.38 35.42 -12.01
N THR C 136 -18.93 34.38 -11.40
CA THR C 136 -19.54 33.29 -12.17
C THR C 136 -20.84 33.80 -12.84
N VAL C 137 -21.59 34.66 -12.15
CA VAL C 137 -22.72 35.34 -12.82
C VAL C 137 -22.26 36.02 -14.08
N ASN C 138 -21.16 36.77 -14.02
CA ASN C 138 -20.71 37.61 -15.11
C ASN C 138 -20.02 36.78 -16.19
N VAL C 139 -19.38 35.65 -15.82
CA VAL C 139 -18.99 34.69 -16.83
C VAL C 139 -20.21 34.13 -17.63
N TYR C 140 -21.24 33.68 -16.92
CA TYR C 140 -22.43 33.18 -17.58
C TYR C 140 -23.03 34.27 -18.52
N ARG C 141 -23.21 35.46 -17.98
CA ARG C 141 -23.77 36.56 -18.76
C ARG C 141 -22.98 36.88 -20.03
N HIS C 142 -21.66 36.96 -19.92
CA HIS C 142 -20.79 37.24 -21.06
C HIS C 142 -20.97 36.17 -22.12
N ILE C 143 -20.92 34.90 -21.67
CA ILE C 143 -21.07 33.77 -22.59
C ILE C 143 -22.41 33.87 -23.37
N MET C 144 -23.47 34.22 -22.66
CA MET C 144 -24.82 34.30 -23.21
C MET C 144 -25.15 35.64 -23.90
N ASN C 145 -24.19 36.56 -23.94
CA ASN C 145 -24.32 37.86 -24.61
C ASN C 145 -25.44 38.65 -23.96
N MET C 146 -25.39 38.65 -22.63
CA MET C 146 -26.32 39.38 -21.76
C MET C 146 -25.55 40.51 -21.08
N PRO C 147 -26.27 41.52 -20.60
CA PRO C 147 -25.55 42.56 -19.83
C PRO C 147 -24.93 42.06 -18.54
N ALA C 148 -23.92 42.79 -18.06
CA ALA C 148 -23.36 42.52 -16.74
C ALA C 148 -24.46 42.62 -15.61
N GLU C 149 -24.29 41.84 -14.55
CA GLU C 149 -25.20 41.83 -13.39
C GLU C 149 -24.41 41.36 -12.17
N LEU C 150 -24.80 41.84 -10.99
CA LEU C 150 -24.26 41.38 -9.72
C LEU C 150 -25.35 40.74 -8.85
N PRO C 151 -24.97 39.74 -8.00
CA PRO C 151 -25.90 39.13 -7.04
C PRO C 151 -26.27 40.18 -5.98
N LYS C 152 -27.49 40.08 -5.50
CA LYS C 152 -28.01 40.91 -4.42
C LYS C 152 -28.20 40.06 -3.16
N PRO C 153 -28.04 40.64 -1.97
CA PRO C 153 -28.25 39.99 -0.72
C PRO C 153 -29.63 39.34 -0.67
N SER C 154 -29.68 38.13 -0.15
CA SER C 154 -30.90 37.40 0.11
C SER C 154 -30.56 36.42 1.26
N ASP C 155 -31.56 35.69 1.73
CA ASP C 155 -31.36 34.80 2.81
C ASP C 155 -30.63 33.53 2.28
N SER C 156 -30.54 33.43 0.96
CA SER C 156 -29.90 32.23 0.34
C SER C 156 -28.86 32.62 -0.74
N TYR C 157 -27.65 32.09 -0.55
CA TYR C 157 -26.57 32.25 -1.51
C TYR C 157 -26.94 31.62 -2.88
N ALA C 158 -27.56 30.45 -2.82
CA ALA C 158 -28.02 29.75 -4.06
C ALA C 158 -29.06 30.64 -4.77
N GLU C 159 -29.99 31.22 -4.01
CA GLU C 159 -30.98 32.12 -4.59
C GLU C 159 -30.38 33.37 -5.26
N SER C 160 -29.50 34.10 -4.55
CA SER C 160 -28.81 35.29 -5.04
C SER C 160 -28.06 34.99 -6.34
N PHE C 161 -27.37 33.83 -6.35
CA PHE C 161 -26.68 33.40 -7.51
C PHE C 161 -27.58 33.17 -8.71
N LEU C 162 -28.63 32.37 -8.58
CA LEU C 162 -29.47 31.98 -9.70
C LEU C 162 -30.23 33.21 -10.21
N ASN C 163 -30.73 34.01 -9.26
CA ASN C 163 -31.50 35.18 -9.74
C ASN C 163 -30.65 36.11 -10.58
N ALA C 164 -29.38 36.32 -10.21
CA ALA C 164 -28.50 37.19 -10.92
C ALA C 164 -28.06 36.56 -12.21
N ALA C 165 -27.73 35.25 -12.17
CA ALA C 165 -27.33 34.62 -13.38
C ALA C 165 -28.35 34.70 -14.53
N PHE C 166 -29.57 34.29 -14.23
CA PHE C 166 -30.64 34.17 -15.23
C PHE C 166 -31.42 35.49 -15.44
N GLY C 167 -31.33 36.40 -14.47
CA GLY C 167 -32.20 37.64 -14.51
C GLY C 167 -33.68 37.32 -14.44
N ARG C 168 -34.03 36.26 -13.74
CA ARG C 168 -35.39 35.92 -13.41
C ARG C 168 -35.42 35.34 -12.00
N LYS C 169 -36.61 35.28 -11.40
CA LYS C 169 -36.77 34.78 -10.05
C LYS C 169 -36.77 33.26 -10.08
N ALA C 170 -35.72 32.68 -9.49
CA ALA C 170 -35.61 31.21 -9.42
C ALA C 170 -36.73 30.60 -8.55
N THR C 171 -37.15 29.40 -8.91
CA THR C 171 -38.15 28.67 -8.12
C THR C 171 -37.52 28.01 -6.87
N LYS C 172 -38.37 27.62 -5.89
CA LYS C 172 -37.84 26.97 -4.69
C LYS C 172 -37.07 25.71 -5.11
N GLU C 173 -37.66 24.96 -6.03
CA GLU C 173 -37.04 23.68 -6.50
C GLU C 173 -35.68 23.94 -7.12
N GLU C 174 -35.57 25.00 -7.93
CA GLU C 174 -34.31 25.36 -8.57
C GLU C 174 -33.28 25.78 -7.51
N ILE C 175 -33.71 26.62 -6.56
CA ILE C 175 -32.83 27.06 -5.54
C ILE C 175 -32.28 25.90 -4.67
N ASP C 176 -33.17 25.00 -4.28
CA ASP C 176 -32.81 23.85 -3.45
C ASP C 176 -31.82 22.94 -4.23
N ALA C 177 -32.09 22.70 -5.50
CA ALA C 177 -31.18 21.83 -6.29
C ALA C 177 -29.79 22.51 -6.38
N MET C 178 -29.73 23.82 -6.61
CA MET C 178 -28.42 24.54 -6.71
C MET C 178 -27.71 24.50 -5.36
N ASN C 179 -28.49 24.68 -4.28
CA ASN C 179 -27.97 24.58 -2.92
C ASN C 179 -27.29 23.23 -2.71
N THR C 180 -27.95 22.17 -3.18
CA THR C 180 -27.41 20.82 -3.00
C THR C 180 -26.14 20.69 -3.87
N ALA C 181 -26.19 21.14 -5.14
CA ALA C 181 -24.99 21.06 -6.01
C ALA C 181 -23.83 21.81 -5.32
N LEU C 182 -24.09 23.04 -4.79
CA LEU C 182 -23.00 23.75 -4.14
C LEU C 182 -22.36 22.95 -2.97
N ILE C 183 -23.17 22.28 -2.18
CA ILE C 183 -22.67 21.50 -1.05
C ILE C 183 -21.90 20.33 -1.63
N LEU C 184 -22.51 19.63 -2.58
CA LEU C 184 -21.86 18.35 -3.03
C LEU C 184 -20.49 18.56 -3.70
N TYR C 185 -20.24 19.72 -4.30
CA TYR C 185 -18.94 20.05 -4.94
C TYR C 185 -17.95 20.86 -4.06
N THR C 186 -18.35 21.08 -2.79
CA THR C 186 -17.62 21.92 -1.85
C THR C 186 -16.14 21.55 -1.72
N ASP C 187 -15.87 20.24 -1.65
CA ASP C 187 -14.50 19.83 -1.42
C ASP C 187 -14.37 18.38 -1.76
N HIS C 188 -13.14 18.02 -2.09
CA HIS C 188 -12.90 16.58 -2.19
C HIS C 188 -11.47 16.18 -1.82
N GLU C 189 -10.98 16.77 -0.73
CA GLU C 189 -9.67 16.49 -0.12
C GLU C 189 -8.58 17.11 -1.07
N VAL C 190 -7.67 16.33 -1.68
CA VAL C 190 -6.61 17.02 -2.46
C VAL C 190 -6.56 16.52 -3.92
N PRO C 191 -7.62 16.80 -4.71
CA PRO C 191 -7.55 16.61 -6.17
C PRO C 191 -6.53 17.52 -6.87
N ALA C 192 -6.40 17.41 -8.21
CA ALA C 192 -5.38 18.17 -8.92
C ALA C 192 -5.50 19.71 -8.72
N SER C 193 -6.72 20.22 -8.77
CA SER C 193 -6.97 21.70 -8.59
C SER C 193 -6.51 22.15 -7.17
N THR C 194 -6.98 21.44 -6.16
CA THR C 194 -6.63 21.78 -4.76
C THR C 194 -5.11 21.69 -4.63
N THR C 195 -4.55 20.60 -5.20
CA THR C 195 -3.11 20.48 -5.16
C THR C 195 -2.31 21.67 -5.82
N ALA C 196 -2.67 22.09 -7.05
CA ALA C 196 -1.96 23.13 -7.78
C ALA C 196 -2.05 24.41 -6.89
N GLY C 197 -3.21 24.59 -6.28
CA GLY C 197 -3.46 25.77 -5.36
C GLY C 197 -2.56 25.74 -4.11
N LEU C 198 -2.44 24.53 -3.55
CA LEU C 198 -1.55 24.30 -2.38
C LEU C 198 -0.11 24.60 -2.76
N VAL C 199 0.39 24.12 -3.91
CA VAL C 199 1.77 24.45 -4.33
C VAL C 199 1.95 25.97 -4.33
N ALA C 200 0.96 26.68 -4.89
CA ALA C 200 1.05 28.14 -5.04
C ALA C 200 1.09 28.80 -3.66
N VAL C 201 0.18 28.42 -2.76
CA VAL C 201 0.14 29.11 -1.47
C VAL C 201 1.29 28.66 -0.60
N SER C 202 1.93 27.54 -0.97
CA SER C 202 3.06 27.08 -0.18
C SER C 202 4.27 28.00 -0.30
N THR C 203 4.26 28.93 -1.29
CA THR C 203 5.34 29.95 -1.44
C THR C 203 4.92 31.20 -0.71
N LEU C 204 3.81 31.06 0.00
CA LEU C 204 3.09 32.18 0.67
C LEU C 204 2.50 33.15 -0.33
N SER C 205 2.28 32.70 -1.57
CA SER C 205 1.48 33.49 -2.49
C SER C 205 0.06 33.74 -1.92
N ASP C 206 -0.61 34.77 -2.44
CA ASP C 206 -1.91 35.15 -1.87
C ASP C 206 -3.03 34.16 -2.18
N MET C 207 -4.13 34.28 -1.44
CA MET C 207 -5.25 33.39 -1.58
C MET C 207 -5.74 33.39 -3.06
N TYR C 208 -5.79 34.58 -3.68
CA TYR C 208 -6.39 34.71 -5.01
C TYR C 208 -5.52 34.00 -6.05
N SER C 209 -4.23 34.14 -5.92
CA SER C 209 -3.25 33.36 -6.73
C SER C 209 -3.43 31.86 -6.54
N GLY C 210 -3.71 31.43 -5.30
CA GLY C 210 -3.98 29.98 -4.97
C GLY C 210 -5.21 29.52 -5.76
N ILE C 211 -6.30 30.32 -5.72
CA ILE C 211 -7.44 30.00 -6.52
C ILE C 211 -7.14 29.97 -8.07
N THR C 212 -6.34 30.91 -8.57
CA THR C 212 -6.00 31.03 -9.98
C THR C 212 -5.30 29.72 -10.41
N ALA C 213 -4.38 29.26 -9.56
CA ALA C 213 -3.67 27.98 -9.87
C ALA C 213 -4.64 26.79 -9.89
N ALA C 214 -5.59 26.73 -8.94
CA ALA C 214 -6.59 25.64 -8.86
C ALA C 214 -7.39 25.63 -10.13
N LEU C 215 -7.80 26.84 -10.56
CA LEU C 215 -8.60 26.97 -11.79
C LEU C 215 -7.86 26.42 -13.03
N ALA C 216 -6.57 26.82 -13.11
CA ALA C 216 -5.66 26.41 -14.22
C ALA C 216 -5.71 24.85 -14.32
N ALA C 217 -5.70 24.15 -13.17
CA ALA C 217 -5.78 22.63 -13.16
C ALA C 217 -7.16 22.12 -13.52
N LEU C 218 -8.17 22.78 -12.96
CA LEU C 218 -9.53 22.29 -13.10
C LEU C 218 -9.92 22.35 -14.57
N LYS C 219 -9.30 23.27 -15.35
CA LYS C 219 -9.66 23.50 -16.76
C LYS C 219 -9.40 22.25 -17.59
N GLY C 220 -8.39 21.47 -17.21
CA GLY C 220 -7.95 20.30 -18.02
C GLY C 220 -9.04 19.22 -18.02
N PRO C 221 -9.21 18.53 -19.15
CA PRO C 221 -10.30 17.55 -19.33
C PRO C 221 -10.17 16.27 -18.52
N LEU C 222 -9.02 16.05 -17.82
CA LEU C 222 -8.96 14.95 -16.81
C LEU C 222 -9.47 15.38 -15.41
N HIS C 223 -9.96 16.63 -15.32
CA HIS C 223 -10.48 17.10 -14.07
C HIS C 223 -11.81 17.84 -14.33
N GLY C 224 -11.78 18.91 -15.10
CA GLY C 224 -13.01 19.57 -15.55
C GLY C 224 -13.61 18.87 -16.75
N GLY C 225 -14.78 19.31 -17.16
CA GLY C 225 -15.33 18.81 -18.45
C GLY C 225 -16.13 17.55 -18.44
N ALA C 226 -16.12 16.80 -17.33
CA ALA C 226 -16.78 15.45 -17.26
C ALA C 226 -18.31 15.52 -17.31
N ALA C 227 -18.92 16.50 -16.61
CA ALA C 227 -20.39 16.57 -16.66
C ALA C 227 -20.88 16.89 -18.06
N GLU C 228 -20.12 17.73 -18.76
CA GLU C 228 -20.41 18.12 -20.12
C GLU C 228 -20.28 16.87 -21.03
N ALA C 229 -19.23 16.10 -20.77
CA ALA C 229 -19.03 14.91 -21.59
C ALA C 229 -20.15 13.84 -21.38
N ALA C 230 -20.66 13.67 -20.15
CA ALA C 230 -21.78 12.77 -19.84
C ALA C 230 -23.02 13.24 -20.60
N ILE C 231 -23.34 14.54 -20.53
CA ILE C 231 -24.47 15.11 -21.31
C ILE C 231 -24.35 14.89 -22.82
N ALA C 232 -23.16 15.18 -23.36
CA ALA C 232 -22.94 14.99 -24.81
C ALA C 232 -23.17 13.49 -25.17
N GLN C 233 -22.74 12.55 -24.32
CA GLN C 233 -22.99 11.11 -24.58
C GLN C 233 -24.48 10.73 -24.57
N PHE C 234 -25.23 11.24 -23.59
CA PHE C 234 -26.68 11.01 -23.56
C PHE C 234 -27.33 11.65 -24.80
N ASP C 235 -26.83 12.81 -25.23
CA ASP C 235 -27.38 13.48 -26.42
C ASP C 235 -27.13 12.70 -27.72
N GLU C 236 -26.01 11.98 -27.80
CA GLU C 236 -25.69 11.13 -28.96
C GLU C 236 -26.70 10.01 -29.07
N ILE C 237 -27.08 9.45 -27.91
CA ILE C 237 -28.02 8.35 -27.89
C ILE C 237 -29.40 8.82 -28.34
N LYS C 238 -29.76 10.03 -27.89
CA LYS C 238 -30.96 10.77 -28.30
C LYS C 238 -32.31 10.25 -27.75
N ASP C 239 -32.49 8.93 -27.79
CA ASP C 239 -33.74 8.20 -27.53
C ASP C 239 -33.44 7.03 -26.54
N PRO C 240 -34.17 6.95 -25.39
CA PRO C 240 -33.94 5.88 -24.42
C PRO C 240 -34.03 4.49 -25.04
N ALA C 241 -34.88 4.33 -26.07
CA ALA C 241 -35.00 3.02 -26.73
C ALA C 241 -33.73 2.56 -27.44
N MET C 242 -32.79 3.48 -27.70
CA MET C 242 -31.59 3.16 -28.49
C MET C 242 -30.32 2.92 -27.62
N VAL C 243 -30.50 2.87 -26.31
CA VAL C 243 -29.36 2.82 -25.38
C VAL C 243 -28.58 1.53 -25.61
N GLU C 244 -29.30 0.41 -25.70
CA GLU C 244 -28.64 -0.89 -25.82
C GLU C 244 -27.78 -0.96 -27.09
N LYS C 245 -28.37 -0.60 -28.23
CA LYS C 245 -27.63 -0.50 -29.50
C LYS C 245 -26.43 0.44 -29.45
N TRP C 246 -26.62 1.63 -28.87
CA TRP C 246 -25.54 2.57 -28.75
C TRP C 246 -24.42 1.98 -27.89
N PHE C 247 -24.80 1.35 -26.80
CA PHE C 247 -23.83 0.75 -25.87
C PHE C 247 -22.99 -0.33 -26.59
N ASN C 248 -23.66 -1.19 -27.33
CA ASN C 248 -22.96 -2.17 -28.21
C ASN C 248 -22.05 -1.53 -29.25
N ASP C 249 -22.58 -0.55 -29.98
CA ASP C 249 -21.90 0.11 -31.09
C ASP C 249 -20.77 1.04 -30.71
N ASN C 250 -20.67 1.41 -29.41
CA ASN C 250 -19.69 2.39 -28.92
C ASN C 250 -18.83 2.00 -27.73
N ILE C 251 -19.40 1.24 -26.79
CA ILE C 251 -18.73 0.93 -25.52
C ILE C 251 -18.16 -0.50 -25.59
N ILE C 252 -19.03 -1.49 -25.80
CA ILE C 252 -18.55 -2.91 -25.91
C ILE C 252 -17.45 -3.07 -26.98
N ASN C 253 -17.57 -2.37 -28.09
CA ASN C 253 -16.56 -2.45 -29.14
C ASN C 253 -15.32 -1.57 -28.90
N GLY C 254 -15.32 -0.81 -27.81
CA GLY C 254 -14.17 0.04 -27.46
C GLY C 254 -13.97 1.32 -28.26
N LYS C 255 -14.98 1.74 -29.02
CA LYS C 255 -14.87 2.97 -29.80
C LYS C 255 -14.75 4.21 -28.94
N LYS C 256 -15.48 4.18 -27.82
CA LYS C 256 -15.57 5.36 -26.91
C LYS C 256 -15.47 4.88 -25.47
N ARG C 257 -14.97 5.75 -24.60
CA ARG C 257 -15.01 5.54 -23.16
C ARG C 257 -16.42 5.97 -22.65
N LEU C 258 -16.94 5.25 -21.65
CA LEU C 258 -18.18 5.58 -20.99
C LEU C 258 -17.93 6.77 -20.07
N MET C 259 -18.54 7.92 -20.41
CA MET C 259 -18.34 9.18 -19.63
C MET C 259 -19.10 9.18 -18.30
N GLY C 260 -18.49 9.83 -17.30
CA GLY C 260 -19.04 9.92 -15.97
C GLY C 260 -19.03 8.59 -15.22
N PHE C 261 -18.19 7.63 -15.67
CA PHE C 261 -17.94 6.42 -14.91
C PHE C 261 -16.46 6.35 -14.47
N GLY C 262 -16.21 5.78 -13.30
CA GLY C 262 -14.88 5.47 -12.77
C GLY C 262 -14.39 6.65 -11.96
N HIS C 263 -13.45 6.34 -11.08
CA HIS C 263 -12.88 7.32 -10.21
C HIS C 263 -11.63 6.70 -9.61
N ARG C 264 -10.59 7.52 -9.47
N ARG C 264 -10.60 7.53 -9.44
CA ARG C 264 -9.36 6.96 -8.90
CA ARG C 264 -9.33 7.07 -8.87
C ARG C 264 -9.28 6.88 -7.38
C ARG C 264 -9.48 6.65 -7.42
N VAL C 265 -10.32 7.36 -6.69
CA VAL C 265 -10.55 7.03 -5.30
C VAL C 265 -11.77 6.11 -5.07
N TYR C 266 -12.93 6.48 -5.63
CA TYR C 266 -14.11 5.63 -5.47
C TYR C 266 -14.01 4.38 -6.36
N LYS C 267 -14.09 3.20 -5.73
CA LYS C 267 -14.19 1.93 -6.46
C LYS C 267 -15.57 1.38 -6.18
N THR C 268 -16.54 2.28 -5.95
CA THR C 268 -17.94 1.93 -5.73
C THR C 268 -18.70 3.20 -6.17
N TYR C 269 -20.01 3.17 -6.04
CA TYR C 269 -20.83 4.30 -6.49
C TYR C 269 -20.44 5.54 -5.68
N ASP C 270 -20.28 6.65 -6.38
CA ASP C 270 -19.89 7.91 -5.75
C ASP C 270 -21.10 8.39 -4.96
N PRO C 271 -20.92 8.73 -3.67
CA PRO C 271 -22.08 9.13 -2.86
C PRO C 271 -22.72 10.40 -3.43
N ARG C 272 -21.91 11.27 -4.02
CA ARG C 272 -22.48 12.49 -4.66
C ARG C 272 -23.35 12.16 -5.83
N ALA C 273 -22.96 11.14 -6.59
CA ALA C 273 -23.78 10.67 -7.72
C ALA C 273 -25.09 10.07 -7.27
N LYS C 274 -25.08 9.32 -6.17
CA LYS C 274 -26.29 8.69 -5.63
C LYS C 274 -27.27 9.80 -5.27
N ILE C 275 -26.77 10.85 -4.61
CA ILE C 275 -27.64 12.02 -4.32
C ILE C 275 -28.12 12.80 -5.55
N PHE C 276 -27.19 13.15 -6.48
CA PHE C 276 -27.59 13.81 -7.74
C PHE C 276 -28.61 13.02 -8.58
N LYS C 277 -28.52 11.68 -8.53
CA LYS C 277 -29.49 10.89 -9.30
C LYS C 277 -30.96 11.16 -8.91
N GLY C 278 -31.25 11.22 -7.60
CA GLY C 278 -32.59 11.43 -7.05
C GLY C 278 -33.06 12.84 -7.42
N ILE C 279 -32.15 13.79 -7.34
CA ILE C 279 -32.47 15.16 -7.67
C ILE C 279 -32.73 15.30 -9.17
N ALA C 280 -31.89 14.68 -9.99
CA ALA C 280 -32.08 14.73 -11.45
C ALA C 280 -33.44 14.09 -11.82
N GLU C 281 -33.81 13.00 -11.14
CA GLU C 281 -35.10 12.32 -11.40
C GLU C 281 -36.20 13.33 -11.13
N LYS C 282 -36.14 14.00 -9.98
CA LYS C 282 -37.24 14.88 -9.55
C LYS C 282 -37.33 16.17 -10.38
N LEU C 283 -36.22 16.83 -10.55
CA LEU C 283 -36.16 18.07 -11.34
C LEU C 283 -36.49 17.87 -12.84
N SER C 284 -36.02 16.77 -13.43
CA SER C 284 -36.36 16.47 -14.84
C SER C 284 -37.80 15.94 -15.01
N SER C 285 -38.41 15.49 -13.92
CA SER C 285 -39.74 14.85 -13.98
C SER C 285 -40.78 15.60 -14.80
N LYS C 286 -40.84 16.90 -14.65
CA LYS C 286 -41.93 17.65 -15.29
C LYS C 286 -41.41 18.51 -16.44
N LYS C 287 -40.27 18.10 -17.01
CA LYS C 287 -39.66 18.81 -18.14
C LYS C 287 -39.36 17.73 -19.17
N PRO C 288 -40.31 17.49 -20.11
CA PRO C 288 -40.26 16.34 -21.05
C PRO C 288 -38.89 16.06 -21.72
N GLU C 289 -38.25 17.10 -22.26
N GLU C 289 -38.25 17.10 -22.27
CA GLU C 289 -36.96 16.99 -22.97
CA GLU C 289 -36.98 16.96 -22.97
C GLU C 289 -35.84 16.56 -22.03
C GLU C 289 -35.93 16.46 -21.98
N VAL C 290 -35.86 17.13 -20.84
CA VAL C 290 -34.85 16.78 -19.82
C VAL C 290 -35.11 15.39 -19.22
N HIS C 291 -36.40 15.07 -18.99
N HIS C 291 -36.38 15.04 -19.00
CA HIS C 291 -36.85 13.73 -18.56
CA HIS C 291 -36.66 13.69 -18.47
C HIS C 291 -36.21 12.67 -19.46
C HIS C 291 -36.28 12.60 -19.46
N LYS C 292 -36.30 12.89 -20.77
CA LYS C 292 -35.75 11.94 -21.74
C LYS C 292 -34.24 11.72 -21.56
N VAL C 293 -33.52 12.81 -21.28
CA VAL C 293 -32.06 12.70 -21.01
C VAL C 293 -31.91 11.85 -19.74
N TYR C 294 -32.70 12.12 -18.69
CA TYR C 294 -32.64 11.27 -17.50
C TYR C 294 -32.87 9.76 -17.75
N GLU C 295 -33.91 9.46 -18.52
CA GLU C 295 -34.25 8.11 -18.91
C GLU C 295 -33.09 7.42 -19.65
N ILE C 296 -32.49 8.14 -20.60
CA ILE C 296 -31.27 7.64 -21.31
C ILE C 296 -30.17 7.35 -20.25
N ALA C 297 -29.95 8.30 -19.36
CA ALA C 297 -28.86 8.18 -18.39
C ALA C 297 -29.04 6.92 -17.53
N THR C 298 -30.25 6.70 -17.06
CA THR C 298 -30.50 5.63 -16.10
C THR C 298 -30.44 4.29 -16.82
N LYS C 299 -30.89 4.25 -18.07
CA LYS C 299 -30.82 2.99 -18.85
C LYS C 299 -29.35 2.67 -19.17
N LEU C 300 -28.59 3.70 -19.50
CA LEU C 300 -27.14 3.50 -19.82
C LEU C 300 -26.38 3.04 -18.55
N GLU C 301 -26.75 3.66 -17.43
CA GLU C 301 -26.16 3.33 -16.14
C GLU C 301 -26.28 1.79 -15.85
N ASP C 302 -27.33 1.25 -16.12
CA ASP C 302 -27.56 -0.21 -15.86
C ASP C 302 -26.58 -1.00 -16.71
N PHE C 303 -26.53 -0.74 -17.86
CA PHE C 303 -25.55 -1.40 -18.78
C PHE C 303 -24.13 -1.17 -18.31
N GLY C 304 -23.79 0.06 -17.94
CA GLY C 304 -22.40 0.34 -17.54
C GLY C 304 -22.04 -0.38 -16.26
N ILE C 305 -22.95 -0.43 -15.28
CA ILE C 305 -22.64 -1.08 -14.00
C ILE C 305 -22.51 -2.58 -14.24
N LYS C 306 -23.37 -3.09 -15.13
CA LYS C 306 -23.31 -4.55 -15.42
C LYS C 306 -22.00 -4.92 -16.06
N ALA C 307 -21.49 -4.05 -16.93
CA ALA C 307 -20.22 -4.26 -17.63
C ALA C 307 -18.95 -4.05 -16.77
N PHE C 308 -18.99 -3.02 -15.91
CA PHE C 308 -17.79 -2.46 -15.25
C PHE C 308 -17.78 -2.51 -13.70
N GLY C 309 -18.93 -2.75 -13.09
CA GLY C 309 -19.10 -2.77 -11.64
C GLY C 309 -18.09 -3.65 -10.91
N SER C 310 -17.92 -4.85 -11.47
CA SER C 310 -17.02 -5.87 -10.89
C SER C 310 -15.58 -5.39 -10.91
N LYS C 311 -15.28 -4.42 -11.78
CA LYS C 311 -13.94 -3.84 -11.84
C LYS C 311 -13.77 -2.56 -10.98
N GLY C 312 -14.80 -2.24 -10.20
CA GLY C 312 -14.78 -1.04 -9.33
C GLY C 312 -15.10 0.27 -10.05
N ILE C 313 -15.73 0.17 -11.22
CA ILE C 313 -15.97 1.32 -12.09
C ILE C 313 -17.47 1.59 -12.11
N TYR C 314 -17.87 2.72 -11.49
CA TYR C 314 -19.30 3.02 -11.22
C TYR C 314 -19.56 4.47 -11.57
N PRO C 315 -20.85 4.87 -11.60
CA PRO C 315 -21.08 6.29 -11.88
C PRO C 315 -20.35 7.16 -10.87
N ASN C 316 -19.74 8.25 -11.36
CA ASN C 316 -19.23 9.29 -10.49
C ASN C 316 -20.19 10.48 -10.48
N THR C 317 -19.81 11.47 -9.68
CA THR C 317 -20.62 12.67 -9.48
C THR C 317 -21.00 13.33 -10.81
N ASP C 318 -20.10 13.30 -11.81
CA ASP C 318 -20.41 13.95 -13.11
C ASP C 318 -21.38 13.26 -14.06
N TYR C 319 -21.83 12.08 -13.63
CA TYR C 319 -22.76 11.31 -14.45
C TYR C 319 -24.13 11.97 -14.44
N PHE C 320 -24.57 12.44 -13.25
CA PHE C 320 -25.94 13.02 -13.09
C PHE C 320 -25.96 14.54 -12.86
N SER C 321 -24.83 15.13 -12.45
CA SER C 321 -24.85 16.59 -12.15
C SER C 321 -25.30 17.48 -13.34
N GLY C 322 -24.91 17.06 -14.57
CA GLY C 322 -25.28 17.76 -15.78
C GLY C 322 -26.80 17.90 -15.88
N ILE C 323 -27.52 16.84 -15.54
CA ILE C 323 -29.01 16.79 -15.73
C ILE C 323 -29.60 17.77 -14.72
N VAL C 324 -28.92 17.88 -13.57
CA VAL C 324 -29.40 18.76 -12.48
C VAL C 324 -29.20 20.22 -12.97
N TYR C 325 -28.00 20.55 -13.40
CA TYR C 325 -27.73 21.89 -13.95
C TYR C 325 -28.62 22.25 -15.16
N MET C 326 -28.83 21.30 -16.09
CA MET C 326 -29.72 21.52 -17.27
C MET C 326 -31.14 21.84 -16.77
N SER C 327 -31.56 21.15 -15.73
CA SER C 327 -32.94 21.23 -15.19
C SER C 327 -33.07 22.62 -14.54
N ILE C 328 -32.03 23.05 -13.82
CA ILE C 328 -31.97 24.43 -13.22
C ILE C 328 -32.08 25.50 -14.33
N GLY C 329 -31.41 25.25 -15.47
CA GLY C 329 -31.49 26.08 -16.68
C GLY C 329 -30.16 26.50 -17.30
N PHE C 330 -29.06 25.89 -16.84
CA PHE C 330 -27.75 26.12 -17.45
C PHE C 330 -27.51 25.26 -18.69
N PRO C 331 -26.87 25.85 -19.73
CA PRO C 331 -26.69 25.22 -21.04
C PRO C 331 -25.39 24.42 -21.08
N LEU C 332 -25.23 23.62 -22.14
CA LEU C 332 -24.06 22.76 -22.28
C LEU C 332 -22.77 23.55 -22.71
N ARG C 333 -22.94 24.65 -23.30
CA ARG C 333 -21.86 25.38 -24.02
C ARG C 333 -20.79 25.91 -23.10
N ASN C 334 -19.73 25.96 -23.58
CA ASN C 334 -18.52 26.65 -23.01
C ASN C 334 -18.07 26.01 -21.67
N ASN C 335 -18.48 24.76 -21.45
CA ASN C 335 -18.16 24.04 -20.20
C ASN C 335 -18.62 24.86 -18.96
N ILE C 336 -19.81 25.45 -19.09
CA ILE C 336 -20.40 26.14 -17.93
C ILE C 336 -20.54 25.24 -16.67
N TYR C 337 -20.82 23.94 -16.83
CA TYR C 337 -20.92 23.08 -15.67
C TYR C 337 -19.63 23.08 -14.85
N THR C 338 -18.46 23.09 -15.53
CA THR C 338 -17.15 23.07 -14.89
C THR C 338 -16.99 24.39 -14.10
N ALA C 339 -17.50 25.50 -14.65
CA ALA C 339 -17.50 26.81 -13.91
C ALA C 339 -18.37 26.68 -12.66
N LEU C 340 -19.47 25.94 -12.72
CA LEU C 340 -20.35 25.75 -11.56
C LEU C 340 -19.63 24.85 -10.51
N PHE C 341 -18.82 23.90 -11.01
CA PHE C 341 -17.90 23.11 -10.14
C PHE C 341 -16.98 24.07 -9.42
N ALA C 342 -16.32 24.99 -10.13
CA ALA C 342 -15.32 25.88 -9.53
C ALA C 342 -16.06 26.80 -8.52
N LEU C 343 -17.27 27.22 -8.87
CA LEU C 343 -18.09 28.08 -7.96
C LEU C 343 -18.23 27.43 -6.59
N SER C 344 -18.58 26.16 -6.58
CA SER C 344 -18.74 25.40 -5.34
C SER C 344 -17.39 25.19 -4.68
N ARG C 345 -16.44 24.71 -5.50
CA ARG C 345 -15.18 24.22 -4.94
C ARG C 345 -14.26 25.30 -4.35
N VAL C 346 -14.53 26.57 -4.66
CA VAL C 346 -13.68 27.68 -4.15
C VAL C 346 -13.72 27.68 -2.60
N THR C 347 -14.80 27.18 -1.97
CA THR C 347 -14.89 27.00 -0.50
C THR C 347 -13.81 26.04 0.05
N GLY C 348 -13.80 24.84 -0.54
CA GLY C 348 -12.80 23.83 -0.15
C GLY C 348 -11.39 24.28 -0.49
N TRP C 349 -11.16 24.88 -1.69
CA TRP C 349 -9.82 25.38 -2.10
C TRP C 349 -9.31 26.32 -1.01
N GLN C 350 -10.11 27.33 -0.70
CA GLN C 350 -9.63 28.30 0.26
C GLN C 350 -9.46 27.70 1.72
N ALA C 351 -10.37 26.80 2.13
CA ALA C 351 -10.32 26.13 3.47
C ALA C 351 -8.98 25.32 3.54
N HIS C 352 -8.64 24.63 2.43
CA HIS C 352 -7.38 23.90 2.41
C HIS C 352 -6.13 24.78 2.43
N PHE C 353 -6.20 25.93 1.77
CA PHE C 353 -5.05 26.85 1.69
C PHE C 353 -4.79 27.42 3.09
N ILE C 354 -5.88 27.85 3.75
CA ILE C 354 -5.80 28.41 5.10
C ILE C 354 -5.21 27.36 6.07
N GLU C 355 -5.74 26.15 6.03
CA GLU C 355 -5.32 25.07 6.92
C GLU C 355 -3.82 24.78 6.68
N TYR C 356 -3.38 24.89 5.40
CA TYR C 356 -1.98 24.59 5.06
C TYR C 356 -1.04 25.67 5.60
N VAL C 357 -1.37 26.92 5.24
CA VAL C 357 -0.44 28.00 5.51
C VAL C 357 -0.44 28.27 7.01
N GLU C 358 -1.61 28.22 7.65
CA GLU C 358 -1.69 28.58 9.07
C GLU C 358 -1.03 27.56 10.00
N GLU C 359 -1.11 26.25 9.66
CA GLU C 359 -0.82 25.19 10.65
C GLU C 359 0.25 24.17 10.24
N GLN C 360 0.65 24.19 8.97
CA GLN C 360 1.60 23.17 8.47
C GLN C 360 2.44 23.70 7.29
N GLN C 361 2.75 24.99 7.36
CA GLN C 361 3.35 25.65 6.22
C GLN C 361 4.73 25.05 5.92
N ARG C 362 4.95 24.75 4.64
CA ARG C 362 6.27 24.36 4.16
C ARG C 362 6.25 24.52 2.61
N LEU C 363 7.29 25.14 2.08
CA LEU C 363 7.44 25.34 0.65
C LEU C 363 7.40 23.98 -0.05
N ILE C 364 6.60 23.85 -1.11
CA ILE C 364 6.55 22.53 -1.82
C ILE C 364 7.56 22.63 -2.95
N ARG C 365 8.60 21.78 -2.85
CA ARG C 365 9.72 21.87 -3.76
C ARG C 365 10.24 20.40 -3.87
N PRO C 366 9.71 19.65 -4.83
CA PRO C 366 10.14 18.24 -5.02
C PRO C 366 11.42 18.19 -5.85
N ARG C 367 11.78 16.97 -6.31
CA ARG C 367 12.89 16.79 -7.21
C ARG C 367 12.44 16.04 -8.47
N ALA C 368 13.42 15.84 -9.39
CA ALA C 368 13.18 14.98 -10.58
C ALA C 368 14.36 14.05 -10.64
N VAL C 369 14.12 12.94 -11.33
CA VAL C 369 15.20 11.95 -11.62
C VAL C 369 15.80 12.33 -12.98
N TYR C 370 17.08 12.55 -12.98
CA TYR C 370 17.75 12.98 -14.19
C TYR C 370 18.10 11.79 -15.10
N VAL C 371 17.60 11.85 -16.33
CA VAL C 371 17.88 10.80 -17.33
C VAL C 371 18.41 11.42 -18.60
N GLY C 372 18.98 12.62 -18.46
CA GLY C 372 19.42 13.38 -19.58
C GLY C 372 20.86 13.06 -19.95
N PRO C 373 21.42 13.86 -20.89
CA PRO C 373 22.85 13.65 -21.25
C PRO C 373 23.87 13.85 -20.17
N ALA C 374 24.98 13.11 -20.30
CA ALA C 374 26.13 13.31 -19.43
C ALA C 374 26.74 14.67 -19.76
N GLU C 375 27.59 15.16 -18.86
CA GLU C 375 28.32 16.41 -19.06
C GLU C 375 28.98 16.45 -20.47
N ARG C 376 28.81 17.57 -21.15
CA ARG C 376 29.43 17.78 -22.45
C ARG C 376 29.78 19.27 -22.60
N LYS C 377 30.69 19.56 -23.53
CA LYS C 377 31.28 20.87 -23.67
C LYS C 377 30.60 21.65 -24.75
N TYR C 378 30.37 22.93 -24.49
CA TYR C 378 29.70 23.80 -25.47
C TYR C 378 30.60 23.98 -26.73
N VAL C 379 30.00 23.78 -27.91
CA VAL C 379 30.71 23.96 -29.18
C VAL C 379 30.16 25.19 -29.92
N PRO C 380 31.06 26.13 -30.31
CA PRO C 380 30.70 27.29 -31.15
C PRO C 380 29.73 26.94 -32.28
N ILE C 381 28.67 27.73 -32.42
CA ILE C 381 27.63 27.44 -33.42
C ILE C 381 28.22 27.20 -34.84
N ALA C 382 29.25 27.98 -35.24
CA ALA C 382 29.89 27.86 -36.57
C ALA C 382 30.50 26.47 -36.78
N GLU C 383 30.82 25.81 -35.68
CA GLU C 383 31.42 24.47 -35.73
C GLU C 383 30.41 23.32 -35.68
N ARG C 384 29.12 23.63 -35.50
CA ARG C 384 28.06 22.62 -35.31
C ARG C 384 27.56 22.04 -36.60
N LYS C 385 27.47 20.70 -36.64
CA LYS C 385 27.01 20.00 -37.82
C LYS C 385 25.58 19.49 -37.69
N GLU D 6 15.76 -49.83 6.99
CA GLU D 6 14.35 -50.31 7.23
C GLU D 6 13.39 -49.14 7.42
N ILE D 7 12.34 -49.07 6.61
CA ILE D 7 11.45 -47.90 6.67
C ILE D 7 10.15 -48.23 7.37
N SER D 8 9.76 -47.36 8.31
CA SER D 8 8.49 -47.49 9.03
C SER D 8 7.42 -46.72 8.24
N LYS D 9 6.90 -47.36 7.19
CA LYS D 9 6.05 -46.66 6.23
C LYS D 9 4.75 -46.23 6.89
N GLY D 10 4.44 -44.94 6.77
CA GLY D 10 3.31 -44.30 7.44
C GLY D 10 3.32 -44.43 8.97
N LEU D 11 4.50 -44.70 9.54
CA LEU D 11 4.67 -44.98 10.99
C LEU D 11 3.65 -46.00 11.51
N GLU D 12 3.24 -46.94 10.64
CA GLU D 12 2.26 -47.94 11.03
C GLU D 12 2.78 -48.72 12.24
N ASP D 13 1.92 -48.75 13.27
CA ASP D 13 2.25 -49.32 14.58
C ASP D 13 3.58 -48.92 15.18
N VAL D 14 4.07 -47.71 14.85
CA VAL D 14 5.13 -47.10 15.61
C VAL D 14 4.44 -46.36 16.77
N ASN D 15 4.91 -46.59 17.99
CA ASN D 15 4.45 -45.80 19.14
C ASN D 15 5.26 -44.52 19.31
N ILE D 16 4.58 -43.37 19.20
CA ILE D 16 5.23 -42.06 19.26
C ILE D 16 5.17 -41.41 20.63
N LYS D 17 4.32 -41.96 21.49
CA LYS D 17 4.15 -41.45 22.85
C LYS D 17 3.37 -42.48 23.70
N TRP D 18 3.29 -42.25 24.99
CA TRP D 18 2.29 -42.89 25.83
C TRP D 18 1.22 -41.84 26.07
N THR D 19 0.03 -42.32 26.41
CA THR D 19 -1.11 -41.43 26.69
C THR D 19 -2.04 -42.01 27.75
N ARG D 20 -2.63 -41.12 28.54
CA ARG D 20 -3.71 -41.50 29.44
C ARG D 20 -5.08 -41.13 28.86
N LEU D 21 -5.06 -40.56 27.66
CA LEU D 21 -6.25 -39.80 27.18
C LEU D 21 -7.31 -40.64 26.50
N THR D 22 -6.89 -41.52 25.64
CA THR D 22 -7.82 -42.16 24.72
C THR D 22 -7.29 -43.55 24.43
N THR D 23 -8.18 -44.55 24.46
CA THR D 23 -7.81 -45.87 23.97
C THR D 23 -8.75 -46.30 22.86
N ILE D 24 -8.20 -46.98 21.87
CA ILE D 24 -8.99 -47.46 20.73
C ILE D 24 -8.69 -48.95 20.59
N ASP D 25 -9.72 -49.78 20.62
CA ASP D 25 -9.54 -51.21 20.31
C ASP D 25 -10.09 -51.40 18.89
N GLY D 26 -9.20 -51.49 17.92
CA GLY D 26 -9.62 -51.56 16.53
C GLY D 26 -10.30 -52.87 16.13
N ASN D 27 -10.13 -53.92 16.94
CA ASN D 27 -10.72 -55.22 16.62
C ASN D 27 -12.10 -55.41 17.21
N LYS D 28 -12.34 -54.79 18.36
CA LYS D 28 -13.62 -54.85 19.03
C LYS D 28 -14.47 -53.59 18.86
N GLY D 29 -13.89 -52.53 18.28
CA GLY D 29 -14.64 -51.30 18.02
C GLY D 29 -15.03 -50.52 19.27
N ILE D 30 -14.03 -50.34 20.14
CA ILE D 30 -14.20 -49.74 21.47
C ILE D 30 -13.37 -48.47 21.45
N LEU D 31 -14.00 -47.34 21.79
CA LEU D 31 -13.34 -46.04 21.95
C LEU D 31 -13.68 -45.52 23.35
N ARG D 32 -12.63 -45.22 24.13
CA ARG D 32 -12.81 -44.68 25.48
C ARG D 32 -11.93 -43.47 25.68
N TYR D 33 -12.51 -42.47 26.36
CA TYR D 33 -11.87 -41.22 26.78
C TYR D 33 -11.60 -41.39 28.29
N GLY D 34 -10.33 -41.55 28.66
CA GLY D 34 -9.98 -41.71 30.08
C GLY D 34 -10.78 -42.81 30.78
N GLY D 35 -10.99 -43.93 30.11
CA GLY D 35 -11.74 -45.05 30.68
C GLY D 35 -13.25 -45.05 30.41
N TYR D 36 -13.82 -43.92 29.95
CA TYR D 36 -15.27 -43.78 29.74
C TYR D 36 -15.59 -44.04 28.27
N SER D 37 -16.45 -45.03 28.01
CA SER D 37 -16.79 -45.37 26.62
C SER D 37 -17.63 -44.23 26.03
N VAL D 38 -17.43 -43.96 24.75
CA VAL D 38 -18.22 -42.90 24.10
C VAL D 38 -19.74 -43.21 24.15
N GLU D 39 -20.10 -44.48 24.06
CA GLU D 39 -21.51 -44.89 24.20
C GLU D 39 -22.10 -44.44 25.53
N ASP D 40 -21.35 -44.70 26.61
CA ASP D 40 -21.75 -44.36 27.95
C ASP D 40 -21.85 -42.85 28.09
N ILE D 41 -20.89 -42.13 27.52
CA ILE D 41 -20.85 -40.69 27.65
C ILE D 41 -22.10 -40.13 26.99
N ILE D 42 -22.34 -40.56 25.76
CA ILE D 42 -23.55 -40.11 25.05
C ILE D 42 -24.84 -40.55 25.77
N ALA D 43 -24.92 -41.81 26.21
CA ALA D 43 -26.15 -42.32 26.85
C ALA D 43 -26.51 -41.50 28.07
N SER D 44 -25.48 -41.05 28.80
CA SER D 44 -25.64 -40.32 30.04
C SER D 44 -25.99 -38.86 29.81
N GLY D 45 -25.95 -38.39 28.56
CA GLY D 45 -26.20 -36.99 28.28
C GLY D 45 -25.16 -36.02 28.85
N ALA D 46 -23.92 -36.46 29.02
CA ALA D 46 -22.84 -35.52 29.42
C ALA D 46 -22.82 -34.22 28.59
N GLN D 47 -22.53 -33.10 29.26
CA GLN D 47 -22.18 -31.88 28.54
C GLN D 47 -20.80 -32.00 27.87
N ASP D 48 -20.69 -31.48 26.66
CA ASP D 48 -19.35 -31.44 26.03
C ASP D 48 -18.30 -30.80 26.94
N GLU D 49 -18.68 -29.76 27.71
CA GLU D 49 -17.71 -29.10 28.60
C GLU D 49 -17.10 -30.06 29.63
N GLU D 50 -17.87 -31.06 30.06
CA GLU D 50 -17.38 -32.06 31.04
C GLU D 50 -16.26 -32.91 30.42
N ILE D 51 -16.42 -33.18 29.12
CA ILE D 51 -15.46 -33.98 28.38
C ILE D 51 -14.19 -33.17 28.07
N GLN D 52 -14.35 -31.88 27.75
CA GLN D 52 -13.19 -31.00 27.64
C GLN D 52 -12.39 -31.04 28.96
N TYR D 53 -13.11 -30.86 30.07
CA TYR D 53 -12.52 -30.90 31.40
C TYR D 53 -11.77 -32.22 31.65
N LEU D 54 -12.46 -33.34 31.40
CA LEU D 54 -11.87 -34.68 31.37
C LEU D 54 -10.50 -34.75 30.65
N PHE D 55 -10.45 -34.30 29.37
CA PHE D 55 -9.18 -34.28 28.65
C PHE D 55 -8.07 -33.41 29.26
N LEU D 56 -8.45 -32.29 29.86
CA LEU D 56 -7.44 -31.36 30.42
C LEU D 56 -7.01 -31.69 31.83
N TYR D 57 -7.90 -32.33 32.61
CA TYR D 57 -7.61 -32.55 34.05
C TYR D 57 -7.44 -34.01 34.45
N GLY D 58 -7.94 -34.92 33.61
CA GLY D 58 -7.84 -36.40 33.82
C GLY D 58 -8.98 -37.08 34.59
N ASN D 59 -9.91 -36.26 35.08
CA ASN D 59 -11.14 -36.81 35.72
C ASN D 59 -12.33 -35.93 35.38
N LEU D 60 -13.55 -36.43 35.61
CA LEU D 60 -14.73 -35.61 35.34
C LEU D 60 -14.83 -34.56 36.45
N PRO D 61 -15.34 -33.34 36.14
CA PRO D 61 -15.46 -32.25 37.12
C PRO D 61 -16.69 -32.32 38.06
N THR D 62 -16.54 -31.76 39.25
CA THR D 62 -17.71 -31.52 40.11
C THR D 62 -18.49 -30.34 39.50
N GLU D 63 -19.71 -30.11 39.97
CA GLU D 63 -20.46 -28.89 39.55
C GLU D 63 -19.63 -27.61 39.71
N GLN D 64 -18.99 -27.44 40.87
CA GLN D 64 -18.20 -26.24 41.10
C GLN D 64 -17.00 -26.11 40.14
N GLU D 65 -16.28 -27.21 39.93
CA GLU D 65 -15.16 -27.24 38.96
C GLU D 65 -15.61 -26.91 37.53
N LEU D 66 -16.76 -27.46 37.13
CA LEU D 66 -17.39 -27.19 35.84
C LEU D 66 -17.78 -25.71 35.68
N ARG D 67 -18.32 -25.11 36.74
CA ARG D 67 -18.67 -23.68 36.72
C ARG D 67 -17.50 -22.80 36.40
N LYS D 68 -16.41 -22.94 37.16
CA LYS D 68 -15.12 -22.26 36.88
C LYS D 68 -14.57 -22.56 35.50
N TYR D 69 -14.57 -23.85 35.11
CA TYR D 69 -14.04 -24.23 33.79
C TYR D 69 -14.76 -23.45 32.65
N LYS D 70 -16.09 -23.51 32.69
CA LYS D 70 -16.93 -22.75 31.75
C LYS D 70 -16.53 -21.28 31.64
N GLU D 71 -16.31 -20.60 32.78
CA GLU D 71 -15.85 -19.20 32.74
C GLU D 71 -14.54 -19.02 31.98
N THR D 72 -13.60 -19.93 32.18
CA THR D 72 -12.32 -19.84 31.48
C THR D 72 -12.50 -20.00 29.98
N VAL D 73 -13.32 -20.98 29.57
CA VAL D 73 -13.56 -21.22 28.14
C VAL D 73 -14.18 -19.94 27.53
N GLN D 74 -15.09 -19.36 28.29
CA GLN D 74 -15.84 -18.18 27.78
C GLN D 74 -14.96 -16.92 27.57
N LYS D 75 -13.81 -16.84 28.27
CA LYS D 75 -12.79 -15.84 27.96
C LYS D 75 -12.41 -15.86 26.48
N GLY D 76 -12.43 -17.05 25.86
CA GLY D 76 -12.00 -17.20 24.49
C GLY D 76 -13.02 -16.75 23.45
N TYR D 77 -14.19 -16.32 23.94
CA TYR D 77 -15.27 -15.89 23.04
C TYR D 77 -14.94 -14.48 22.50
N LYS D 78 -13.99 -13.80 23.16
CA LYS D 78 -13.42 -12.56 22.68
C LYS D 78 -12.08 -12.85 22.00
N ILE D 79 -12.05 -12.65 20.68
CA ILE D 79 -10.80 -12.70 19.91
C ILE D 79 -10.52 -11.35 19.19
N PRO D 80 -9.22 -11.02 18.94
CA PRO D 80 -8.86 -9.76 18.30
C PRO D 80 -9.42 -9.58 16.88
N ASP D 81 -9.62 -8.32 16.50
CA ASP D 81 -10.11 -7.98 15.17
C ASP D 81 -9.20 -8.54 14.08
N PHE D 82 -7.89 -8.55 14.31
CA PHE D 82 -7.01 -9.04 13.26
C PHE D 82 -7.11 -10.56 13.00
N VAL D 83 -7.49 -11.32 14.02
CA VAL D 83 -7.76 -12.76 13.87
C VAL D 83 -9.01 -12.94 13.01
N ILE D 84 -10.03 -12.12 13.28
CA ILE D 84 -11.25 -12.18 12.49
C ILE D 84 -10.90 -11.76 11.07
N ASN D 85 -10.05 -10.75 10.92
CA ASN D 85 -9.64 -10.33 9.57
C ASN D 85 -8.82 -11.37 8.85
N ALA D 86 -8.06 -12.21 9.61
CA ALA D 86 -7.26 -13.25 8.96
C ALA D 86 -8.15 -14.25 8.22
N ILE D 87 -9.39 -14.37 8.64
CA ILE D 87 -10.43 -15.15 7.94
C ILE D 87 -11.06 -14.28 6.82
N ARG D 88 -11.61 -13.14 7.21
CA ARG D 88 -12.46 -12.34 6.27
C ARG D 88 -11.70 -11.79 5.03
N GLN D 89 -10.36 -11.73 5.08
CA GLN D 89 -9.60 -11.17 3.96
C GLN D 89 -9.28 -12.25 2.93
N LEU D 90 -9.60 -13.51 3.26
CA LEU D 90 -9.31 -14.64 2.35
C LEU D 90 -10.39 -14.82 1.26
N PRO D 91 -10.04 -15.42 0.10
CA PRO D 91 -11.13 -15.77 -0.83
C PRO D 91 -12.27 -16.57 -0.17
N ARG D 92 -13.52 -16.26 -0.53
CA ARG D 92 -14.66 -16.94 0.07
C ARG D 92 -14.71 -18.40 -0.34
N GLU D 93 -14.07 -18.73 -1.47
CA GLU D 93 -13.93 -20.09 -1.96
C GLU D 93 -12.95 -20.98 -1.16
N SER D 94 -12.24 -20.40 -0.19
CA SER D 94 -11.24 -21.19 0.57
C SER D 94 -11.94 -22.25 1.47
N ASP D 95 -11.29 -23.40 1.65
CA ASP D 95 -11.76 -24.45 2.57
C ASP D 95 -11.91 -23.84 3.97
N ALA D 96 -12.96 -24.24 4.69
CA ALA D 96 -13.23 -23.70 6.01
C ALA D 96 -12.02 -24.01 6.93
N VAL D 97 -11.47 -25.22 6.80
CA VAL D 97 -10.30 -25.60 7.65
C VAL D 97 -9.03 -24.76 7.35
N ALA D 98 -8.85 -24.36 6.10
CA ALA D 98 -7.71 -23.49 5.75
C ALA D 98 -7.96 -22.09 6.33
N MET D 99 -9.20 -21.63 6.32
CA MET D 99 -9.57 -20.38 7.04
C MET D 99 -9.22 -20.45 8.55
N GLN D 100 -9.65 -21.50 9.23
CA GLN D 100 -9.25 -21.72 10.63
C GLN D 100 -7.73 -21.67 10.76
N MET D 101 -7.01 -22.36 9.89
CA MET D 101 -5.51 -22.37 9.95
C MET D 101 -4.89 -20.97 9.85
N ALA D 102 -5.36 -20.15 8.89
CA ALA D 102 -4.92 -18.77 8.75
C ALA D 102 -5.17 -17.95 10.00
N ALA D 103 -6.31 -18.17 10.65
CA ALA D 103 -6.65 -17.47 11.89
C ALA D 103 -5.76 -17.92 13.04
N VAL D 104 -5.59 -19.24 13.20
CA VAL D 104 -4.77 -19.72 14.33
C VAL D 104 -3.28 -19.33 14.12
N ALA D 105 -2.80 -19.38 12.87
CA ALA D 105 -1.43 -18.92 12.52
C ALA D 105 -1.24 -17.46 12.95
N ALA D 106 -2.19 -16.60 12.57
CA ALA D 106 -2.21 -15.19 13.04
C ALA D 106 -2.13 -15.10 14.58
N MET D 107 -2.97 -15.88 15.27
CA MET D 107 -2.98 -15.92 16.72
C MET D 107 -1.63 -16.40 17.31
N ALA D 108 -1.09 -17.49 16.79
CA ALA D 108 0.25 -17.98 17.22
C ALA D 108 1.32 -16.88 17.16
N ALA D 109 1.37 -16.16 16.04
CA ALA D 109 2.36 -15.07 15.93
C ALA D 109 2.15 -14.00 17.04
N SER D 110 0.91 -13.62 17.31
CA SER D 110 0.61 -12.60 18.33
C SER D 110 0.86 -13.06 19.77
N GLU D 111 0.91 -14.38 20.00
CA GLU D 111 0.92 -14.88 21.36
C GLU D 111 2.35 -15.05 21.81
N THR D 112 3.03 -13.92 21.90
CA THR D 112 4.47 -13.85 22.17
C THR D 112 4.84 -14.24 23.61
N LYS D 113 3.89 -14.15 24.53
CA LYS D 113 4.22 -14.55 25.91
C LYS D 113 3.82 -15.97 26.29
N PHE D 114 3.38 -16.76 25.31
CA PHE D 114 3.09 -18.15 25.60
C PHE D 114 4.35 -18.85 26.10
N LYS D 115 4.24 -19.57 27.20
CA LYS D 115 5.33 -20.44 27.66
C LYS D 115 4.74 -21.73 28.17
N TRP D 116 5.38 -22.86 27.88
CA TRP D 116 4.88 -24.13 28.46
C TRP D 116 5.07 -24.10 29.99
N ASN D 117 4.03 -24.41 30.74
CA ASN D 117 4.06 -24.31 32.20
C ASN D 117 2.90 -25.09 32.77
N LYS D 118 3.21 -26.08 33.61
CA LYS D 118 2.20 -26.96 34.17
C LYS D 118 1.12 -26.18 34.92
N ASP D 119 1.48 -25.00 35.43
CA ASP D 119 0.53 -24.20 36.19
C ASP D 119 -0.43 -23.45 35.28
N THR D 120 -0.07 -23.26 34.03
CA THR D 120 -0.88 -22.41 33.15
C THR D 120 -1.43 -23.09 31.89
N ASP D 121 -0.82 -24.19 31.47
CA ASP D 121 -1.22 -24.84 30.21
C ASP D 121 -2.73 -25.08 30.06
N ARG D 122 -3.37 -25.53 31.16
CA ARG D 122 -4.76 -25.98 31.09
C ARG D 122 -5.69 -24.78 30.93
N ASP D 123 -5.37 -23.67 31.60
CA ASP D 123 -6.17 -22.44 31.38
C ASP D 123 -5.99 -21.86 29.97
N VAL D 124 -4.78 -22.01 29.42
CA VAL D 124 -4.52 -21.60 28.03
C VAL D 124 -5.38 -22.44 27.05
N ALA D 125 -5.35 -23.76 27.25
CA ALA D 125 -6.12 -24.67 26.43
C ALA D 125 -7.62 -24.40 26.53
N ALA D 126 -8.11 -24.19 27.74
CA ALA D 126 -9.54 -23.92 27.98
C ALA D 126 -9.98 -22.67 27.19
N GLU D 127 -9.26 -21.57 27.38
CA GLU D 127 -9.55 -20.34 26.65
C GLU D 127 -9.43 -20.56 25.13
N MET D 128 -8.45 -21.34 24.66
CA MET D 128 -8.33 -21.64 23.25
C MET D 128 -9.51 -22.43 22.66
N ILE D 129 -10.10 -23.32 23.46
CA ILE D 129 -11.31 -24.08 23.05
C ILE D 129 -12.41 -23.03 22.79
N GLY D 130 -12.51 -22.04 23.65
CA GLY D 130 -13.47 -20.94 23.38
C GLY D 130 -13.09 -20.14 22.14
N ARG D 131 -11.81 -19.79 21.98
CA ARG D 131 -11.36 -19.07 20.77
C ARG D 131 -11.68 -19.86 19.51
N MET D 132 -11.67 -21.20 19.65
CA MET D 132 -11.88 -22.06 18.49
C MET D 132 -13.36 -21.93 18.08
N SER D 133 -14.23 -21.76 19.07
CA SER D 133 -15.66 -21.56 18.79
C SER D 133 -15.81 -20.21 18.05
N ALA D 134 -15.23 -19.16 18.64
CA ALA D 134 -15.18 -17.83 17.97
C ALA D 134 -14.64 -17.85 16.52
N ILE D 135 -13.54 -18.54 16.28
CA ILE D 135 -12.96 -18.60 14.96
C ILE D 135 -13.94 -19.31 14.01
N THR D 136 -14.51 -20.42 14.48
CA THR D 136 -15.32 -21.26 13.62
C THR D 136 -16.62 -20.51 13.26
N VAL D 137 -17.17 -19.79 14.22
CA VAL D 137 -18.36 -18.92 13.98
C VAL D 137 -18.01 -17.95 12.82
N ASN D 138 -16.83 -17.33 12.86
CA ASN D 138 -16.45 -16.36 11.82
C ASN D 138 -16.03 -16.96 10.50
N VAL D 139 -15.50 -18.19 10.55
CA VAL D 139 -15.30 -18.91 9.31
C VAL D 139 -16.65 -19.16 8.63
N TYR D 140 -17.63 -19.64 9.39
CA TYR D 140 -18.95 -19.94 8.80
C TYR D 140 -19.56 -18.65 8.20
N ARG D 141 -19.58 -17.60 9.00
CA ARG D 141 -20.16 -16.32 8.57
C ARG D 141 -19.47 -15.75 7.34
N HIS D 142 -18.13 -15.73 7.34
CA HIS D 142 -17.40 -15.34 6.13
C HIS D 142 -17.83 -16.10 4.89
N ILE D 143 -17.83 -17.43 4.98
CA ILE D 143 -18.23 -18.26 3.84
C ILE D 143 -19.65 -17.94 3.36
N MET D 144 -20.56 -17.75 4.31
CA MET D 144 -21.99 -17.47 4.02
C MET D 144 -22.24 -15.97 3.72
N ASN D 145 -21.16 -15.21 3.56
CA ASN D 145 -21.24 -13.76 3.37
C ASN D 145 -22.16 -13.07 4.38
N MET D 146 -22.06 -13.46 5.66
CA MET D 146 -22.77 -12.78 6.74
C MET D 146 -21.81 -11.86 7.51
N PRO D 147 -22.35 -10.96 8.38
CA PRO D 147 -21.50 -10.16 9.29
C PRO D 147 -20.72 -11.00 10.31
N ALA D 148 -19.60 -10.45 10.79
CA ALA D 148 -18.86 -11.03 11.92
C ALA D 148 -19.73 -11.08 13.17
N GLU D 149 -19.55 -12.13 13.95
CA GLU D 149 -20.26 -12.29 15.21
C GLU D 149 -19.37 -13.10 16.15
N LEU D 150 -19.55 -12.89 17.46
CA LEU D 150 -18.85 -13.65 18.50
C LEU D 150 -19.82 -14.41 19.38
N PRO D 151 -19.39 -15.60 19.86
CA PRO D 151 -20.27 -16.37 20.72
C PRO D 151 -20.42 -15.61 22.05
N LYS D 152 -21.51 -15.86 22.77
CA LYS D 152 -21.74 -15.33 24.13
C LYS D 152 -22.04 -16.48 25.10
N PRO D 153 -21.82 -16.26 26.44
CA PRO D 153 -22.16 -17.33 27.40
C PRO D 153 -23.63 -17.66 27.23
N SER D 154 -23.95 -18.94 27.42
CA SER D 154 -25.32 -19.45 27.44
C SER D 154 -25.30 -20.70 28.29
N ASP D 155 -26.37 -21.48 28.25
CA ASP D 155 -26.45 -22.70 29.06
C ASP D 155 -25.44 -23.77 28.63
N SER D 156 -24.93 -23.66 27.40
CA SER D 156 -23.94 -24.65 26.92
C SER D 156 -23.02 -24.12 25.82
N TYR D 157 -21.79 -24.67 25.80
CA TYR D 157 -20.84 -24.36 24.73
C TYR D 157 -21.42 -24.67 23.34
N ALA D 158 -22.11 -25.79 23.20
CA ALA D 158 -22.76 -26.19 21.95
C ALA D 158 -23.78 -25.08 21.53
N GLU D 159 -24.63 -24.68 22.46
CA GLU D 159 -25.58 -23.58 22.19
C GLU D 159 -24.89 -22.28 21.80
N SER D 160 -23.85 -21.89 22.56
CA SER D 160 -23.15 -20.62 22.30
C SER D 160 -22.63 -20.57 20.87
N PHE D 161 -22.04 -21.68 20.44
CA PHE D 161 -21.57 -21.83 19.10
C PHE D 161 -22.66 -21.68 18.02
N LEU D 162 -23.69 -22.51 18.11
CA LEU D 162 -24.77 -22.50 17.08
C LEU D 162 -25.50 -21.14 17.06
N ASN D 163 -25.77 -20.58 18.24
CA ASN D 163 -26.51 -19.29 18.30
C ASN D 163 -25.76 -18.22 17.49
N ALA D 164 -24.44 -18.18 17.65
CA ALA D 164 -23.59 -17.20 17.02
C ALA D 164 -23.43 -17.51 15.55
N ALA D 165 -23.26 -18.78 15.23
CA ALA D 165 -23.02 -19.18 13.86
C ALA D 165 -24.24 -18.80 13.00
N PHE D 166 -25.43 -19.18 13.47
CA PHE D 166 -26.68 -18.98 12.72
C PHE D 166 -27.34 -17.62 12.90
N GLY D 167 -27.04 -16.92 13.99
CA GLY D 167 -27.60 -15.59 14.25
C GLY D 167 -29.06 -15.66 14.68
N ARG D 168 -29.41 -16.77 15.33
CA ARG D 168 -30.72 -16.96 15.95
C ARG D 168 -30.58 -18.01 17.05
N LYS D 169 -31.58 -18.10 17.92
CA LYS D 169 -31.55 -19.11 19.00
C LYS D 169 -31.68 -20.53 18.47
N ALA D 170 -30.73 -21.42 18.76
CA ALA D 170 -30.85 -22.79 18.22
C ALA D 170 -31.88 -23.59 19.02
N THR D 171 -32.39 -24.66 18.43
CA THR D 171 -33.36 -25.49 19.13
C THR D 171 -32.69 -26.51 20.06
N LYS D 172 -33.47 -27.06 21.01
CA LYS D 172 -32.97 -28.13 21.87
C LYS D 172 -32.39 -29.26 21.04
N GLU D 173 -33.14 -29.67 20.02
CA GLU D 173 -32.75 -30.78 19.15
C GLU D 173 -31.43 -30.50 18.42
N GLU D 174 -31.26 -29.26 17.91
CA GLU D 174 -30.00 -28.79 17.29
C GLU D 174 -28.83 -28.80 18.28
N ILE D 175 -29.05 -28.19 19.45
CA ILE D 175 -28.02 -28.06 20.51
C ILE D 175 -27.54 -29.47 20.95
N ASP D 176 -28.49 -30.34 21.31
CA ASP D 176 -28.15 -31.72 21.79
C ASP D 176 -27.36 -32.46 20.72
N ALA D 177 -27.76 -32.36 19.45
CA ALA D 177 -27.02 -33.05 18.40
C ALA D 177 -25.61 -32.48 18.20
N MET D 178 -25.46 -31.15 18.26
CA MET D 178 -24.14 -30.52 18.17
C MET D 178 -23.28 -30.99 19.35
N ASN D 179 -23.91 -31.08 20.51
CA ASN D 179 -23.22 -31.49 21.77
C ASN D 179 -22.61 -32.86 21.61
N THR D 180 -23.41 -33.79 21.06
CA THR D 180 -22.90 -35.13 20.74
C THR D 180 -21.76 -35.10 19.70
N ALA D 181 -21.93 -34.34 18.63
CA ALA D 181 -20.89 -34.22 17.60
C ALA D 181 -19.59 -33.75 18.25
N LEU D 182 -19.67 -32.72 19.12
CA LEU D 182 -18.46 -32.18 19.77
C LEU D 182 -17.77 -33.31 20.60
N ILE D 183 -18.57 -34.05 21.37
CA ILE D 183 -18.02 -35.17 22.17
C ILE D 183 -17.34 -36.21 21.29
N LEU D 184 -18.04 -36.62 20.25
CA LEU D 184 -17.56 -37.73 19.44
C LEU D 184 -16.30 -37.44 18.64
N TYR D 185 -16.06 -36.17 18.29
CA TYR D 185 -14.85 -35.77 17.56
C TYR D 185 -13.72 -35.27 18.46
N THR D 186 -13.93 -35.37 19.78
CA THR D 186 -13.02 -34.70 20.75
C THR D 186 -11.56 -35.19 20.56
N ASP D 187 -11.38 -36.51 20.46
CA ASP D 187 -10.04 -37.07 20.32
C ASP D 187 -10.09 -38.43 19.68
N HIS D 188 -8.96 -38.81 19.07
CA HIS D 188 -8.84 -40.15 18.50
C HIS D 188 -7.42 -40.69 18.51
N GLU D 189 -6.73 -40.41 19.61
CA GLU D 189 -5.39 -40.87 19.94
C GLU D 189 -4.40 -40.11 19.07
N VAL D 190 -3.66 -40.77 18.15
CA VAL D 190 -2.66 -40.00 17.37
C VAL D 190 -2.84 -40.15 15.84
N PRO D 191 -3.96 -39.61 15.31
CA PRO D 191 -4.12 -39.59 13.86
C PRO D 191 -3.15 -38.56 13.25
N ALA D 192 -3.21 -38.40 11.93
CA ALA D 192 -2.26 -37.55 11.26
C ALA D 192 -2.20 -36.13 11.82
N SER D 193 -3.35 -35.53 12.08
CA SER D 193 -3.42 -34.13 12.55
C SER D 193 -2.71 -34.00 13.91
N THR D 194 -3.12 -34.83 14.85
CA THR D 194 -2.50 -34.82 16.19
C THR D 194 -1.00 -35.09 16.08
N THR D 195 -0.60 -36.01 15.20
CA THR D 195 0.84 -36.31 15.01
C THR D 195 1.65 -35.10 14.49
N ALA D 196 1.09 -34.40 13.50
CA ALA D 196 1.71 -33.19 12.99
C ALA D 196 1.90 -32.14 14.09
N GLY D 197 0.87 -31.91 14.89
CA GLY D 197 0.95 -30.94 16.01
C GLY D 197 1.98 -31.39 17.05
N LEU D 198 2.03 -32.69 17.32
CA LEU D 198 3.05 -33.22 18.28
C LEU D 198 4.47 -32.96 17.81
N VAL D 199 4.72 -33.18 16.50
CA VAL D 199 6.02 -32.85 15.93
C VAL D 199 6.35 -31.39 16.20
N ALA D 200 5.39 -30.52 15.90
CA ALA D 200 5.59 -29.09 16.11
C ALA D 200 5.86 -28.78 17.60
N VAL D 201 5.03 -29.29 18.52
CA VAL D 201 5.27 -28.92 19.93
C VAL D 201 6.50 -29.62 20.53
N SER D 202 6.97 -30.69 19.88
CA SER D 202 8.20 -31.35 20.31
C SER D 202 9.46 -30.49 20.21
N THR D 203 9.37 -29.40 19.44
CA THR D 203 10.47 -28.42 19.36
C THR D 203 10.29 -27.31 20.42
N LEU D 204 9.22 -27.44 21.23
CA LEU D 204 8.75 -26.48 22.24
C LEU D 204 8.07 -25.27 21.61
N SER D 205 7.64 -25.46 20.36
CA SER D 205 6.78 -24.46 19.71
C SER D 205 5.50 -24.28 20.51
N ASP D 206 4.85 -23.12 20.34
CA ASP D 206 3.71 -22.78 21.18
C ASP D 206 2.47 -23.64 20.88
N MET D 207 1.53 -23.67 21.83
CA MET D 207 0.25 -24.39 21.67
C MET D 207 -0.41 -24.02 20.32
N TYR D 208 -0.36 -22.75 19.91
CA TYR D 208 -1.13 -22.32 18.73
C TYR D 208 -0.54 -22.83 17.43
N SER D 209 0.80 -22.83 17.43
CA SER D 209 1.57 -23.39 16.34
C SER D 209 1.30 -24.91 16.22
N GLY D 210 1.19 -25.62 17.37
CA GLY D 210 0.83 -27.04 17.37
C GLY D 210 -0.53 -27.23 16.67
N ILE D 211 -1.48 -26.39 17.06
CA ILE D 211 -2.85 -26.43 16.42
C ILE D 211 -2.77 -26.15 14.90
N THR D 212 -1.91 -25.21 14.51
CA THR D 212 -1.75 -24.80 13.09
C THR D 212 -1.26 -25.99 12.26
N ALA D 213 -0.26 -26.68 12.80
CA ALA D 213 0.27 -27.85 12.17
C ALA D 213 -0.80 -28.97 12.03
N ALA D 214 -1.61 -29.13 13.06
CA ALA D 214 -2.67 -30.14 13.11
C ALA D 214 -3.67 -29.80 12.03
N LEU D 215 -4.00 -28.52 11.92
CA LEU D 215 -4.94 -28.07 10.86
C LEU D 215 -4.42 -28.32 9.44
N ALA D 216 -3.11 -28.12 9.23
CA ALA D 216 -2.44 -28.35 7.95
C ALA D 216 -2.59 -29.81 7.52
N ALA D 217 -2.48 -30.74 8.49
CA ALA D 217 -2.72 -32.17 8.24
C ALA D 217 -4.21 -32.42 7.99
N LEU D 218 -5.07 -31.81 8.80
CA LEU D 218 -6.54 -32.07 8.66
C LEU D 218 -7.07 -31.73 7.28
N LYS D 219 -6.50 -30.70 6.66
CA LYS D 219 -6.92 -30.24 5.33
C LYS D 219 -6.81 -31.34 4.24
N GLY D 220 -5.85 -32.25 4.36
CA GLY D 220 -5.69 -33.31 3.34
C GLY D 220 -6.91 -34.25 3.24
N PRO D 221 -7.29 -34.60 2.00
CA PRO D 221 -8.47 -35.46 1.76
C PRO D 221 -8.30 -36.89 2.30
N LEU D 222 -7.09 -37.28 2.72
CA LEU D 222 -6.97 -38.56 3.44
C LEU D 222 -7.27 -38.48 4.95
N HIS D 223 -7.64 -37.28 5.42
CA HIS D 223 -7.93 -37.04 6.85
C HIS D 223 -9.21 -36.19 6.96
N GLY D 224 -9.20 -34.95 6.48
CA GLY D 224 -10.42 -34.15 6.42
C GLY D 224 -11.26 -34.47 5.17
N GLY D 225 -12.42 -33.84 5.07
CA GLY D 225 -13.20 -33.87 3.85
C GLY D 225 -14.08 -35.11 3.65
N ALA D 226 -13.94 -36.14 4.50
CA ALA D 226 -14.74 -37.39 4.33
C ALA D 226 -16.24 -37.28 4.57
N ALA D 227 -16.66 -36.48 5.55
CA ALA D 227 -18.10 -36.35 5.80
C ALA D 227 -18.76 -35.71 4.55
N GLU D 228 -18.08 -34.72 4.00
CA GLU D 228 -18.53 -34.04 2.76
C GLU D 228 -18.56 -34.98 1.59
N ALA D 229 -17.49 -35.76 1.45
CA ALA D 229 -17.36 -36.75 0.40
C ALA D 229 -18.46 -37.84 0.48
N ALA D 230 -18.82 -38.28 1.70
CA ALA D 230 -19.91 -39.20 1.90
C ALA D 230 -21.24 -38.58 1.43
N ILE D 231 -21.51 -37.33 1.83
CA ILE D 231 -22.72 -36.64 1.37
C ILE D 231 -22.77 -36.53 -0.17
N ALA D 232 -21.63 -36.20 -0.75
CA ALA D 232 -21.50 -36.05 -2.19
C ALA D 232 -21.79 -37.38 -2.89
N GLN D 233 -21.37 -38.50 -2.31
CA GLN D 233 -21.65 -39.80 -2.98
C GLN D 233 -23.15 -40.19 -2.86
N PHE D 234 -23.75 -39.93 -1.70
CA PHE D 234 -25.20 -40.12 -1.53
C PHE D 234 -25.98 -39.26 -2.53
N ASP D 235 -25.55 -38.02 -2.69
CA ASP D 235 -26.22 -37.11 -3.62
C ASP D 235 -26.11 -37.58 -5.08
N GLU D 236 -24.96 -38.08 -5.49
N GLU D 236 -24.94 -38.11 -5.45
CA GLU D 236 -24.82 -38.57 -6.86
CA GLU D 236 -24.66 -38.68 -6.79
C GLU D 236 -25.77 -39.77 -7.10
C GLU D 236 -25.56 -39.86 -7.15
N ILE D 237 -25.80 -40.72 -6.15
CA ILE D 237 -26.71 -41.90 -6.28
C ILE D 237 -28.16 -41.46 -6.50
N LYS D 238 -28.60 -40.42 -5.78
CA LYS D 238 -29.90 -39.71 -6.00
C LYS D 238 -31.17 -40.32 -5.36
N ASP D 239 -31.31 -41.64 -5.49
CA ASP D 239 -32.47 -42.37 -4.99
C ASP D 239 -32.07 -43.74 -4.51
N PRO D 240 -32.70 -44.23 -3.43
CA PRO D 240 -32.42 -45.57 -2.92
C PRO D 240 -32.51 -46.69 -4.00
N ALA D 241 -33.45 -46.57 -4.93
CA ALA D 241 -33.59 -47.62 -5.94
C ALA D 241 -32.37 -47.73 -6.88
N MET D 242 -31.57 -46.65 -6.91
CA MET D 242 -30.41 -46.53 -7.81
C MET D 242 -29.10 -47.01 -7.14
N VAL D 243 -29.20 -47.38 -5.86
CA VAL D 243 -28.03 -47.72 -5.04
C VAL D 243 -27.26 -48.91 -5.61
N GLU D 244 -27.98 -50.01 -5.88
CA GLU D 244 -27.33 -51.23 -6.34
C GLU D 244 -26.59 -51.04 -7.65
N LYS D 245 -27.22 -50.39 -8.62
CA LYS D 245 -26.55 -50.14 -9.92
C LYS D 245 -25.33 -49.23 -9.74
N TRP D 246 -25.50 -48.17 -8.95
CA TRP D 246 -24.37 -47.23 -8.72
C TRP D 246 -23.17 -47.93 -8.09
N PHE D 247 -23.45 -48.78 -7.11
CA PHE D 247 -22.45 -49.51 -6.33
C PHE D 247 -21.72 -50.48 -7.24
N ASN D 248 -22.46 -51.20 -8.08
CA ASN D 248 -21.80 -52.12 -8.98
C ASN D 248 -20.96 -51.41 -10.03
N ASP D 249 -21.48 -50.28 -10.54
CA ASP D 249 -20.84 -49.49 -11.59
C ASP D 249 -19.56 -48.78 -11.14
N ASN D 250 -19.57 -48.26 -9.92
CA ASN D 250 -18.53 -47.32 -9.46
C ASN D 250 -17.58 -47.88 -8.44
N ILE D 251 -18.07 -48.84 -7.65
CA ILE D 251 -17.30 -49.40 -6.55
C ILE D 251 -16.81 -50.79 -6.91
N ILE D 252 -17.73 -51.74 -7.10
CA ILE D 252 -17.35 -53.12 -7.41
C ILE D 252 -16.56 -53.16 -8.70
N ASN D 253 -17.18 -52.69 -9.79
CA ASN D 253 -16.55 -52.77 -11.11
C ASN D 253 -15.62 -51.60 -11.33
N GLY D 254 -15.84 -50.79 -12.37
CA GLY D 254 -15.04 -49.56 -12.54
C GLY D 254 -15.00 -48.89 -11.19
N LYS D 255 -13.86 -48.27 -10.82
CA LYS D 255 -13.60 -47.88 -9.44
C LYS D 255 -13.50 -46.40 -9.02
N LYS D 256 -14.40 -46.05 -8.10
CA LYS D 256 -14.35 -44.86 -7.27
C LYS D 256 -14.10 -45.39 -5.84
N ARG D 257 -13.73 -44.49 -4.93
CA ARG D 257 -13.57 -44.86 -3.53
C ARG D 257 -14.93 -44.80 -2.79
N LEU D 258 -15.25 -45.84 -2.00
CA LEU D 258 -16.46 -45.82 -1.16
C LEU D 258 -16.18 -44.90 0.02
N MET D 259 -16.85 -43.76 0.07
CA MET D 259 -16.53 -42.74 1.06
C MET D 259 -17.14 -43.04 2.45
N GLY D 260 -16.38 -42.71 3.50
CA GLY D 260 -16.84 -42.96 4.88
C GLY D 260 -16.70 -44.42 5.31
N PHE D 261 -15.93 -45.21 4.55
CA PHE D 261 -15.64 -46.60 4.89
C PHE D 261 -14.14 -46.78 5.13
N GLY D 262 -13.78 -47.67 6.04
CA GLY D 262 -12.39 -48.00 6.28
C GLY D 262 -11.75 -47.11 7.33
N HIS D 263 -10.75 -47.67 8.00
CA HIS D 263 -10.02 -46.94 9.02
C HIS D 263 -8.66 -47.59 9.23
N ARG D 264 -7.66 -46.78 9.58
CA ARG D 264 -6.30 -47.28 9.89
C ARG D 264 -6.26 -48.15 11.19
N VAL D 265 -7.17 -47.86 12.12
CA VAL D 265 -7.29 -48.62 13.38
C VAL D 265 -8.51 -49.56 13.37
N TYR D 266 -9.70 -49.04 13.12
CA TYR D 266 -10.90 -49.86 13.17
C TYR D 266 -10.89 -50.84 12.04
N LYS D 267 -11.00 -52.13 12.39
CA LYS D 267 -11.22 -53.21 11.41
C LYS D 267 -12.61 -53.81 11.64
N THR D 268 -13.49 -52.99 12.22
CA THR D 268 -14.85 -53.34 12.57
C THR D 268 -15.64 -52.01 12.59
N TYR D 269 -16.94 -52.07 12.86
CA TYR D 269 -17.76 -50.88 12.83
C TYR D 269 -17.26 -49.80 13.84
N ASP D 270 -17.09 -48.58 13.36
CA ASP D 270 -16.60 -47.48 14.20
C ASP D 270 -17.70 -47.15 15.23
N PRO D 271 -17.36 -47.17 16.52
CA PRO D 271 -18.43 -46.91 17.50
C PRO D 271 -19.06 -45.53 17.37
N ARG D 272 -18.29 -44.54 16.90
CA ARG D 272 -18.81 -43.21 16.65
C ARG D 272 -19.85 -43.23 15.54
N ALA D 273 -19.61 -44.06 14.53
CA ALA D 273 -20.57 -44.27 13.42
C ALA D 273 -21.86 -44.89 13.91
N LYS D 274 -21.71 -45.89 14.77
CA LYS D 274 -22.84 -46.59 15.37
C LYS D 274 -23.73 -45.53 16.05
N ILE D 275 -23.13 -44.64 16.82
CA ILE D 275 -23.88 -43.58 17.47
C ILE D 275 -24.49 -42.56 16.48
N PHE D 276 -23.67 -42.08 15.54
CA PHE D 276 -24.14 -41.06 14.58
C PHE D 276 -25.31 -41.58 13.74
N LYS D 277 -25.26 -42.85 13.41
CA LYS D 277 -26.39 -43.47 12.66
C LYS D 277 -27.75 -43.29 13.31
N GLY D 278 -27.84 -43.55 14.61
CA GLY D 278 -29.12 -43.47 15.34
C GLY D 278 -29.55 -42.02 15.39
N ILE D 279 -28.59 -41.12 15.58
CA ILE D 279 -28.94 -39.69 15.61
C ILE D 279 -29.36 -39.20 14.20
N ALA D 280 -28.64 -39.63 13.16
CA ALA D 280 -29.01 -39.27 11.77
C ALA D 280 -30.43 -39.80 11.47
N GLU D 281 -30.76 -40.99 11.99
CA GLU D 281 -32.09 -41.54 11.78
C GLU D 281 -33.19 -40.61 12.35
N LYS D 282 -33.02 -40.22 13.61
CA LYS D 282 -33.97 -39.32 14.30
C LYS D 282 -34.06 -37.89 13.74
N LEU D 283 -32.90 -37.27 13.52
CA LEU D 283 -32.85 -35.89 13.05
C LEU D 283 -33.40 -35.72 11.62
N SER D 284 -33.24 -36.75 10.80
CA SER D 284 -33.65 -36.70 9.40
C SER D 284 -35.12 -37.12 9.19
N SER D 285 -35.69 -37.81 10.19
CA SER D 285 -36.99 -38.45 10.05
C SER D 285 -38.08 -37.49 9.59
N LYS D 286 -38.08 -36.26 10.11
CA LYS D 286 -39.16 -35.29 9.86
C LYS D 286 -38.75 -34.22 8.85
N LYS D 287 -37.65 -34.48 8.14
CA LYS D 287 -37.15 -33.60 7.09
C LYS D 287 -36.97 -34.44 5.84
N PRO D 288 -37.83 -34.22 4.81
CA PRO D 288 -37.87 -35.20 3.72
C PRO D 288 -36.59 -35.24 2.89
N GLU D 289 -36.02 -34.06 2.63
CA GLU D 289 -34.82 -33.96 1.80
C GLU D 289 -33.61 -34.60 2.54
N VAL D 290 -33.57 -34.41 3.86
CA VAL D 290 -32.57 -35.10 4.68
C VAL D 290 -32.84 -36.60 4.80
N HIS D 291 -34.11 -36.96 5.02
CA HIS D 291 -34.52 -38.36 5.16
C HIS D 291 -34.10 -39.18 3.96
N LYS D 292 -34.24 -38.59 2.76
CA LYS D 292 -33.87 -39.29 1.53
C LYS D 292 -32.38 -39.62 1.51
N VAL D 293 -31.55 -38.67 1.93
CA VAL D 293 -30.09 -38.94 2.05
C VAL D 293 -29.81 -40.14 3.00
N TYR D 294 -30.42 -40.11 4.18
CA TYR D 294 -30.34 -41.22 5.15
C TYR D 294 -30.73 -42.58 4.54
N GLU D 295 -31.85 -42.62 3.82
CA GLU D 295 -32.24 -43.82 3.12
C GLU D 295 -31.23 -44.34 2.11
N ILE D 296 -30.66 -43.42 1.32
CA ILE D 296 -29.61 -43.74 0.39
C ILE D 296 -28.41 -44.31 1.19
N ALA D 297 -28.05 -43.59 2.24
CA ALA D 297 -26.88 -44.00 3.07
C ALA D 297 -27.00 -45.42 3.61
N THR D 298 -28.17 -45.76 4.19
CA THR D 298 -28.28 -47.08 4.85
C THR D 298 -28.34 -48.21 3.80
N LYS D 299 -28.95 -47.93 2.64
CA LYS D 299 -29.02 -48.96 1.61
C LYS D 299 -27.62 -49.19 1.04
N LEU D 300 -26.86 -48.10 0.85
CA LEU D 300 -25.46 -48.19 0.40
C LEU D 300 -24.60 -48.90 1.44
N GLU D 301 -24.88 -48.56 2.70
CA GLU D 301 -24.18 -49.21 3.83
C GLU D 301 -24.26 -50.72 3.77
N ASP D 302 -25.45 -51.26 3.53
CA ASP D 302 -25.60 -52.73 3.42
C ASP D 302 -24.75 -53.32 2.29
N PHE D 303 -24.69 -52.63 1.14
CA PHE D 303 -23.86 -53.14 0.07
C PHE D 303 -22.39 -53.09 0.43
N GLY D 304 -22.00 -51.99 1.10
CA GLY D 304 -20.61 -51.79 1.53
C GLY D 304 -20.12 -52.86 2.46
N ILE D 305 -20.92 -53.14 3.49
CA ILE D 305 -20.53 -54.12 4.54
C ILE D 305 -20.46 -55.52 3.95
N LYS D 306 -21.46 -55.87 3.14
CA LYS D 306 -21.45 -57.18 2.51
C LYS D 306 -20.23 -57.40 1.58
N ALA D 307 -19.79 -56.34 0.91
CA ALA D 307 -18.62 -56.43 0.04
C ALA D 307 -17.25 -56.35 0.76
N PHE D 308 -17.17 -55.52 1.80
CA PHE D 308 -15.85 -55.19 2.41
C PHE D 308 -15.68 -55.49 3.91
N GLY D 309 -16.77 -55.80 4.58
CA GLY D 309 -16.75 -56.16 6.00
C GLY D 309 -15.78 -57.30 6.28
N SER D 310 -15.79 -58.31 5.40
CA SER D 310 -14.86 -59.44 5.53
C SER D 310 -13.38 -59.03 5.44
N LYS D 311 -13.10 -57.85 4.89
CA LYS D 311 -11.74 -57.29 4.85
C LYS D 311 -11.46 -56.24 5.94
N GLY D 312 -12.37 -56.10 6.89
CA GLY D 312 -12.16 -55.19 8.00
C GLY D 312 -12.53 -53.76 7.66
N ILE D 313 -13.28 -53.58 6.58
CA ILE D 313 -13.61 -52.24 6.09
C ILE D 313 -15.10 -52.00 6.32
N TYR D 314 -15.41 -51.02 7.19
CA TYR D 314 -16.76 -50.79 7.70
C TYR D 314 -17.03 -49.27 7.75
N PRO D 315 -18.28 -48.87 7.98
CA PRO D 315 -18.53 -47.44 8.14
C PRO D 315 -17.69 -46.84 9.25
N ASN D 316 -17.14 -45.65 8.97
CA ASN D 316 -16.41 -44.91 9.98
C ASN D 316 -17.28 -43.72 10.33
N THR D 317 -16.84 -42.95 11.32
CA THR D 317 -17.57 -41.80 11.86
C THR D 317 -18.07 -40.83 10.81
N ASP D 318 -17.31 -40.65 9.72
CA ASP D 318 -17.66 -39.70 8.68
C ASP D 318 -18.74 -40.21 7.69
N TYR D 319 -19.21 -41.44 7.88
CA TYR D 319 -20.26 -41.94 6.99
C TYR D 319 -21.61 -41.27 7.26
N PHE D 320 -21.96 -41.15 8.54
CA PHE D 320 -23.24 -40.56 9.00
C PHE D 320 -23.16 -39.13 9.55
N SER D 321 -21.97 -38.63 9.90
CA SER D 321 -21.97 -37.32 10.60
C SER D 321 -22.41 -36.11 9.73
N GLY D 322 -22.26 -36.25 8.41
CA GLY D 322 -22.72 -35.24 7.45
C GLY D 322 -24.21 -35.00 7.56
N ILE D 323 -24.97 -36.08 7.68
CA ILE D 323 -26.43 -36.05 7.81
C ILE D 323 -26.78 -35.36 9.12
N VAL D 324 -25.99 -35.64 10.16
CA VAL D 324 -26.18 -34.94 11.42
C VAL D 324 -25.93 -33.43 11.28
N TYR D 325 -24.81 -33.03 10.69
CA TYR D 325 -24.49 -31.60 10.57
C TYR D 325 -25.53 -30.86 9.69
N MET D 326 -25.90 -31.54 8.61
CA MET D 326 -26.95 -31.07 7.66
C MET D 326 -28.26 -30.83 8.40
N SER D 327 -28.64 -31.79 9.25
CA SER D 327 -29.82 -31.66 10.11
C SER D 327 -29.70 -30.49 11.10
N ILE D 328 -28.51 -30.28 11.65
CA ILE D 328 -28.25 -29.19 12.63
C ILE D 328 -28.42 -27.83 11.96
N GLY D 329 -28.04 -27.78 10.68
CA GLY D 329 -28.21 -26.58 9.82
C GLY D 329 -27.04 -26.23 8.89
N PHE D 330 -25.97 -27.02 8.93
CA PHE D 330 -24.75 -26.67 8.21
C PHE D 330 -24.72 -27.21 6.79
N PRO D 331 -24.28 -26.38 5.82
CA PRO D 331 -24.27 -26.77 4.40
C PRO D 331 -23.05 -27.57 3.96
N LEU D 332 -23.10 -28.11 2.74
CA LEU D 332 -22.03 -28.97 2.22
C LEU D 332 -20.79 -28.19 1.77
N ARG D 333 -21.00 -26.93 1.34
CA ARG D 333 -19.98 -26.14 0.64
C ARG D 333 -18.76 -25.85 1.52
N ASN D 334 -17.60 -25.75 0.88
CA ASN D 334 -16.35 -25.20 1.48
C ASN D 334 -15.78 -26.15 2.56
N ASN D 335 -16.29 -27.38 2.56
CA ASN D 335 -15.92 -28.37 3.60
C ASN D 335 -16.09 -27.85 5.01
N ILE D 336 -17.23 -27.20 5.25
CA ILE D 336 -17.59 -26.74 6.58
C ILE D 336 -17.56 -27.89 7.61
N TYR D 337 -17.96 -29.11 7.22
CA TYR D 337 -18.02 -30.23 8.19
C TYR D 337 -16.63 -30.51 8.79
N THR D 338 -15.59 -30.30 7.98
CA THR D 338 -14.18 -30.52 8.41
C THR D 338 -13.78 -29.44 9.42
N ALA D 339 -14.25 -28.22 9.22
CA ALA D 339 -14.09 -27.16 10.24
C ALA D 339 -14.80 -27.52 11.56
N LEU D 340 -15.97 -28.17 11.48
CA LEU D 340 -16.63 -28.63 12.71
C LEU D 340 -15.82 -29.78 13.39
N PHE D 341 -15.24 -30.64 12.55
CA PHE D 341 -14.29 -31.68 13.00
C PHE D 341 -13.17 -30.97 13.82
N ALA D 342 -12.51 -29.98 13.21
CA ALA D 342 -11.46 -29.21 13.88
C ALA D 342 -11.93 -28.53 15.15
N LEU D 343 -13.10 -27.91 15.13
CA LEU D 343 -13.68 -27.28 16.32
C LEU D 343 -13.73 -28.27 17.49
N SER D 344 -14.17 -29.50 17.24
CA SER D 344 -14.22 -30.51 18.31
C SER D 344 -12.80 -30.96 18.67
N ARG D 345 -12.04 -31.33 17.66
CA ARG D 345 -10.72 -32.01 17.85
C ARG D 345 -9.68 -31.12 18.53
N VAL D 346 -9.94 -29.80 18.59
CA VAL D 346 -8.96 -28.87 19.21
C VAL D 346 -8.70 -29.24 20.71
N THR D 347 -9.72 -29.77 21.37
CA THR D 347 -9.62 -30.23 22.77
C THR D 347 -8.58 -31.35 22.82
N GLY D 348 -8.77 -32.37 21.98
CA GLY D 348 -7.84 -33.54 21.94
C GLY D 348 -6.43 -33.16 21.55
N TRP D 349 -6.27 -32.32 20.51
CA TRP D 349 -4.95 -31.85 20.09
C TRP D 349 -4.21 -31.19 21.25
N GLN D 350 -4.88 -30.24 21.91
CA GLN D 350 -4.23 -29.54 23.02
C GLN D 350 -3.91 -30.47 24.19
N ALA D 351 -4.87 -31.32 24.55
CA ALA D 351 -4.67 -32.32 25.66
C ALA D 351 -3.41 -33.16 25.31
N HIS D 352 -3.29 -33.64 24.07
CA HIS D 352 -2.08 -34.38 23.64
C HIS D 352 -0.77 -33.61 23.68
N PHE D 353 -0.84 -32.32 23.32
CA PHE D 353 0.36 -31.50 23.31
C PHE D 353 0.84 -31.31 24.75
N ILE D 354 -0.08 -30.91 25.62
CA ILE D 354 0.21 -30.75 27.03
C ILE D 354 0.86 -32.01 27.66
N GLU D 355 0.22 -33.15 27.45
CA GLU D 355 0.69 -34.46 27.99
C GLU D 355 2.09 -34.80 27.46
N TYR D 356 2.37 -34.41 26.21
CA TYR D 356 3.67 -34.69 25.61
C TYR D 356 4.78 -33.81 26.22
N VAL D 357 4.56 -32.51 26.12
CA VAL D 357 5.55 -31.53 26.59
C VAL D 357 5.76 -31.62 28.11
N GLU D 358 4.69 -31.76 28.88
CA GLU D 358 4.81 -31.70 30.33
C GLU D 358 5.56 -32.94 30.84
N GLU D 359 5.31 -34.10 30.22
CA GLU D 359 5.69 -35.37 30.91
C GLU D 359 6.58 -36.35 30.15
N GLN D 360 6.80 -36.11 28.85
CA GLN D 360 7.56 -37.04 28.01
C GLN D 360 8.25 -36.32 26.83
N GLN D 361 8.73 -35.14 27.14
CA GLN D 361 9.21 -34.24 26.12
C GLN D 361 10.46 -34.82 25.50
N ARG D 362 10.44 -34.86 24.17
CA ARG D 362 11.63 -35.16 23.39
C ARG D 362 11.43 -34.65 21.97
N LEU D 363 12.46 -34.01 21.42
CA LEU D 363 12.44 -33.52 20.04
C LEU D 363 12.15 -34.69 19.08
N ILE D 364 11.20 -34.52 18.16
CA ILE D 364 10.92 -35.53 17.14
C ILE D 364 11.80 -35.25 15.90
N ARG D 365 12.77 -36.14 15.71
CA ARG D 365 13.80 -35.98 14.69
C ARG D 365 14.16 -37.36 14.17
N PRO D 366 13.39 -37.84 13.18
CA PRO D 366 13.68 -39.18 12.64
C PRO D 366 14.83 -39.11 11.61
N ARG D 367 14.98 -40.18 10.81
CA ARG D 367 15.93 -40.23 9.72
C ARG D 367 15.27 -40.63 8.40
N ALA D 368 16.08 -40.66 7.35
CA ALA D 368 15.66 -41.18 6.05
C ALA D 368 16.72 -42.13 5.54
N VAL D 369 16.28 -43.13 4.76
CA VAL D 369 17.20 -44.03 4.05
C VAL D 369 17.65 -43.35 2.74
N TYR D 370 18.96 -43.16 2.60
CA TYR D 370 19.51 -42.52 1.39
C TYR D 370 19.63 -43.51 0.24
N VAL D 371 18.92 -43.23 -0.86
CA VAL D 371 18.99 -44.04 -2.08
C VAL D 371 19.32 -43.18 -3.30
N GLY D 372 20.00 -42.07 -3.08
CA GLY D 372 20.26 -41.11 -4.15
C GLY D 372 21.63 -41.37 -4.75
N PRO D 373 22.14 -40.39 -5.52
CA PRO D 373 23.45 -40.54 -6.19
C PRO D 373 24.62 -40.65 -5.20
N ALA D 374 25.62 -41.47 -5.54
CA ALA D 374 26.90 -41.44 -4.82
C ALA D 374 27.62 -40.10 -5.04
N GLU D 375 28.71 -39.92 -4.30
CA GLU D 375 29.57 -38.73 -4.34
C GLU D 375 29.95 -38.35 -5.77
N ARG D 376 29.82 -37.05 -6.08
CA ARG D 376 30.20 -36.51 -7.38
C ARG D 376 30.68 -35.06 -7.29
N LYS D 377 31.60 -34.69 -8.18
CA LYS D 377 32.19 -33.36 -8.18
C LYS D 377 31.38 -32.39 -8.99
N TYR D 378 31.21 -31.19 -8.44
CA TYR D 378 30.55 -30.06 -9.11
C TYR D 378 31.27 -29.69 -10.40
N VAL D 379 30.50 -29.62 -11.49
CA VAL D 379 30.97 -29.16 -12.80
C VAL D 379 30.15 -27.92 -13.16
N PRO D 380 30.80 -26.82 -13.54
CA PRO D 380 29.99 -25.64 -13.85
C PRO D 380 29.79 -25.46 -15.36
N ILE D 381 28.83 -24.65 -15.80
CA ILE D 381 27.43 -24.81 -15.43
C ILE D 381 26.90 -25.60 -16.64
O1 OAA E . 13.82 25.69 -5.42
O2 OAA E . 15.17 26.03 -7.25
O4 OAA E . 15.60 28.99 -9.52
O5 OAA E . 13.46 28.26 -8.97
O3 OAA E . 16.54 28.85 -7.14
C1 OAA E . 14.39 26.47 -6.30
C2 OAA E . 14.15 28.00 -6.33
C3 OAA E . 15.21 28.55 -7.31
C4 OAA E . 14.69 28.62 -8.70
O1 OAA F . 18.99 -31.41 11.36
O2 OAA F . 17.92 -31.92 13.30
O4 OAA F . 17.34 -28.63 10.50
O5 OAA F . 19.41 -27.89 9.65
O3 OAA F . 20.65 -28.77 11.93
C1 OAA F . 18.46 -31.06 12.49
C2 OAA F . 18.47 -29.59 12.85
C3 OAA F . 19.35 -28.90 11.82
C4 OAA F . 18.65 -28.43 10.58
O1 OAA G . -11.34 13.49 -6.25
O2 OAA G . -9.53 13.62 -7.64
O4 OAA G . -12.20 16.90 -7.32
O5 OAA G . -14.37 16.22 -6.88
O3 OAA G . -14.02 13.82 -7.92
C1 OAA G . -10.81 13.81 -7.42
C2 OAA G . -11.63 14.42 -8.52
C3 OAA G . -13.01 14.67 -7.98
C4 OAA G . -13.17 16.04 -7.35
O1 OAA H . -8.00 -42.07 13.64
O2 OAA H . -6.58 -42.09 11.91
O4 OAA H . -8.85 -38.51 13.35
O5 OAA H . -10.82 -39.38 14.28
O3 OAA H . -10.98 -41.28 12.52
C1 OAA H . -7.67 -41.68 12.45
C2 OAA H . -8.61 -40.74 11.70
C3 OAA H . -9.90 -40.53 12.50
C4 OAA H . -9.85 -39.38 13.44
#